data_8UV8
#
_entry.id   8UV8
#
_cell.length_a   1.00
_cell.length_b   1.00
_cell.length_c   1.00
_cell.angle_alpha   90.00
_cell.angle_beta   90.00
_cell.angle_gamma   90.00
#
_symmetry.space_group_name_H-M   'P 1'
#
loop_
_entity.id
_entity.type
_entity.pdbx_description
1 polymer 'CTP synthase'
2 non-polymer "CYTIDINE-5'-TRIPHOSPHATE"
3 non-polymer 'MAGNESIUM ION'
#
_entity_poly.entity_id   1
_entity_poly.type   'polypeptide(L)'
_entity_poly.pdbx_seq_one_letter_code
;MRKHPQTATKHLFVSGGVASSLGKGLTASSLGQLLTARGLHVTMQKLDPYLNVDPGTMNPFQHGEVFVTEDGAETDLDVG
HYERFLDRNLPGSANVTTGQVYSTVIAKERRGEYLGDTVQVIPHITDEIKRRILAMAQPDADGNRPDVVITEIGGTVGDI
ESQPFLEAARQVRHYLGREDVFFLHVSLVPYLAPSGELKTKPTQHSVAALRSIGITPDALILRCDRDVPEALKNKIALMC
DVDIDGVISTPDAPSIYDIPKVLHREELDAFVVRRLNLPFRDVDWTEWDDLLRRVHEPHETVRIALVGKYVELSDAYLSV
AEALRAGGFKHRAKVEICWVASDGCETTSGAAAALGDVHGVLIPGGFGIRGIEGKIGAIAYARARGLPVLGLCLGLQCIV
IEAARSVGLTNANSAEFDPDTPDPVIATMPDQEEIVAGEADLGGTMRLGSYPAVLEPDSVVAQAYQTTQVSERHRHRYEV
NNAYRDKIAESGLRFSGTSPDGHLVEFVEYPPDRHPFVVGTQAHPELKSRPTRPHPLFVAFVGAAIDYKAGELLPVEIPE
IPEHTPNGSSHRDGVGQPLPEPASRGHHHHHH
;
_entity_poly.pdbx_strand_id   A,B,C,D
#
loop_
_chem_comp.id
_chem_comp.type
_chem_comp.name
_chem_comp.formula
CTP non-polymer CYTIDINE-5'-TRIPHOSPHATE 'C9 H16 N3 O14 P3'
MG non-polymer 'MAGNESIUM ION' 'Mg 2'
#
# COMPACT_ATOMS: atom_id res chain seq x y z
N PRO A 5 -19.48 -33.02 -23.85
CA PRO A 5 -20.03 -31.67 -23.93
C PRO A 5 -19.12 -30.62 -23.32
N GLN A 6 -19.19 -29.39 -23.81
CA GLN A 6 -18.28 -28.33 -23.39
C GLN A 6 -18.97 -27.38 -22.44
N THR A 7 -18.32 -27.12 -21.31
CA THR A 7 -18.74 -26.08 -20.38
C THR A 7 -18.28 -24.72 -20.88
N ALA A 8 -18.38 -23.70 -20.03
CA ALA A 8 -17.90 -22.38 -20.38
C ALA A 8 -16.40 -22.40 -20.58
N THR A 9 -15.93 -21.50 -21.45
CA THR A 9 -14.50 -21.36 -21.67
C THR A 9 -13.82 -20.74 -20.45
N LYS A 10 -12.94 -21.51 -19.83
CA LYS A 10 -12.21 -21.06 -18.66
C LYS A 10 -11.16 -20.02 -19.05
N HIS A 11 -10.81 -19.16 -18.12
CA HIS A 11 -9.73 -18.19 -18.32
C HIS A 11 -8.62 -18.45 -17.31
N LEU A 12 -7.37 -18.27 -17.73
CA LEU A 12 -6.22 -18.60 -16.89
C LEU A 12 -5.16 -17.50 -17.00
N PHE A 13 -5.33 -16.42 -16.24
CA PHE A 13 -4.38 -15.32 -16.32
C PHE A 13 -3.03 -15.72 -15.73
N VAL A 14 -1.98 -15.05 -16.20
CA VAL A 14 -0.62 -15.22 -15.70
C VAL A 14 0.00 -13.84 -15.54
N SER A 15 0.55 -13.55 -14.36
CA SER A 15 1.15 -12.24 -14.12
C SER A 15 2.47 -12.41 -13.40
N GLY A 16 3.40 -11.51 -13.68
CA GLY A 16 4.74 -11.57 -13.13
C GLY A 16 4.92 -10.59 -11.98
N GLY A 17 5.67 -11.02 -10.97
CA GLY A 17 6.05 -10.17 -9.87
C GLY A 17 7.56 -10.14 -9.66
N VAL A 18 7.99 -9.19 -8.84
CA VAL A 18 9.39 -8.98 -8.50
C VAL A 18 10.22 -8.47 -9.66
N ALA A 19 10.20 -9.16 -10.80
CA ALA A 19 11.06 -8.76 -11.90
C ALA A 19 10.48 -9.26 -13.22
N SER A 20 10.85 -8.56 -14.28
CA SER A 20 10.78 -9.10 -15.63
C SER A 20 12.03 -9.90 -15.98
N SER A 21 11.95 -10.60 -17.11
CA SER A 21 12.94 -11.60 -17.53
C SER A 21 12.90 -12.86 -16.66
N LEU A 22 11.69 -13.28 -16.29
CA LEU A 22 11.51 -14.50 -15.51
C LEU A 22 10.91 -15.66 -16.30
N GLY A 23 10.50 -15.44 -17.54
CA GLY A 23 10.00 -16.54 -18.35
C GLY A 23 8.53 -16.81 -18.20
N LYS A 24 7.71 -15.79 -17.99
CA LYS A 24 6.26 -15.95 -18.07
C LYS A 24 5.85 -16.55 -19.42
N GLY A 25 6.44 -16.07 -20.50
CA GLY A 25 6.10 -16.56 -21.82
C GLY A 25 6.31 -18.05 -22.03
N LEU A 26 7.54 -18.53 -21.81
CA LEU A 26 7.80 -19.95 -21.97
C LEU A 26 7.09 -20.81 -20.92
N THR A 27 6.91 -20.31 -19.71
CA THR A 27 6.14 -21.05 -18.71
C THR A 27 4.69 -21.22 -19.15
N ALA A 28 4.04 -20.14 -19.53
CA ALA A 28 2.66 -20.21 -20.02
C ALA A 28 2.56 -21.06 -21.28
N SER A 29 3.55 -20.97 -22.16
CA SER A 29 3.60 -21.83 -23.33
C SER A 29 3.70 -23.30 -22.95
N SER A 30 4.52 -23.63 -21.95
CA SER A 30 4.65 -25.02 -21.53
C SER A 30 3.38 -25.53 -20.87
N LEU A 31 2.70 -24.68 -20.10
CA LEU A 31 1.40 -25.04 -19.57
C LEU A 31 0.38 -25.29 -20.68
N GLY A 32 0.38 -24.44 -21.71
CA GLY A 32 -0.43 -24.70 -22.88
C GLY A 32 -0.09 -26.00 -23.57
N GLN A 33 1.20 -26.30 -23.66
CA GLN A 33 1.64 -27.58 -24.22
C GLN A 33 1.08 -28.76 -23.44
N LEU A 34 1.17 -28.71 -22.12
CA LEU A 34 0.68 -29.83 -21.32
C LEU A 34 -0.84 -29.99 -21.44
N LEU A 35 -1.57 -28.89 -21.35
CA LEU A 35 -3.01 -28.97 -21.52
C LEU A 35 -3.38 -29.45 -22.93
N THR A 36 -2.63 -29.04 -23.94
CA THR A 36 -2.85 -29.59 -25.28
C THR A 36 -2.63 -31.09 -25.30
N ALA A 37 -1.55 -31.55 -24.66
CA ALA A 37 -1.27 -32.98 -24.66
C ALA A 37 -2.38 -33.77 -23.98
N ARG A 38 -3.05 -33.18 -22.99
CA ARG A 38 -4.21 -33.86 -22.44
C ARG A 38 -5.35 -33.94 -23.45
N GLY A 39 -5.35 -33.09 -24.47
CA GLY A 39 -6.40 -33.05 -25.47
C GLY A 39 -7.35 -31.88 -25.38
N LEU A 40 -7.12 -30.94 -24.48
CA LEU A 40 -7.94 -29.74 -24.43
C LEU A 40 -7.58 -28.82 -25.59
N HIS A 41 -8.58 -28.12 -26.14
CA HIS A 41 -8.32 -27.11 -27.15
C HIS A 41 -7.93 -25.82 -26.44
N VAL A 42 -6.65 -25.66 -26.17
CA VAL A 42 -6.13 -24.44 -25.59
C VAL A 42 -5.94 -23.38 -26.67
N THR A 43 -6.10 -22.12 -26.28
CA THR A 43 -5.64 -21.00 -27.07
C THR A 43 -5.05 -19.96 -26.13
N MET A 44 -4.36 -18.98 -26.68
CA MET A 44 -3.49 -18.12 -25.90
C MET A 44 -3.61 -16.68 -26.36
N GLN A 45 -3.16 -15.77 -25.49
CA GLN A 45 -3.25 -14.35 -25.75
C GLN A 45 -2.18 -13.63 -24.93
N LYS A 46 -1.61 -12.59 -25.52
CA LYS A 46 -0.67 -11.71 -24.85
C LYS A 46 -1.25 -10.31 -24.74
N LEU A 47 -1.11 -9.69 -23.58
CA LEU A 47 -1.57 -8.31 -23.38
C LEU A 47 -0.34 -7.43 -23.16
N ASP A 48 0.21 -6.91 -24.25
CA ASP A 48 1.39 -6.09 -24.14
C ASP A 48 1.04 -4.76 -23.49
N PRO A 49 1.94 -4.19 -22.70
CA PRO A 49 1.64 -2.91 -22.07
C PRO A 49 1.99 -1.67 -22.90
N TYR A 50 2.89 -1.80 -23.87
CA TYR A 50 3.37 -0.62 -24.60
C TYR A 50 2.30 -0.08 -25.56
N LEU A 51 2.43 1.19 -25.87
CA LEU A 51 1.46 1.95 -26.66
C LEU A 51 1.67 1.88 -28.16
N ASN A 52 2.68 1.18 -28.67
CA ASN A 52 2.76 0.97 -30.10
C ASN A 52 1.52 0.23 -30.59
N VAL A 53 0.86 0.79 -31.60
CA VAL A 53 -0.37 0.19 -32.07
C VAL A 53 -0.10 -1.13 -32.76
N ASP A 54 0.97 -1.20 -33.54
CA ASP A 54 1.51 -2.45 -34.05
C ASP A 54 3.03 -2.33 -34.10
N PRO A 55 3.75 -3.44 -34.08
CA PRO A 55 5.20 -3.38 -33.92
C PRO A 55 5.96 -3.03 -35.19
N GLY A 56 5.27 -2.81 -36.31
CA GLY A 56 5.96 -2.52 -37.55
C GLY A 56 6.79 -1.25 -37.51
N THR A 57 6.60 -0.42 -36.50
CA THR A 57 7.47 0.74 -36.28
C THR A 57 8.70 0.40 -35.46
N MET A 58 8.69 -0.71 -34.73
CA MET A 58 9.72 -0.97 -33.74
C MET A 58 11.00 -1.43 -34.43
N ASN A 59 12.13 -1.04 -33.86
CA ASN A 59 13.43 -1.45 -34.36
C ASN A 59 13.71 -2.89 -33.93
N PRO A 60 13.70 -3.85 -34.85
CA PRO A 60 13.84 -5.25 -34.43
C PRO A 60 15.22 -5.58 -33.87
N PHE A 61 16.25 -4.84 -34.23
CA PHE A 61 17.58 -5.07 -33.69
C PHE A 61 17.70 -4.72 -32.22
N GLN A 62 16.63 -4.22 -31.60
CA GLN A 62 16.59 -4.02 -30.16
C GLN A 62 15.42 -4.70 -29.49
N HIS A 63 14.39 -5.11 -30.22
CA HIS A 63 13.17 -5.65 -29.64
C HIS A 63 12.73 -6.95 -30.32
N GLY A 64 13.59 -7.52 -31.14
CA GLY A 64 13.30 -8.77 -31.82
C GLY A 64 12.34 -8.65 -32.99
N GLU A 65 12.15 -9.80 -33.65
CA GLU A 65 11.42 -9.86 -34.90
C GLU A 65 9.96 -9.45 -34.71
N VAL A 66 9.30 -9.24 -35.84
CA VAL A 66 7.86 -9.02 -35.90
C VAL A 66 7.22 -10.27 -36.49
N PHE A 67 6.32 -10.88 -35.72
CA PHE A 67 5.61 -12.06 -36.18
C PHE A 67 4.43 -11.64 -37.05
N VAL A 68 4.00 -12.54 -37.93
CA VAL A 68 2.90 -12.25 -38.84
C VAL A 68 1.94 -13.43 -38.85
N THR A 69 0.68 -13.16 -38.53
CA THR A 69 -0.37 -14.16 -38.46
C THR A 69 -0.87 -14.54 -39.84
N GLU A 70 -1.75 -15.54 -39.88
CA GLU A 70 -2.42 -15.89 -41.13
C GLU A 70 -3.15 -14.70 -41.74
N ASP A 71 -3.90 -13.96 -40.93
CA ASP A 71 -4.62 -12.78 -41.43
C ASP A 71 -3.73 -11.55 -41.53
N GLY A 72 -2.41 -11.71 -41.49
CA GLY A 72 -1.54 -10.60 -41.82
C GLY A 72 -1.47 -9.54 -40.74
N ALA A 73 -1.80 -9.89 -39.51
CA ALA A 73 -1.66 -8.98 -38.38
C ALA A 73 -0.24 -9.06 -37.83
N GLU A 74 0.43 -7.91 -37.76
CA GLU A 74 1.72 -7.83 -37.09
C GLU A 74 1.55 -7.90 -35.58
N THR A 75 2.36 -8.74 -34.94
CA THR A 75 2.25 -8.96 -33.50
C THR A 75 3.63 -9.09 -32.90
N ASP A 76 3.68 -8.97 -31.57
CA ASP A 76 4.90 -9.23 -30.83
C ASP A 76 5.43 -10.63 -31.08
N LEU A 77 6.76 -10.75 -31.09
CA LEU A 77 7.43 -12.03 -31.30
C LEU A 77 7.04 -13.07 -30.27
N ASP A 78 6.61 -12.64 -29.09
CA ASP A 78 6.11 -13.56 -28.07
C ASP A 78 5.02 -14.48 -28.60
N VAL A 79 4.25 -14.05 -29.60
CA VAL A 79 3.21 -14.91 -30.14
C VAL A 79 3.82 -16.14 -30.80
N GLY A 80 5.05 -16.02 -31.29
CA GLY A 80 5.70 -17.16 -31.92
C GLY A 80 5.87 -18.35 -30.98
N HIS A 81 6.27 -18.09 -29.74
CA HIS A 81 6.41 -19.20 -28.80
C HIS A 81 5.09 -19.91 -28.55
N TYR A 82 3.99 -19.16 -28.48
CA TYR A 82 2.68 -19.79 -28.30
C TYR A 82 2.29 -20.63 -29.51
N GLU A 83 2.53 -20.11 -30.71
CA GLU A 83 2.26 -20.91 -31.91
C GLU A 83 3.10 -22.17 -31.93
N ARG A 84 4.40 -22.05 -31.66
CA ARG A 84 5.28 -23.20 -31.73
C ARG A 84 4.93 -24.26 -30.69
N PHE A 85 4.65 -23.86 -29.47
CA PHE A 85 4.35 -24.85 -28.44
C PHE A 85 2.96 -25.45 -28.59
N LEU A 86 1.98 -24.69 -29.10
CA LEU A 86 0.68 -25.29 -29.35
C LEU A 86 0.65 -26.10 -30.63
N ASP A 87 1.41 -25.69 -31.64
CA ASP A 87 1.14 -26.05 -33.03
C ASP A 87 -0.31 -25.75 -33.40
N ARG A 88 -0.65 -24.48 -33.31
CA ARG A 88 -1.97 -23.98 -33.71
C ARG A 88 -1.76 -22.57 -34.25
N ASN A 89 -2.52 -22.22 -35.28
CA ASN A 89 -2.50 -20.85 -35.76
C ASN A 89 -3.35 -19.96 -34.85
N LEU A 90 -2.86 -18.75 -34.61
CA LEU A 90 -3.54 -17.82 -33.73
C LEU A 90 -4.00 -16.59 -34.51
N PRO A 91 -5.17 -16.03 -34.18
CA PRO A 91 -5.60 -14.80 -34.85
C PRO A 91 -4.76 -13.60 -34.43
N GLY A 92 -4.88 -12.53 -35.22
CA GLY A 92 -4.30 -11.25 -34.84
C GLY A 92 -4.83 -10.68 -33.54
N SER A 93 -5.99 -11.18 -33.08
CA SER A 93 -6.53 -10.83 -31.77
C SER A 93 -5.66 -11.32 -30.62
N ALA A 94 -4.75 -12.24 -30.88
CA ALA A 94 -3.89 -12.80 -29.84
C ALA A 94 -2.93 -11.80 -29.23
N ASN A 95 -2.87 -10.57 -29.70
CA ASN A 95 -1.95 -9.58 -29.11
C ASN A 95 -2.67 -8.25 -28.95
N VAL A 96 -3.21 -8.02 -27.77
CA VAL A 96 -3.74 -6.72 -27.39
C VAL A 96 -2.59 -5.85 -26.89
N THR A 97 -2.71 -4.54 -27.07
CA THR A 97 -1.80 -3.59 -26.45
C THR A 97 -2.61 -2.41 -25.91
N THR A 98 -1.99 -1.69 -24.98
CA THR A 98 -2.59 -0.45 -24.50
C THR A 98 -2.84 0.55 -25.63
N GLY A 99 -1.97 0.56 -26.64
CA GLY A 99 -2.18 1.46 -27.77
C GLY A 99 -3.45 1.18 -28.54
N GLN A 100 -3.80 -0.09 -28.72
CA GLN A 100 -5.05 -0.42 -29.41
C GLN A 100 -6.26 -0.03 -28.58
N VAL A 101 -6.17 -0.18 -27.27
CA VAL A 101 -7.30 0.18 -26.42
C VAL A 101 -7.50 1.70 -26.39
N TYR A 102 -6.45 2.43 -26.05
CA TYR A 102 -6.60 3.88 -25.94
C TYR A 102 -6.95 4.52 -27.29
N SER A 103 -6.35 4.08 -28.39
CA SER A 103 -6.73 4.65 -29.68
C SER A 103 -8.11 4.22 -30.14
N THR A 104 -8.58 3.04 -29.72
CA THR A 104 -9.96 2.68 -30.03
C THR A 104 -10.93 3.56 -29.28
N VAL A 105 -10.73 3.73 -27.98
CA VAL A 105 -11.69 4.49 -27.20
C VAL A 105 -11.67 5.96 -27.58
N ILE A 106 -10.50 6.52 -27.86
CA ILE A 106 -10.48 7.90 -28.32
C ILE A 106 -11.09 8.05 -29.72
N ALA A 107 -10.95 7.03 -30.59
CA ALA A 107 -11.63 7.12 -31.88
C ALA A 107 -13.16 7.10 -31.72
N LYS A 108 -13.68 6.17 -30.92
CA LYS A 108 -15.11 6.18 -30.66
C LYS A 108 -15.58 7.46 -29.97
N GLU A 109 -14.72 8.08 -29.17
CA GLU A 109 -15.06 9.38 -28.60
C GLU A 109 -15.21 10.46 -29.68
N ARG A 110 -14.20 10.61 -30.53
CA ARG A 110 -14.29 11.65 -31.57
C ARG A 110 -15.43 11.39 -32.54
N ARG A 111 -15.72 10.13 -32.84
CA ARG A 111 -16.88 9.83 -33.67
C ARG A 111 -18.20 9.97 -32.92
N GLY A 112 -18.15 10.27 -31.62
CA GLY A 112 -19.36 10.59 -30.88
C GLY A 112 -20.26 9.42 -30.57
N GLU A 113 -19.71 8.21 -30.48
CA GLU A 113 -20.51 7.01 -30.30
C GLU A 113 -20.81 6.72 -28.83
N TYR A 114 -20.30 7.54 -27.91
CA TYR A 114 -20.65 7.46 -26.49
C TYR A 114 -21.75 8.44 -26.10
N LEU A 115 -22.46 9.00 -27.07
CA LEU A 115 -23.60 9.87 -26.81
C LEU A 115 -23.26 11.07 -25.93
N GLY A 116 -22.02 11.53 -25.98
CA GLY A 116 -21.59 12.66 -25.19
C GLY A 116 -21.33 12.38 -23.72
N ASP A 117 -21.34 11.12 -23.31
CA ASP A 117 -20.90 10.76 -21.96
C ASP A 117 -19.42 11.10 -21.79
N THR A 118 -19.05 11.39 -20.55
CA THR A 118 -17.64 11.58 -20.22
C THR A 118 -16.90 10.25 -20.28
N VAL A 119 -15.80 10.23 -21.04
CA VAL A 119 -15.00 9.02 -21.20
C VAL A 119 -14.03 8.89 -20.04
N GLN A 120 -14.46 8.22 -18.98
CA GLN A 120 -13.58 7.89 -17.88
C GLN A 120 -12.65 6.75 -18.30
N VAL A 121 -11.65 6.45 -17.46
CA VAL A 121 -10.90 5.21 -17.66
C VAL A 121 -11.75 4.02 -17.25
N ILE A 122 -12.37 4.09 -16.08
CA ILE A 122 -13.35 3.09 -15.63
C ILE A 122 -14.74 3.69 -15.81
N PRO A 123 -15.70 2.96 -16.39
CA PRO A 123 -15.64 1.59 -16.91
C PRO A 123 -15.27 1.45 -18.38
N HIS A 124 -15.23 2.54 -19.14
CA HIS A 124 -15.17 2.43 -20.60
C HIS A 124 -13.95 1.67 -21.10
N ILE A 125 -12.75 2.05 -20.63
CA ILE A 125 -11.54 1.34 -21.05
C ILE A 125 -11.55 -0.10 -20.56
N THR A 126 -11.91 -0.33 -19.31
CA THR A 126 -11.76 -1.68 -18.80
C THR A 126 -12.84 -2.61 -19.32
N ASP A 127 -13.99 -2.08 -19.72
CA ASP A 127 -14.96 -2.86 -20.49
C ASP A 127 -14.46 -3.17 -21.89
N GLU A 128 -13.76 -2.23 -22.53
CA GLU A 128 -13.20 -2.56 -23.84
C GLU A 128 -12.15 -3.67 -23.74
N ILE A 129 -11.25 -3.57 -22.76
CA ILE A 129 -10.29 -4.65 -22.53
C ILE A 129 -11.00 -5.98 -22.22
N LYS A 130 -12.00 -5.95 -21.34
CA LYS A 130 -12.75 -7.17 -21.06
C LYS A 130 -13.38 -7.75 -22.31
N ARG A 131 -13.86 -6.91 -23.22
CA ARG A 131 -14.41 -7.37 -24.48
C ARG A 131 -13.35 -8.00 -25.38
N ARG A 132 -12.19 -7.35 -25.48
CA ARG A 132 -11.07 -7.92 -26.23
C ARG A 132 -10.62 -9.26 -25.66
N ILE A 133 -10.75 -9.45 -24.35
CA ILE A 133 -10.45 -10.75 -23.74
C ILE A 133 -11.52 -11.77 -24.06
N LEU A 134 -12.78 -11.47 -23.73
CA LEU A 134 -13.86 -12.42 -23.91
C LEU A 134 -14.09 -12.78 -25.38
N ALA A 135 -13.63 -11.97 -26.31
CA ALA A 135 -13.68 -12.35 -27.72
C ALA A 135 -12.99 -13.68 -28.01
N MET A 136 -11.98 -14.05 -27.23
CA MET A 136 -11.29 -15.30 -27.48
C MET A 136 -12.16 -16.53 -27.22
N ALA A 137 -13.26 -16.38 -26.49
CA ALA A 137 -14.20 -17.47 -26.27
C ALA A 137 -15.18 -17.66 -27.43
N GLN A 138 -15.16 -16.78 -28.43
CA GLN A 138 -16.05 -16.92 -29.57
C GLN A 138 -15.63 -18.08 -30.47
N PRO A 139 -16.58 -18.80 -31.06
CA PRO A 139 -16.23 -19.94 -31.91
C PRO A 139 -15.36 -19.53 -33.08
N ASP A 140 -14.47 -20.43 -33.48
CA ASP A 140 -13.55 -20.19 -34.58
C ASP A 140 -14.25 -20.34 -35.92
N ALA A 141 -13.48 -20.25 -37.01
CA ALA A 141 -14.03 -20.39 -38.35
C ALA A 141 -14.60 -21.78 -38.61
N ASP A 142 -14.27 -22.77 -37.79
CA ASP A 142 -14.92 -24.07 -37.85
C ASP A 142 -16.07 -24.19 -36.87
N GLY A 143 -16.29 -23.17 -36.03
CA GLY A 143 -17.35 -23.20 -35.05
C GLY A 143 -17.00 -23.91 -33.76
N ASN A 144 -15.72 -24.17 -33.52
CA ASN A 144 -15.28 -24.79 -32.28
C ASN A 144 -14.90 -23.70 -31.28
N ARG A 145 -15.21 -23.93 -30.02
CA ARG A 145 -14.93 -22.96 -28.98
C ARG A 145 -13.83 -23.50 -28.08
N PRO A 146 -12.78 -22.72 -27.82
CA PRO A 146 -11.69 -23.22 -26.97
C PRO A 146 -12.15 -23.53 -25.55
N ASP A 147 -11.48 -24.49 -24.92
CA ASP A 147 -11.74 -24.81 -23.52
C ASP A 147 -11.06 -23.84 -22.56
N VAL A 148 -9.86 -23.39 -22.88
CA VAL A 148 -9.08 -22.56 -21.96
C VAL A 148 -8.42 -21.46 -22.73
N VAL A 149 -8.47 -20.24 -22.20
CA VAL A 149 -7.74 -19.10 -22.72
C VAL A 149 -6.69 -18.69 -21.69
N ILE A 150 -5.43 -18.75 -22.07
CA ILE A 150 -4.33 -18.36 -21.19
C ILE A 150 -3.88 -16.98 -21.61
N THR A 151 -3.80 -16.06 -20.65
CA THR A 151 -3.69 -14.63 -20.94
C THR A 151 -2.54 -14.05 -20.14
N GLU A 152 -1.38 -13.89 -20.77
CA GLU A 152 -0.19 -13.37 -20.10
C GLU A 152 -0.33 -11.86 -19.96
N ILE A 153 -0.52 -11.39 -18.73
CA ILE A 153 -0.58 -9.95 -18.48
C ILE A 153 0.84 -9.39 -18.48
N GLY A 154 1.08 -8.41 -19.33
CA GLY A 154 2.39 -7.82 -19.45
C GLY A 154 2.73 -6.88 -18.32
N GLY A 155 3.99 -6.46 -18.30
CA GLY A 155 4.56 -5.70 -17.21
C GLY A 155 4.70 -6.47 -15.91
N THR A 156 4.82 -5.71 -14.81
CA THR A 156 4.91 -6.26 -13.47
C THR A 156 3.78 -5.72 -12.61
N VAL A 157 3.30 -6.55 -11.68
CA VAL A 157 2.26 -6.11 -10.75
C VAL A 157 2.80 -4.95 -9.92
N GLY A 158 2.04 -3.86 -9.90
CA GLY A 158 2.46 -2.62 -9.29
C GLY A 158 3.04 -1.59 -10.24
N ASP A 159 3.26 -1.94 -11.50
CA ASP A 159 3.56 -0.94 -12.50
C ASP A 159 2.34 -0.11 -12.83
N ILE A 160 2.51 1.21 -12.89
CA ILE A 160 1.48 2.07 -13.47
C ILE A 160 1.20 1.63 -14.90
N GLU A 161 2.21 1.07 -15.55
CA GLU A 161 2.11 0.50 -16.88
C GLU A 161 1.05 -0.59 -17.02
N SER A 162 0.64 -1.24 -15.94
CA SER A 162 -0.30 -2.34 -16.13
CA SER A 162 -0.21 -2.44 -15.85
C SER A 162 -1.63 -2.18 -15.40
N GLN A 163 -1.83 -1.16 -14.58
CA GLN A 163 -3.00 -1.11 -13.71
C GLN A 163 -4.32 -1.33 -14.43
N PRO A 164 -4.59 -0.72 -15.58
CA PRO A 164 -5.87 -0.98 -16.26
C PRO A 164 -6.10 -2.43 -16.66
N PHE A 165 -5.06 -3.16 -17.07
CA PHE A 165 -5.24 -4.57 -17.37
C PHE A 165 -5.59 -5.38 -16.13
N LEU A 166 -5.00 -5.04 -14.99
CA LEU A 166 -5.30 -5.79 -13.77
C LEU A 166 -6.67 -5.44 -13.21
N GLU A 167 -7.12 -4.20 -13.39
CA GLU A 167 -8.52 -3.89 -13.09
C GLU A 167 -9.48 -4.63 -14.01
N ALA A 168 -9.13 -4.77 -15.29
CA ALA A 168 -9.96 -5.58 -16.19
C ALA A 168 -9.98 -7.04 -15.77
N ALA A 169 -8.83 -7.60 -15.39
CA ALA A 169 -8.79 -8.96 -14.88
C ALA A 169 -9.65 -9.14 -13.64
N ARG A 170 -9.58 -8.19 -12.72
CA ARG A 170 -10.46 -8.20 -11.55
C ARG A 170 -11.94 -8.23 -11.95
N GLN A 171 -12.34 -7.36 -12.88
CA GLN A 171 -13.74 -7.37 -13.32
C GLN A 171 -14.12 -8.70 -13.97
N VAL A 172 -13.26 -9.28 -14.79
CA VAL A 172 -13.56 -10.59 -15.38
C VAL A 172 -13.75 -11.64 -14.28
N ARG A 173 -12.89 -11.60 -13.27
CA ARG A 173 -13.00 -12.51 -12.13
C ARG A 173 -14.30 -12.32 -11.37
N HIS A 174 -14.81 -11.10 -11.35
CA HIS A 174 -16.12 -10.86 -10.76
C HIS A 174 -17.25 -11.45 -11.60
N TYR A 175 -17.25 -11.18 -12.91
CA TYR A 175 -18.38 -11.58 -13.74
C TYR A 175 -18.42 -13.08 -14.01
N LEU A 176 -17.28 -13.74 -14.17
CA LEU A 176 -17.29 -15.19 -14.42
C LEU A 176 -17.30 -16.02 -13.15
N GLY A 177 -16.70 -15.54 -12.07
CA GLY A 177 -16.66 -16.29 -10.83
C GLY A 177 -15.55 -17.31 -10.75
N ARG A 178 -15.09 -17.56 -9.52
CA ARG A 178 -13.88 -18.33 -9.26
C ARG A 178 -13.96 -19.80 -9.70
N GLU A 179 -15.15 -20.30 -10.05
CA GLU A 179 -15.21 -21.62 -10.68
C GLU A 179 -14.54 -21.63 -12.05
N ASP A 180 -14.45 -20.49 -12.71
CA ASP A 180 -14.09 -20.41 -14.12
C ASP A 180 -12.90 -19.51 -14.40
N VAL A 181 -12.33 -18.87 -13.39
CA VAL A 181 -11.12 -18.06 -13.56
C VAL A 181 -10.07 -18.53 -12.57
N PHE A 182 -8.85 -18.69 -13.05
CA PHE A 182 -7.70 -19.12 -12.27
C PHE A 182 -6.59 -18.11 -12.50
N PHE A 183 -5.81 -17.82 -11.46
CA PHE A 183 -4.59 -17.03 -11.60
C PHE A 183 -3.36 -17.86 -11.25
N LEU A 184 -2.49 -18.05 -12.23
CA LEU A 184 -1.12 -18.39 -11.94
C LEU A 184 -0.39 -17.14 -11.46
N HIS A 185 0.77 -17.33 -10.83
CA HIS A 185 1.65 -16.20 -10.56
C HIS A 185 3.11 -16.63 -10.63
N VAL A 186 3.97 -15.76 -11.15
CA VAL A 186 5.38 -16.06 -11.34
C VAL A 186 6.22 -15.06 -10.54
N SER A 187 7.14 -15.56 -9.72
CA SER A 187 7.89 -14.69 -8.83
C SER A 187 9.30 -15.22 -8.61
N LEU A 188 10.23 -14.29 -8.39
CA LEU A 188 11.64 -14.60 -8.25
C LEU A 188 11.96 -15.07 -6.82
N VAL A 189 12.87 -16.03 -6.72
CA VAL A 189 13.44 -16.46 -5.43
C VAL A 189 14.95 -16.28 -5.45
N PRO A 190 15.48 -15.14 -5.03
CA PRO A 190 16.92 -14.92 -5.17
C PRO A 190 17.73 -15.80 -4.24
N TYR A 191 18.91 -16.19 -4.72
CA TYR A 191 19.94 -16.83 -3.91
C TYR A 191 20.95 -15.77 -3.47
N LEU A 192 21.27 -15.76 -2.19
CA LEU A 192 22.26 -14.83 -1.64
C LEU A 192 23.56 -15.57 -1.37
N ALA A 193 24.66 -15.08 -1.94
CA ALA A 193 25.92 -15.81 -1.91
C ALA A 193 26.65 -15.80 -0.57
N PRO A 194 26.65 -14.68 0.16
CA PRO A 194 27.35 -14.69 1.46
C PRO A 194 26.72 -15.61 2.49
N SER A 195 25.40 -15.72 2.52
CA SER A 195 24.71 -16.57 3.48
C SER A 195 24.35 -17.93 2.92
N GLY A 196 24.24 -18.08 1.61
CA GLY A 196 23.96 -19.37 1.01
C GLY A 196 22.57 -19.92 1.29
N GLU A 197 21.54 -19.11 1.09
CA GLU A 197 20.18 -19.52 1.39
C GLU A 197 19.24 -18.83 0.43
N LEU A 198 18.11 -19.48 0.16
CA LEU A 198 17.03 -18.86 -0.62
C LEU A 198 16.18 -17.98 0.27
N LYS A 199 15.77 -16.82 -0.24
CA LYS A 199 14.95 -15.87 0.51
C LYS A 199 13.58 -15.75 -0.13
N THR A 200 12.54 -16.02 0.65
CA THR A 200 11.15 -15.92 0.20
C THR A 200 10.54 -14.53 0.35
N LYS A 201 11.19 -13.62 1.09
CA LYS A 201 10.57 -12.34 1.39
C LYS A 201 10.15 -11.54 0.17
N PRO A 202 10.91 -11.47 -0.91
CA PRO A 202 10.41 -10.81 -2.12
C PRO A 202 9.14 -11.42 -2.68
N THR A 203 8.94 -12.73 -2.58
CA THR A 203 7.70 -13.32 -3.04
C THR A 203 6.52 -12.96 -2.14
N GLN A 204 6.74 -12.87 -0.83
CA GLN A 204 5.69 -12.40 0.06
C GLN A 204 5.28 -10.96 -0.26
N HIS A 205 6.26 -10.07 -0.39
CA HIS A 205 5.94 -8.70 -0.79
C HIS A 205 5.28 -8.61 -2.16
N SER A 206 5.62 -9.51 -3.08
CA SER A 206 4.90 -9.56 -4.35
C SER A 206 3.43 -9.95 -4.18
N VAL A 207 3.17 -11.07 -3.52
CA VAL A 207 1.78 -11.50 -3.39
C VAL A 207 0.97 -10.50 -2.57
N ALA A 208 1.62 -9.78 -1.63
CA ALA A 208 0.95 -8.67 -0.96
C ALA A 208 0.57 -7.55 -1.93
N ALA A 209 1.49 -7.16 -2.81
CA ALA A 209 1.16 -6.14 -3.79
C ALA A 209 0.04 -6.58 -4.72
N LEU A 210 0.09 -7.84 -5.17
CA LEU A 210 -0.99 -8.37 -6.00
C LEU A 210 -2.33 -8.36 -5.28
N ARG A 211 -2.38 -8.80 -4.03
CA ARG A 211 -3.63 -8.74 -3.29
C ARG A 211 -4.13 -7.32 -3.09
N SER A 212 -3.23 -6.35 -2.97
CA SER A 212 -3.68 -4.98 -2.75
C SER A 212 -4.57 -4.46 -3.87
N ILE A 213 -4.56 -5.07 -5.05
CA ILE A 213 -5.45 -4.68 -6.14
C ILE A 213 -6.58 -5.69 -6.33
N GLY A 214 -6.77 -6.61 -5.40
CA GLY A 214 -7.96 -7.45 -5.40
C GLY A 214 -7.90 -8.71 -6.23
N ILE A 215 -6.71 -9.17 -6.60
CA ILE A 215 -6.54 -10.45 -7.29
C ILE A 215 -5.97 -11.44 -6.28
N THR A 216 -6.53 -12.65 -6.25
CA THR A 216 -6.03 -13.69 -5.36
C THR A 216 -5.30 -14.77 -6.16
N PRO A 217 -4.00 -14.95 -5.98
CA PRO A 217 -3.29 -15.99 -6.74
C PRO A 217 -3.62 -17.37 -6.23
N ASP A 218 -3.94 -18.28 -7.14
CA ASP A 218 -4.25 -19.66 -6.81
C ASP A 218 -3.03 -20.57 -6.80
N ALA A 219 -1.96 -20.22 -7.50
CA ALA A 219 -0.72 -20.97 -7.41
C ALA A 219 0.45 -20.05 -7.67
N LEU A 220 1.58 -20.38 -7.07
CA LEU A 220 2.85 -19.70 -7.30
C LEU A 220 3.80 -20.57 -8.10
N ILE A 221 4.39 -20.00 -9.14
CA ILE A 221 5.57 -20.57 -9.78
C ILE A 221 6.79 -19.80 -9.29
N LEU A 222 7.70 -20.50 -8.64
CA LEU A 222 8.90 -19.90 -8.05
C LEU A 222 10.08 -20.11 -8.98
N ARG A 223 10.69 -19.01 -9.42
CA ARG A 223 11.80 -19.05 -10.38
C ARG A 223 13.13 -18.92 -9.65
N CYS A 224 13.95 -19.96 -9.77
CA CYS A 224 15.09 -20.14 -8.88
C CYS A 224 16.17 -20.89 -9.66
N ASP A 225 17.42 -20.74 -9.22
CA ASP A 225 18.53 -21.46 -9.83
C ASP A 225 18.73 -22.85 -9.24
N ARG A 226 17.95 -23.24 -8.23
CA ARG A 226 18.06 -24.57 -7.65
C ARG A 226 16.70 -24.95 -7.10
N ASP A 227 16.49 -26.25 -6.91
CA ASP A 227 15.20 -26.73 -6.45
C ASP A 227 14.86 -26.12 -5.09
N VAL A 228 13.68 -25.53 -5.00
CA VAL A 228 13.27 -24.88 -3.74
C VAL A 228 13.10 -25.93 -2.66
N PRO A 229 13.73 -25.78 -1.50
CA PRO A 229 13.51 -26.75 -0.41
C PRO A 229 12.05 -26.78 0.01
N GLU A 230 11.58 -27.97 0.38
CA GLU A 230 10.23 -28.11 0.92
C GLU A 230 10.01 -27.20 2.14
N ALA A 231 11.07 -26.97 2.92
CA ALA A 231 11.00 -26.07 4.07
C ALA A 231 10.71 -24.62 3.71
N LEU A 232 10.99 -24.18 2.49
CA LEU A 232 10.55 -22.87 2.06
C LEU A 232 9.21 -22.90 1.37
N LYS A 233 8.88 -23.97 0.66
CA LYS A 233 7.56 -24.09 0.08
C LYS A 233 6.47 -24.04 1.16
N ASN A 234 6.69 -24.72 2.28
CA ASN A 234 5.73 -24.64 3.38
C ASN A 234 5.61 -23.23 3.95
N LYS A 235 6.72 -22.52 4.09
CA LYS A 235 6.65 -21.14 4.58
C LYS A 235 5.91 -20.24 3.61
N ILE A 236 6.10 -20.45 2.31
CA ILE A 236 5.37 -19.64 1.33
C ILE A 236 3.89 -19.96 1.39
N ALA A 237 3.52 -21.23 1.47
CA ALA A 237 2.11 -21.57 1.61
C ALA A 237 1.49 -20.96 2.86
N LEU A 238 2.26 -20.88 3.95
CA LEU A 238 1.79 -20.18 5.15
C LEU A 238 1.57 -18.70 4.93
N MET A 239 2.58 -18.00 4.41
CA MET A 239 2.56 -16.54 4.35
C MET A 239 1.84 -15.97 3.12
N CYS A 240 1.53 -16.79 2.13
CA CYS A 240 0.80 -16.37 0.95
C CYS A 240 -0.62 -16.91 0.89
N ASP A 241 -0.98 -17.84 1.76
CA ASP A 241 -2.29 -18.51 1.71
C ASP A 241 -2.52 -19.14 0.35
N VAL A 242 -1.48 -19.76 -0.18
CA VAL A 242 -1.52 -20.51 -1.42
C VAL A 242 -1.57 -21.98 -1.04
N ASP A 243 -2.51 -22.72 -1.60
CA ASP A 243 -2.61 -24.12 -1.25
C ASP A 243 -1.31 -24.83 -1.58
N ILE A 244 -0.82 -25.65 -0.64
CA ILE A 244 0.55 -26.14 -0.71
C ILE A 244 0.77 -27.10 -1.86
N ASP A 245 -0.29 -27.62 -2.47
CA ASP A 245 -0.14 -28.25 -3.78
C ASP A 245 0.39 -27.26 -4.80
N GLY A 246 0.03 -25.98 -4.66
CA GLY A 246 0.28 -24.98 -5.68
C GLY A 246 1.47 -24.06 -5.48
N VAL A 247 2.44 -24.45 -4.67
CA VAL A 247 3.74 -23.81 -4.67
C VAL A 247 4.70 -24.72 -5.43
N ILE A 248 5.17 -24.25 -6.59
CA ILE A 248 5.83 -25.11 -7.57
C ILE A 248 7.26 -24.63 -7.74
N SER A 249 8.20 -25.55 -7.55
CA SER A 249 9.59 -25.32 -7.90
C SER A 249 9.77 -25.34 -9.41
N THR A 250 10.53 -24.39 -9.94
CA THR A 250 10.89 -24.36 -11.35
C THR A 250 12.32 -23.88 -11.50
N PRO A 251 13.29 -24.79 -11.53
CA PRO A 251 14.67 -24.39 -11.76
C PRO A 251 14.84 -23.79 -13.16
N ASP A 252 15.97 -23.13 -13.37
CA ASP A 252 16.38 -22.79 -14.73
C ASP A 252 16.67 -24.08 -15.49
N ALA A 253 15.85 -24.36 -16.50
CA ALA A 253 15.99 -25.60 -17.26
C ALA A 253 17.19 -25.55 -18.19
N PRO A 254 17.63 -26.71 -18.69
CA PRO A 254 18.77 -26.70 -19.61
C PRO A 254 18.45 -26.01 -20.93
N SER A 255 17.22 -26.18 -21.41
CA SER A 255 16.79 -25.58 -22.66
C SER A 255 15.28 -25.40 -22.58
N ILE A 256 14.77 -24.52 -23.44
CA ILE A 256 13.36 -24.19 -23.43
C ILE A 256 12.47 -25.40 -23.67
N TYR A 257 12.94 -26.38 -24.42
CA TYR A 257 12.09 -27.54 -24.70
CA TYR A 257 12.25 -27.62 -24.71
C TYR A 257 12.01 -28.50 -23.50
N ASP A 258 12.87 -28.36 -22.50
CA ASP A 258 12.78 -29.17 -21.30
C ASP A 258 11.73 -28.69 -20.30
N ILE A 259 11.26 -27.45 -20.43
CA ILE A 259 10.35 -26.89 -19.41
C ILE A 259 9.05 -27.67 -19.24
N PRO A 260 8.45 -28.25 -20.28
CA PRO A 260 7.27 -29.10 -20.02
C PRO A 260 7.55 -30.24 -19.07
N LYS A 261 8.73 -30.84 -19.13
CA LYS A 261 9.06 -31.87 -18.15
C LYS A 261 9.18 -31.28 -16.75
N VAL A 262 9.77 -30.08 -16.62
CA VAL A 262 9.87 -29.47 -15.30
C VAL A 262 8.47 -29.29 -14.72
N LEU A 263 7.57 -28.65 -15.47
CA LEU A 263 6.22 -28.42 -14.95
C LEU A 263 5.49 -29.71 -14.66
N HIS A 264 5.70 -30.75 -15.46
CA HIS A 264 5.02 -32.01 -15.18
C HIS A 264 5.60 -32.77 -13.99
N ARG A 265 6.90 -32.67 -13.77
CA ARG A 265 7.52 -33.33 -12.64
C ARG A 265 7.10 -32.73 -11.30
N GLU A 266 6.82 -31.43 -11.26
CA GLU A 266 6.15 -30.85 -10.10
C GLU A 266 4.64 -30.98 -10.14
N GLU A 267 4.08 -31.59 -11.18
CA GLU A 267 2.64 -31.85 -11.25
C GLU A 267 1.79 -30.58 -11.11
N LEU A 268 2.24 -29.48 -11.73
CA LEU A 268 1.41 -28.28 -11.81
C LEU A 268 0.10 -28.56 -12.56
N ASP A 269 0.19 -29.19 -13.73
CA ASP A 269 -0.96 -29.26 -14.62
C ASP A 269 -2.08 -30.10 -14.02
N ALA A 270 -1.75 -31.12 -13.23
CA ALA A 270 -2.81 -31.89 -12.58
C ALA A 270 -3.59 -31.02 -11.60
N PHE A 271 -2.90 -30.13 -10.91
CA PHE A 271 -3.58 -29.21 -10.01
C PHE A 271 -4.42 -28.20 -10.77
N VAL A 272 -3.92 -27.68 -11.89
CA VAL A 272 -4.72 -26.78 -12.72
C VAL A 272 -6.00 -27.47 -13.22
N VAL A 273 -5.86 -28.67 -13.76
CA VAL A 273 -7.04 -29.41 -14.24
C VAL A 273 -8.02 -29.71 -13.12
N ARG A 274 -7.52 -30.06 -11.94
CA ARG A 274 -8.39 -30.30 -10.79
C ARG A 274 -9.08 -29.03 -10.31
N ARG A 275 -8.38 -27.90 -10.34
CA ARG A 275 -8.91 -26.63 -9.84
C ARG A 275 -9.94 -26.04 -10.79
N LEU A 276 -9.70 -26.10 -12.10
CA LEU A 276 -10.67 -25.61 -13.06
C LEU A 276 -11.77 -26.63 -13.39
N ASN A 277 -11.63 -27.87 -12.93
CA ASN A 277 -12.60 -28.93 -13.22
C ASN A 277 -12.78 -29.16 -14.72
N LEU A 278 -11.68 -29.07 -15.46
CA LEU A 278 -11.69 -29.44 -16.87
C LEU A 278 -11.84 -30.95 -17.03
N PRO A 279 -12.21 -31.42 -18.22
CA PRO A 279 -12.34 -32.86 -18.42
C PRO A 279 -11.00 -33.58 -18.32
N PHE A 280 -10.81 -34.29 -17.21
CA PHE A 280 -9.52 -34.90 -16.89
C PHE A 280 -9.22 -36.09 -17.79
N ARG A 281 -8.03 -36.09 -18.40
CA ARG A 281 -7.56 -37.21 -19.20
C ARG A 281 -6.04 -37.26 -19.12
N ASP A 282 -5.49 -38.46 -19.33
CA ASP A 282 -4.06 -38.69 -19.12
C ASP A 282 -3.20 -37.96 -20.14
N VAL A 283 -2.05 -37.48 -19.67
CA VAL A 283 -1.02 -36.92 -20.55
C VAL A 283 -0.40 -38.04 -21.37
N ASP A 284 -0.24 -37.80 -22.67
CA ASP A 284 0.56 -38.67 -23.54
C ASP A 284 1.82 -37.92 -23.99
N TRP A 285 2.98 -38.44 -23.59
CA TRP A 285 4.27 -37.86 -23.95
C TRP A 285 4.79 -38.31 -25.32
N THR A 286 4.10 -39.23 -25.99
CA THR A 286 4.68 -39.88 -27.17
C THR A 286 5.10 -38.87 -28.22
N GLU A 287 4.42 -37.74 -28.31
CA GLU A 287 4.76 -36.69 -29.26
C GLU A 287 6.01 -35.91 -28.87
N TRP A 288 6.40 -35.90 -27.59
CA TRP A 288 7.47 -35.03 -27.10
C TRP A 288 8.70 -35.76 -26.57
N ASP A 289 8.57 -37.02 -26.16
CA ASP A 289 9.75 -37.82 -25.85
C ASP A 289 10.70 -37.93 -27.04
N ASP A 290 10.16 -38.11 -28.25
CA ASP A 290 11.02 -38.18 -29.42
C ASP A 290 11.72 -36.86 -29.71
N LEU A 291 11.05 -35.74 -29.46
CA LEU A 291 11.73 -34.46 -29.54
C LEU A 291 12.88 -34.39 -28.55
N LEU A 292 12.63 -34.76 -27.29
CA LEU A 292 13.69 -34.66 -26.30
C LEU A 292 14.85 -35.60 -26.58
N ARG A 293 14.60 -36.77 -27.14
CA ARG A 293 15.68 -37.61 -27.65
C ARG A 293 16.49 -36.88 -28.71
N ARG A 294 15.84 -36.39 -29.76
CA ARG A 294 16.57 -35.70 -30.82
C ARG A 294 17.36 -34.51 -30.28
N VAL A 295 16.77 -33.79 -29.33
CA VAL A 295 17.43 -32.62 -28.74
C VAL A 295 18.68 -33.03 -27.96
N HIS A 296 18.62 -34.15 -27.25
CA HIS A 296 19.71 -34.51 -26.36
C HIS A 296 20.72 -35.49 -26.94
N GLU A 297 20.42 -36.17 -28.05
CA GLU A 297 21.28 -37.20 -28.61
C GLU A 297 21.62 -36.90 -30.05
N PRO A 298 22.39 -35.82 -30.30
CA PRO A 298 22.78 -35.51 -31.68
C PRO A 298 23.82 -36.50 -32.19
N HIS A 299 23.59 -37.02 -33.39
CA HIS A 299 24.60 -37.87 -34.02
C HIS A 299 25.79 -37.09 -34.56
N GLU A 300 25.58 -35.84 -34.95
CA GLU A 300 26.66 -35.06 -35.56
C GLU A 300 26.35 -33.59 -35.44
N THR A 301 27.40 -32.78 -35.53
CA THR A 301 27.29 -31.33 -35.51
C THR A 301 27.55 -30.78 -36.91
N VAL A 302 26.67 -29.88 -37.37
CA VAL A 302 26.79 -29.26 -38.67
C VAL A 302 26.62 -27.76 -38.49
N ARG A 303 27.49 -26.98 -39.12
CA ARG A 303 27.53 -25.54 -38.92
C ARG A 303 26.90 -24.81 -40.10
N ILE A 304 25.98 -23.90 -39.79
CA ILE A 304 25.34 -23.02 -40.77
C ILE A 304 25.73 -21.61 -40.43
N ALA A 305 26.27 -20.88 -41.39
CA ALA A 305 26.42 -19.44 -41.24
C ALA A 305 25.11 -18.74 -41.53
N LEU A 306 24.77 -17.76 -40.70
CA LEU A 306 23.62 -16.90 -40.89
C LEU A 306 24.11 -15.48 -41.08
N VAL A 307 23.85 -14.90 -42.25
CA VAL A 307 24.49 -13.65 -42.64
C VAL A 307 23.61 -12.48 -42.22
N GLY A 308 23.57 -12.22 -40.91
CA GLY A 308 22.76 -11.13 -40.40
C GLY A 308 23.38 -9.76 -40.65
N LYS A 309 22.52 -8.75 -40.69
CA LYS A 309 22.98 -7.38 -40.86
C LYS A 309 23.67 -6.88 -39.60
N TYR A 310 23.03 -7.04 -38.44
CA TYR A 310 23.65 -6.73 -37.17
C TYR A 310 23.30 -7.87 -36.22
N VAL A 311 24.32 -8.34 -35.47
CA VAL A 311 24.24 -9.66 -34.85
C VAL A 311 24.62 -9.63 -33.38
N GLU A 312 24.81 -8.45 -32.81
CA GLU A 312 25.11 -8.38 -31.39
C GLU A 312 23.89 -8.72 -30.54
N LEU A 313 22.69 -8.49 -31.05
CA LEU A 313 21.47 -9.04 -30.46
C LEU A 313 20.93 -10.11 -31.39
N SER A 314 20.99 -11.37 -30.94
CA SER A 314 20.50 -12.51 -31.71
C SER A 314 18.98 -12.63 -31.71
N ASP A 315 18.30 -11.99 -30.75
CA ASP A 315 16.85 -12.05 -30.68
C ASP A 315 16.17 -11.49 -31.92
N ALA A 316 16.84 -10.62 -32.67
CA ALA A 316 16.32 -10.16 -33.94
C ALA A 316 16.09 -11.28 -34.96
N TYR A 317 16.63 -12.48 -34.73
CA TYR A 317 16.49 -13.58 -35.69
C TYR A 317 15.85 -14.82 -35.05
N LEU A 318 15.21 -14.65 -33.90
CA LEU A 318 14.78 -15.76 -33.08
C LEU A 318 14.10 -16.86 -33.89
N SER A 319 13.06 -16.51 -34.66
CA SER A 319 12.32 -17.58 -35.34
C SER A 319 13.11 -18.19 -36.48
N VAL A 320 14.04 -17.45 -37.07
CA VAL A 320 14.92 -18.04 -38.08
C VAL A 320 15.81 -19.09 -37.46
N ALA A 321 16.50 -18.72 -36.38
CA ALA A 321 17.35 -19.66 -35.66
C ALA A 321 16.58 -20.88 -35.16
N GLU A 322 15.39 -20.67 -34.60
CA GLU A 322 14.58 -21.80 -34.16
C GLU A 322 14.09 -22.67 -35.32
N ALA A 323 13.81 -22.09 -36.49
CA ALA A 323 13.44 -22.92 -37.63
C ALA A 323 14.62 -23.73 -38.13
N LEU A 324 15.82 -23.13 -38.18
CA LEU A 324 17.01 -23.91 -38.49
C LEU A 324 17.17 -25.09 -37.54
N ARG A 325 17.15 -24.83 -36.24
CA ARG A 325 17.35 -25.92 -35.29
C ARG A 325 16.25 -26.98 -35.36
N ALA A 326 15.00 -26.56 -35.58
CA ALA A 326 13.95 -27.53 -35.85
C ALA A 326 14.23 -28.37 -37.09
N GLY A 327 14.85 -27.78 -38.11
CA GLY A 327 15.29 -28.60 -39.24
C GLY A 327 16.39 -29.57 -38.85
N GLY A 328 17.36 -29.10 -38.08
CA GLY A 328 18.42 -29.96 -37.59
C GLY A 328 17.87 -31.18 -36.86
N PHE A 329 16.91 -30.96 -35.97
CA PHE A 329 16.33 -32.08 -35.22
C PHE A 329 15.73 -33.13 -36.15
N LYS A 330 15.32 -32.75 -37.35
CA LYS A 330 14.77 -33.75 -38.25
C LYS A 330 15.83 -34.73 -38.73
N HIS A 331 17.08 -34.29 -38.87
CA HIS A 331 18.19 -35.17 -39.23
C HIS A 331 19.01 -35.61 -38.03
N ARG A 332 18.52 -35.40 -36.81
CA ARG A 332 19.27 -35.71 -35.60
C ARG A 332 20.61 -34.99 -35.54
N ALA A 333 20.71 -33.83 -36.17
CA ALA A 333 21.96 -33.08 -36.23
C ALA A 333 21.87 -31.89 -35.30
N LYS A 334 22.92 -31.65 -34.52
CA LYS A 334 23.05 -30.40 -33.79
C LYS A 334 23.45 -29.30 -34.77
N VAL A 335 22.49 -28.51 -35.20
CA VAL A 335 22.81 -27.30 -35.97
C VAL A 335 23.40 -26.26 -35.03
N GLU A 336 24.63 -25.84 -35.33
CA GLU A 336 25.27 -24.75 -34.62
C GLU A 336 25.40 -23.57 -35.57
N ILE A 337 25.07 -22.37 -35.10
CA ILE A 337 24.94 -21.21 -35.97
C ILE A 337 26.19 -20.35 -35.80
N CYS A 338 26.90 -20.14 -36.90
CA CYS A 338 27.99 -19.16 -36.97
C CYS A 338 27.38 -17.81 -37.31
N TRP A 339 27.29 -16.92 -36.32
CA TRP A 339 26.71 -15.61 -36.52
C TRP A 339 27.70 -14.73 -37.28
N VAL A 340 27.43 -14.52 -38.56
CA VAL A 340 28.32 -13.80 -39.46
C VAL A 340 27.70 -12.44 -39.76
N ALA A 341 28.47 -11.37 -39.52
CA ALA A 341 28.00 -10.01 -39.72
C ALA A 341 28.22 -9.58 -41.17
N SER A 342 27.12 -9.21 -41.84
CA SER A 342 27.15 -9.04 -43.29
C SER A 342 28.18 -8.01 -43.73
N ASP A 343 28.43 -6.99 -42.90
CA ASP A 343 29.33 -5.92 -43.32
C ASP A 343 30.78 -6.36 -43.35
N GLY A 344 31.09 -7.53 -42.78
CA GLY A 344 32.38 -8.17 -43.01
C GLY A 344 32.52 -8.90 -44.32
N CYS A 345 31.43 -9.07 -45.06
CA CYS A 345 31.38 -9.94 -46.22
C CYS A 345 31.24 -9.17 -47.54
N GLU A 346 31.36 -7.85 -47.50
CA GLU A 346 31.22 -7.06 -48.72
C GLU A 346 32.42 -7.18 -49.64
N THR A 347 33.58 -7.60 -49.14
CA THR A 347 34.73 -7.91 -49.96
C THR A 347 34.95 -9.42 -50.02
N THR A 348 35.33 -9.91 -51.19
CA THR A 348 35.49 -11.34 -51.38
C THR A 348 36.58 -11.93 -50.50
N SER A 349 37.60 -11.14 -50.16
CA SER A 349 38.60 -11.61 -49.21
C SER A 349 38.02 -11.73 -47.80
N GLY A 350 37.25 -10.73 -47.38
CA GLY A 350 36.54 -10.83 -46.12
C GLY A 350 35.49 -11.92 -46.13
N ALA A 351 34.76 -12.05 -47.23
CA ALA A 351 33.81 -13.15 -47.37
C ALA A 351 34.50 -14.50 -47.21
N ALA A 352 35.62 -14.71 -47.90
CA ALA A 352 36.34 -15.96 -47.74
C ALA A 352 36.83 -16.17 -46.31
N ALA A 353 37.34 -15.12 -45.68
CA ALA A 353 37.80 -15.22 -44.29
C ALA A 353 36.67 -15.57 -43.33
N ALA A 354 35.46 -15.08 -43.58
CA ALA A 354 34.35 -15.39 -42.69
C ALA A 354 33.70 -16.74 -42.98
N LEU A 355 33.33 -16.99 -44.22
CA LEU A 355 32.36 -18.04 -44.55
C LEU A 355 33.00 -19.40 -44.84
N GLY A 356 34.32 -19.47 -45.02
CA GLY A 356 34.94 -20.71 -45.45
C GLY A 356 34.86 -21.85 -44.47
N ASP A 357 34.50 -21.59 -43.21
CA ASP A 357 34.56 -22.58 -42.15
C ASP A 357 33.28 -23.41 -41.99
N VAL A 358 32.23 -23.14 -42.76
CA VAL A 358 30.90 -23.64 -42.47
C VAL A 358 30.45 -24.59 -43.58
N HIS A 359 29.33 -25.26 -43.34
CA HIS A 359 28.75 -26.19 -44.28
C HIS A 359 27.48 -25.66 -44.95
N GLY A 360 27.10 -24.43 -44.68
CA GLY A 360 25.99 -23.82 -45.37
C GLY A 360 25.83 -22.38 -44.93
N VAL A 361 25.19 -21.60 -45.77
CA VAL A 361 24.96 -20.18 -45.50
C VAL A 361 23.50 -19.84 -45.74
N LEU A 362 22.93 -19.05 -44.84
CA LEU A 362 21.52 -18.70 -44.91
CA LEU A 362 21.50 -18.73 -44.83
C LEU A 362 21.37 -17.20 -44.94
N ILE A 363 20.51 -16.72 -45.82
CA ILE A 363 20.30 -15.28 -45.97
C ILE A 363 18.97 -14.89 -45.35
N PRO A 364 18.94 -14.38 -44.12
CA PRO A 364 17.66 -14.06 -43.49
C PRO A 364 17.09 -12.76 -44.06
N GLY A 365 15.83 -12.50 -43.72
CA GLY A 365 15.18 -11.30 -44.13
C GLY A 365 15.80 -10.08 -43.46
N GLY A 366 15.28 -8.91 -43.84
CA GLY A 366 15.83 -7.66 -43.38
C GLY A 366 14.97 -6.49 -43.79
N PHE A 367 13.67 -6.61 -43.55
CA PHE A 367 12.76 -5.51 -43.84
C PHE A 367 13.18 -4.26 -43.09
N GLY A 368 13.34 -3.17 -43.83
CA GLY A 368 13.68 -1.89 -43.25
C GLY A 368 15.16 -1.61 -43.03
N ILE A 369 16.05 -2.58 -43.31
CA ILE A 369 17.47 -2.29 -43.25
C ILE A 369 17.88 -1.50 -44.49
N ARG A 370 19.07 -0.90 -44.41
CA ARG A 370 19.71 -0.24 -45.55
C ARG A 370 21.05 -0.88 -45.86
N GLY A 371 21.37 -0.93 -47.15
CA GLY A 371 22.66 -1.42 -47.61
C GLY A 371 22.83 -2.93 -47.53
N ILE A 372 22.77 -3.58 -48.68
CA ILE A 372 22.70 -5.04 -48.77
C ILE A 372 23.88 -5.65 -49.51
N GLU A 373 24.81 -4.82 -50.00
CA GLU A 373 25.86 -5.33 -50.88
C GLU A 373 26.72 -6.39 -50.19
N GLY A 374 26.81 -6.35 -48.86
CA GLY A 374 27.45 -7.44 -48.15
C GLY A 374 26.79 -8.78 -48.43
N LYS A 375 25.46 -8.82 -48.41
CA LYS A 375 24.77 -10.07 -48.67
C LYS A 375 24.97 -10.55 -50.10
N ILE A 376 24.98 -9.63 -51.06
CA ILE A 376 25.23 -10.01 -52.45
C ILE A 376 26.64 -10.59 -52.60
N GLY A 377 27.64 -9.93 -52.00
CA GLY A 377 28.98 -10.49 -52.01
C GLY A 377 29.06 -11.86 -51.39
N ALA A 378 28.42 -12.04 -50.24
CA ALA A 378 28.37 -13.34 -49.58
C ALA A 378 27.74 -14.41 -50.47
N ILE A 379 26.68 -14.06 -51.20
CA ILE A 379 26.06 -15.04 -52.08
C ILE A 379 26.96 -15.37 -53.26
N ALA A 380 27.59 -14.35 -53.87
CA ALA A 380 28.51 -14.60 -54.98
C ALA A 380 29.66 -15.51 -54.56
N TYR A 381 30.22 -15.25 -53.38
CA TYR A 381 31.19 -16.17 -52.81
C TYR A 381 30.60 -17.56 -52.63
N ALA A 382 29.44 -17.68 -51.99
CA ALA A 382 28.91 -19.00 -51.68
C ALA A 382 28.66 -19.80 -52.95
N ARG A 383 28.19 -19.14 -54.01
CA ARG A 383 28.05 -19.78 -55.31
C ARG A 383 29.39 -20.27 -55.85
N ALA A 384 30.41 -19.41 -55.85
CA ALA A 384 31.70 -19.86 -56.37
C ALA A 384 32.29 -20.99 -55.53
N ARG A 385 32.13 -20.91 -54.21
CA ARG A 385 32.63 -21.93 -53.30
C ARG A 385 31.75 -23.17 -53.25
N GLY A 386 30.52 -23.09 -53.73
CA GLY A 386 29.62 -24.23 -53.72
C GLY A 386 28.86 -24.44 -52.43
N LEU A 387 28.82 -23.44 -51.56
CA LEU A 387 28.09 -23.55 -50.30
C LEU A 387 26.59 -23.50 -50.54
N PRO A 388 25.81 -24.40 -49.95
CA PRO A 388 24.34 -24.29 -50.05
C PRO A 388 23.84 -22.96 -49.51
N VAL A 389 22.84 -22.40 -50.19
CA VAL A 389 22.28 -21.11 -49.82
C VAL A 389 20.76 -21.23 -49.78
N LEU A 390 20.16 -20.58 -48.79
CA LEU A 390 18.73 -20.29 -48.77
C LEU A 390 18.52 -18.81 -48.48
N GLY A 391 17.68 -18.16 -49.28
CA GLY A 391 17.34 -16.77 -49.07
C GLY A 391 15.90 -16.55 -48.68
N LEU A 392 15.67 -15.92 -47.53
CA LEU A 392 14.32 -15.91 -46.94
C LEU A 392 13.41 -14.92 -47.66
N CYS A 393 13.67 -13.63 -47.53
CA CYS A 393 12.88 -12.64 -48.25
C CYS A 393 13.76 -11.66 -49.00
N LEU A 394 14.38 -10.73 -48.27
CA LEU A 394 15.50 -9.97 -48.82
C LEU A 394 16.59 -10.88 -49.35
N GLY A 395 16.68 -12.10 -48.81
CA GLY A 395 17.58 -13.08 -49.38
C GLY A 395 17.33 -13.38 -50.85
N LEU A 396 16.07 -13.59 -51.22
CA LEU A 396 15.76 -13.78 -52.64
C LEU A 396 16.11 -12.55 -53.46
N GLN A 397 15.92 -11.35 -52.93
CA GLN A 397 16.25 -10.15 -53.70
C GLN A 397 17.75 -9.98 -53.88
N CYS A 398 18.55 -10.38 -52.89
CA CYS A 398 19.99 -10.41 -53.08
C CYS A 398 20.44 -11.51 -54.02
N ILE A 399 19.82 -12.69 -53.95
CA ILE A 399 20.13 -13.74 -54.92
C ILE A 399 19.82 -13.28 -56.33
N VAL A 400 18.66 -12.65 -56.54
CA VAL A 400 18.29 -12.21 -57.88
C VAL A 400 19.22 -11.11 -58.38
N ILE A 401 19.59 -10.15 -57.52
CA ILE A 401 20.57 -9.15 -57.93
C ILE A 401 21.90 -9.79 -58.28
N GLU A 402 22.34 -10.77 -57.49
CA GLU A 402 23.59 -11.47 -57.82
C GLU A 402 23.49 -12.20 -59.15
N ALA A 403 22.38 -12.89 -59.40
CA ALA A 403 22.20 -13.57 -60.66
C ALA A 403 22.25 -12.60 -61.84
N ALA A 404 21.52 -11.50 -61.75
CA ALA A 404 21.53 -10.51 -62.82
C ALA A 404 22.92 -9.93 -63.04
N ARG A 405 23.64 -9.61 -61.97
CA ARG A 405 25.00 -9.11 -62.12
C ARG A 405 25.96 -10.16 -62.70
N SER A 406 25.71 -11.44 -62.43
CA SER A 406 26.51 -12.49 -63.04
C SER A 406 26.32 -12.56 -64.55
N VAL A 407 25.16 -12.17 -65.08
CA VAL A 407 24.97 -12.08 -66.52
C VAL A 407 25.23 -10.66 -67.04
N GLY A 408 25.99 -9.85 -66.31
CA GLY A 408 26.51 -8.60 -66.82
C GLY A 408 25.64 -7.39 -66.61
N LEU A 409 24.45 -7.56 -66.01
CA LEU A 409 23.59 -6.43 -65.68
C LEU A 409 24.17 -5.72 -64.46
N THR A 410 25.33 -5.09 -64.69
CA THR A 410 26.24 -4.74 -63.60
C THR A 410 25.63 -3.74 -62.62
N ASN A 411 24.90 -2.76 -63.14
CA ASN A 411 24.24 -1.77 -62.30
C ASN A 411 22.85 -2.19 -61.84
N ALA A 412 22.49 -3.46 -62.00
CA ALA A 412 21.20 -3.94 -61.53
C ALA A 412 21.09 -3.75 -60.02
N ASN A 413 19.88 -3.45 -59.57
CA ASN A 413 19.63 -3.23 -58.14
C ASN A 413 18.16 -3.47 -57.86
N SER A 414 17.81 -3.43 -56.58
CA SER A 414 16.43 -3.17 -56.17
C SER A 414 16.13 -1.68 -56.11
N ALA A 415 14.95 -1.32 -56.63
CA ALA A 415 14.45 0.05 -56.52
C ALA A 415 14.33 0.53 -55.07
N GLU A 416 14.28 -0.40 -54.11
CA GLU A 416 14.32 0.00 -52.71
C GLU A 416 15.64 0.65 -52.34
N PHE A 417 16.75 0.11 -52.84
CA PHE A 417 18.09 0.53 -52.42
C PHE A 417 18.77 1.45 -53.42
N ASP A 418 18.37 1.42 -54.69
CA ASP A 418 18.75 2.46 -55.63
C ASP A 418 17.53 2.83 -56.47
N PRO A 419 16.76 3.82 -56.04
CA PRO A 419 15.62 4.27 -56.85
C PRO A 419 16.01 4.78 -58.22
N ASP A 420 17.30 5.06 -58.45
CA ASP A 420 17.79 5.60 -59.71
C ASP A 420 18.50 4.54 -60.55
N THR A 421 18.44 3.27 -60.14
CA THR A 421 19.09 2.22 -60.90
C THR A 421 18.54 2.18 -62.33
N PRO A 422 19.39 2.01 -63.34
CA PRO A 422 18.89 1.78 -64.70
C PRO A 422 18.31 0.40 -64.92
N ASP A 423 18.52 -0.54 -64.00
CA ASP A 423 18.03 -1.91 -64.13
C ASP A 423 17.36 -2.32 -62.83
N PRO A 424 16.16 -1.82 -62.57
CA PRO A 424 15.40 -2.28 -61.40
C PRO A 424 14.83 -3.68 -61.60
N VAL A 425 15.65 -4.70 -61.37
CA VAL A 425 15.14 -6.06 -61.39
C VAL A 425 14.19 -6.31 -60.23
N ILE A 426 14.35 -5.60 -59.12
CA ILE A 426 13.35 -5.55 -58.05
C ILE A 426 12.81 -4.13 -57.95
N ALA A 427 11.50 -3.99 -58.08
CA ALA A 427 10.86 -2.70 -58.23
C ALA A 427 9.52 -2.72 -57.53
N THR A 428 9.02 -1.54 -57.16
CA THR A 428 7.68 -1.46 -56.59
C THR A 428 6.65 -1.86 -57.62
N MET A 429 5.68 -2.66 -57.21
CA MET A 429 4.61 -3.06 -58.12
C MET A 429 3.61 -1.92 -58.29
N GLY A 443 4.14 3.56 -53.24
CA GLY A 443 4.85 2.44 -52.65
C GLY A 443 4.31 1.09 -53.10
N GLY A 444 3.28 1.12 -53.94
CA GLY A 444 2.68 -0.10 -54.42
C GLY A 444 2.01 -0.89 -53.31
N THR A 445 1.41 -2.02 -53.71
CA THR A 445 0.66 -2.85 -52.78
C THR A 445 1.62 -3.51 -51.80
N MET A 446 1.53 -3.14 -50.52
CA MET A 446 2.24 -3.87 -49.48
C MET A 446 1.49 -5.18 -49.21
N ARG A 447 2.06 -6.29 -49.66
CA ARG A 447 1.50 -7.60 -49.41
C ARG A 447 1.75 -8.04 -47.97
N LEU A 448 0.70 -8.45 -47.29
CA LEU A 448 0.80 -8.99 -45.94
C LEU A 448 -0.04 -10.26 -45.81
N GLY A 449 0.50 -11.24 -45.10
CA GLY A 449 -0.25 -12.43 -44.74
C GLY A 449 -0.21 -13.54 -45.78
N SER A 450 -1.17 -14.44 -45.63
CA SER A 450 -1.18 -15.72 -46.33
C SER A 450 -1.69 -15.58 -47.76
N TYR A 451 -0.87 -16.03 -48.73
CA TYR A 451 -1.27 -16.04 -50.12
C TYR A 451 -0.91 -17.39 -50.75
N PRO A 452 -1.75 -17.91 -51.64
CA PRO A 452 -1.42 -19.15 -52.33
C PRO A 452 -0.30 -18.96 -53.34
N ALA A 453 0.38 -20.07 -53.63
CA ALA A 453 1.40 -20.10 -54.67
C ALA A 453 1.40 -21.49 -55.31
N VAL A 454 1.94 -21.55 -56.53
CA VAL A 454 2.02 -22.77 -57.31
C VAL A 454 3.47 -23.07 -57.67
N LEU A 455 3.82 -24.34 -57.64
CA LEU A 455 5.18 -24.81 -57.87
C LEU A 455 5.29 -25.46 -59.24
N GLU A 456 6.41 -25.23 -59.91
CA GLU A 456 6.77 -26.00 -61.09
C GLU A 456 6.78 -27.49 -60.74
N PRO A 457 5.98 -28.31 -61.43
CA PRO A 457 5.97 -29.74 -61.12
C PRO A 457 7.34 -30.39 -61.29
N ASP A 458 7.71 -31.22 -60.32
CA ASP A 458 9.01 -31.88 -60.27
C ASP A 458 10.18 -30.90 -60.24
N SER A 459 9.94 -29.64 -59.88
CA SER A 459 11.03 -28.78 -59.45
C SER A 459 11.64 -29.30 -58.15
N VAL A 460 12.83 -28.78 -57.84
CA VAL A 460 13.50 -29.14 -56.60
C VAL A 460 12.64 -28.78 -55.39
N VAL A 461 12.00 -27.61 -55.44
CA VAL A 461 11.05 -27.25 -54.39
C VAL A 461 9.85 -28.18 -54.42
N ALA A 462 9.40 -28.58 -55.60
CA ALA A 462 8.29 -29.53 -55.66
C ALA A 462 8.71 -30.89 -55.11
N GLN A 463 9.96 -31.28 -55.33
CA GLN A 463 10.49 -32.50 -54.72
C GLN A 463 10.55 -32.38 -53.20
N ALA A 464 10.83 -31.19 -52.67
CA ALA A 464 10.85 -30.99 -51.23
C ALA A 464 9.45 -31.03 -50.63
N TYR A 465 8.56 -30.16 -51.11
CA TYR A 465 7.21 -30.10 -50.56
C TYR A 465 6.38 -31.33 -50.90
N GLN A 466 6.77 -32.10 -51.89
CA GLN A 466 6.00 -33.26 -52.32
C GLN A 466 4.59 -32.87 -52.77
N THR A 467 4.39 -31.62 -53.18
CA THR A 467 3.11 -31.19 -53.71
C THR A 467 3.32 -29.97 -54.59
N THR A 468 2.34 -29.72 -55.46
CA THR A 468 2.32 -28.51 -56.28
C THR A 468 1.71 -27.30 -55.59
N GLN A 469 0.91 -27.50 -54.56
CA GLN A 469 0.18 -26.41 -53.91
C GLN A 469 0.71 -26.14 -52.50
N VAL A 470 1.05 -24.89 -52.24
CA VAL A 470 1.63 -24.46 -50.99
C VAL A 470 0.98 -23.13 -50.60
N SER A 471 1.21 -22.71 -49.36
CA SER A 471 0.89 -21.35 -48.95
C SER A 471 1.94 -20.84 -47.98
N GLU A 472 2.13 -19.53 -47.98
CA GLU A 472 3.21 -18.92 -47.23
C GLU A 472 2.77 -17.55 -46.73
N ARG A 473 3.46 -17.07 -45.69
CA ARG A 473 3.18 -15.79 -45.07
C ARG A 473 4.18 -14.76 -45.57
N HIS A 474 3.70 -13.57 -45.93
CA HIS A 474 4.48 -12.59 -46.66
C HIS A 474 4.50 -11.27 -45.93
N ARG A 475 5.55 -10.49 -46.20
CA ARG A 475 5.67 -9.14 -45.67
C ARG A 475 6.64 -8.34 -46.53
N HIS A 476 6.25 -8.06 -47.77
CA HIS A 476 7.10 -7.34 -48.71
C HIS A 476 6.23 -6.56 -49.69
N ARG A 477 6.80 -5.47 -50.21
CA ARG A 477 6.13 -4.65 -51.21
C ARG A 477 6.83 -4.61 -52.57
N TYR A 478 8.06 -5.12 -52.68
CA TYR A 478 8.79 -5.20 -53.93
C TYR A 478 8.76 -6.60 -54.51
N GLU A 479 8.79 -6.67 -55.84
CA GLU A 479 8.61 -7.93 -56.56
C GLU A 479 9.60 -7.99 -57.71
N VAL A 480 9.85 -9.22 -58.17
CA VAL A 480 10.63 -9.43 -59.38
C VAL A 480 9.94 -8.77 -60.56
N ASN A 481 10.69 -7.98 -61.32
CA ASN A 481 10.16 -7.27 -62.47
C ASN A 481 9.77 -8.28 -63.54
N ASN A 482 8.47 -8.37 -63.83
CA ASN A 482 7.97 -9.40 -64.74
C ASN A 482 8.53 -9.25 -66.15
N ALA A 483 9.01 -8.06 -66.52
CA ALA A 483 9.67 -7.86 -67.80
C ALA A 483 11.05 -8.50 -67.88
N TYR A 484 11.69 -8.78 -66.75
CA TYR A 484 13.06 -9.30 -66.73
C TYR A 484 13.13 -10.82 -66.62
N ARG A 485 12.02 -11.51 -66.37
CA ARG A 485 12.08 -12.95 -66.12
C ARG A 485 12.86 -13.68 -67.21
N ASP A 486 12.51 -13.44 -68.47
CA ASP A 486 13.19 -14.11 -69.57
C ASP A 486 14.68 -13.76 -69.63
N LYS A 487 15.02 -12.51 -69.31
CA LYS A 487 16.43 -12.11 -69.26
C LYS A 487 17.18 -12.79 -68.12
N ILE A 488 16.60 -12.75 -66.91
CA ILE A 488 17.25 -13.38 -65.77
C ILE A 488 17.40 -14.88 -65.97
N ALA A 489 16.41 -15.52 -66.58
CA ALA A 489 16.48 -16.94 -66.87
C ALA A 489 17.67 -17.31 -67.76
N GLU A 490 18.30 -16.33 -68.41
CA GLU A 490 19.54 -16.60 -69.12
C GLU A 490 20.65 -17.07 -68.18
N SER A 491 20.52 -16.78 -66.88
CA SER A 491 21.45 -17.32 -65.89
C SER A 491 21.24 -18.80 -65.61
N GLY A 492 20.13 -19.38 -66.06
CA GLY A 492 19.73 -20.70 -65.62
C GLY A 492 18.82 -20.70 -64.41
N LEU A 493 18.70 -19.57 -63.72
CA LEU A 493 17.79 -19.41 -62.60
C LEU A 493 16.35 -19.67 -63.03
N ARG A 494 15.76 -20.79 -62.60
CA ARG A 494 14.35 -21.02 -62.88
C ARG A 494 13.49 -20.25 -61.90
N PHE A 495 12.43 -19.64 -62.42
CA PHE A 495 11.36 -19.08 -61.60
C PHE A 495 10.35 -20.18 -61.28
N SER A 496 10.77 -21.07 -60.40
CA SER A 496 10.09 -22.34 -60.17
C SER A 496 8.80 -22.21 -59.36
N GLY A 497 8.37 -21.02 -59.00
CA GLY A 497 7.04 -20.84 -58.46
C GLY A 497 6.55 -19.42 -58.62
N THR A 498 5.23 -19.27 -58.73
CA THR A 498 4.62 -17.98 -59.03
C THR A 498 3.30 -17.88 -58.31
N SER A 499 2.70 -16.70 -58.38
CA SER A 499 1.26 -16.56 -58.11
C SER A 499 0.46 -17.46 -59.04
N PRO A 500 -0.75 -17.83 -58.64
CA PRO A 500 -1.52 -18.77 -59.48
C PRO A 500 -1.81 -18.24 -60.87
N ASP A 501 -1.91 -16.91 -61.03
CA ASP A 501 -2.03 -16.29 -62.33
C ASP A 501 -0.70 -16.15 -63.05
N GLY A 502 0.41 -16.53 -62.40
CA GLY A 502 1.72 -16.36 -62.98
C GLY A 502 2.24 -14.94 -62.90
N HIS A 503 1.46 -14.01 -62.37
CA HIS A 503 1.83 -12.61 -62.40
C HIS A 503 3.00 -12.30 -61.49
N LEU A 504 3.12 -12.99 -60.35
CA LEU A 504 4.12 -12.67 -59.34
C LEU A 504 5.05 -13.84 -59.10
N VAL A 505 6.33 -13.52 -58.87
CA VAL A 505 7.37 -14.49 -58.56
C VAL A 505 7.32 -14.89 -57.09
N GLU A 506 7.42 -16.19 -56.83
CA GLU A 506 7.33 -16.72 -55.47
C GLU A 506 8.56 -17.51 -55.04
N PHE A 507 9.23 -18.19 -55.96
CA PHE A 507 10.42 -18.98 -55.65
C PHE A 507 11.40 -18.88 -56.80
N VAL A 508 12.68 -19.06 -56.49
CA VAL A 508 13.70 -19.22 -57.51
C VAL A 508 14.63 -20.37 -57.10
N GLU A 509 15.22 -21.03 -58.08
CA GLU A 509 16.21 -22.07 -57.81
C GLU A 509 17.20 -22.11 -58.97
N TYR A 510 18.45 -22.53 -58.65
CA TYR A 510 19.34 -23.03 -59.69
C TYR A 510 19.12 -24.52 -59.94
N PRO A 511 19.37 -25.00 -61.16
CA PRO A 511 19.13 -26.41 -61.47
C PRO A 511 20.05 -27.33 -60.68
N PRO A 512 19.63 -28.58 -60.47
CA PRO A 512 20.41 -29.48 -59.60
C PRO A 512 21.84 -29.70 -60.04
N ASP A 513 22.14 -29.58 -61.32
CA ASP A 513 23.50 -29.74 -61.81
C ASP A 513 24.27 -28.43 -61.91
N ARG A 514 23.62 -27.29 -61.74
CA ARG A 514 24.34 -26.04 -61.57
C ARG A 514 24.85 -25.87 -60.15
N HIS A 515 23.98 -26.13 -59.17
CA HIS A 515 24.40 -26.14 -57.78
C HIS A 515 23.57 -27.16 -57.02
N PRO A 516 24.09 -27.72 -55.92
CA PRO A 516 23.35 -28.79 -55.23
C PRO A 516 22.03 -28.33 -54.64
N PHE A 517 22.02 -27.16 -54.02
CA PHE A 517 20.78 -26.59 -53.51
C PHE A 517 21.02 -25.10 -53.29
N VAL A 518 20.47 -24.27 -54.18
CA VAL A 518 20.44 -22.82 -54.00
C VAL A 518 19.04 -22.33 -54.33
N VAL A 519 18.28 -21.99 -53.31
CA VAL A 519 16.86 -21.67 -53.43
C VAL A 519 16.63 -20.35 -52.72
N GLY A 520 15.64 -19.60 -53.21
CA GLY A 520 15.16 -18.44 -52.49
C GLY A 520 13.64 -18.40 -52.54
N THR A 521 13.08 -17.62 -51.64
CA THR A 521 11.67 -17.28 -51.69
C THR A 521 11.48 -15.85 -51.23
N GLN A 522 10.30 -15.30 -51.50
CA GLN A 522 9.90 -14.05 -50.89
C GLN A 522 9.22 -14.28 -49.53
N ALA A 523 8.83 -15.51 -49.24
CA ALA A 523 8.09 -15.83 -48.03
C ALA A 523 8.97 -15.70 -46.79
N HIS A 524 8.31 -15.79 -45.64
CA HIS A 524 8.99 -16.10 -44.39
C HIS A 524 8.62 -17.51 -43.95
N PRO A 525 9.24 -18.54 -44.54
CA PRO A 525 8.88 -19.92 -44.19
C PRO A 525 9.17 -20.29 -42.74
N GLU A 526 10.05 -19.55 -42.06
CA GLU A 526 10.33 -19.82 -40.66
C GLU A 526 9.11 -19.65 -39.75
N LEU A 527 8.09 -18.91 -40.18
CA LEU A 527 6.92 -18.72 -39.35
C LEU A 527 6.00 -19.93 -39.32
N LYS A 528 6.09 -20.84 -40.28
CA LYS A 528 5.34 -22.09 -40.24
C LYS A 528 6.11 -23.22 -39.56
N SER A 529 7.23 -22.92 -38.93
CA SER A 529 7.98 -23.91 -38.16
C SER A 529 7.21 -24.39 -36.93
N ARG A 530 7.24 -25.70 -36.70
CA ARG A 530 6.99 -26.28 -35.38
C ARG A 530 7.94 -27.46 -35.17
N PRO A 531 8.42 -27.66 -33.95
CA PRO A 531 9.43 -28.72 -33.74
C PRO A 531 8.90 -30.11 -34.00
N THR A 532 7.60 -30.34 -33.87
CA THR A 532 6.99 -31.61 -34.26
C THR A 532 6.63 -31.66 -35.73
N ARG A 533 6.83 -30.57 -36.47
CA ARG A 533 6.39 -30.44 -37.85
C ARG A 533 7.27 -29.42 -38.56
N PRO A 534 8.52 -29.75 -38.86
CA PRO A 534 9.44 -28.73 -39.38
C PRO A 534 9.02 -28.29 -40.78
N HIS A 535 9.48 -27.10 -41.15
CA HIS A 535 9.13 -26.58 -42.46
C HIS A 535 9.92 -27.36 -43.52
N PRO A 536 9.28 -27.75 -44.63
CA PRO A 536 9.96 -28.60 -45.61
C PRO A 536 11.25 -28.02 -46.17
N LEU A 537 11.28 -26.71 -46.45
CA LEU A 537 12.49 -26.13 -47.03
C LEU A 537 13.67 -26.18 -46.08
N PHE A 538 13.47 -25.91 -44.79
CA PHE A 538 14.60 -26.00 -43.87
C PHE A 538 15.08 -27.44 -43.68
N VAL A 539 14.19 -28.42 -43.80
CA VAL A 539 14.61 -29.82 -43.80
C VAL A 539 15.46 -30.12 -45.03
N ALA A 540 15.01 -29.70 -46.20
CA ALA A 540 15.79 -29.94 -47.42
C ALA A 540 17.14 -29.21 -47.37
N PHE A 541 17.14 -27.97 -46.90
CA PHE A 541 18.38 -27.21 -46.78
C PHE A 541 19.36 -27.87 -45.83
N VAL A 542 18.89 -28.37 -44.68
CA VAL A 542 19.80 -29.11 -43.81
C VAL A 542 20.23 -30.43 -44.42
N GLY A 543 19.36 -31.09 -45.19
CA GLY A 543 19.79 -32.25 -45.94
C GLY A 543 20.93 -31.96 -46.91
N ALA A 544 20.83 -30.85 -47.63
CA ALA A 544 21.92 -30.43 -48.51
C ALA A 544 23.18 -30.04 -47.74
N ALA A 545 23.04 -29.40 -46.59
CA ALA A 545 24.21 -29.05 -45.79
C ALA A 545 24.90 -30.28 -45.20
N ILE A 546 24.13 -31.27 -44.79
CA ILE A 546 24.69 -32.55 -44.36
C ILE A 546 25.36 -33.27 -45.53
N ASP A 547 24.76 -33.27 -46.71
CA ASP A 547 25.40 -33.88 -47.87
C ASP A 547 26.70 -33.17 -48.25
N TYR A 548 26.74 -31.84 -48.11
CA TYR A 548 28.02 -31.14 -48.29
C TYR A 548 29.04 -31.53 -47.23
N LYS A 549 28.62 -31.68 -45.98
CA LYS A 549 29.55 -32.14 -44.95
C LYS A 549 30.09 -33.53 -45.28
N ALA A 550 29.20 -34.42 -45.71
CA ALA A 550 29.61 -35.79 -46.08
C ALA A 550 30.54 -35.81 -47.28
N GLY A 551 30.33 -34.93 -48.24
CA GLY A 551 31.18 -34.93 -49.41
C GLY A 551 32.53 -34.27 -49.18
N GLU A 552 32.57 -33.20 -48.39
CA GLU A 552 33.79 -32.44 -48.24
C GLU A 552 34.83 -33.28 -47.49
N PRO B 5 33.44 23.78 18.88
CA PRO B 5 32.19 23.63 19.59
C PRO B 5 31.28 22.57 18.97
N GLN B 6 30.43 21.94 19.78
CA GLN B 6 29.61 20.81 19.34
C GLN B 6 28.17 21.26 19.14
N THR B 7 27.63 20.94 17.98
CA THR B 7 26.21 21.11 17.69
C THR B 7 25.42 19.97 18.32
N ALA B 8 24.14 19.87 17.96
CA ALA B 8 23.31 18.79 18.44
C ALA B 8 23.83 17.45 17.92
N THR B 9 23.59 16.41 18.71
CA THR B 9 23.96 15.06 18.30
C THR B 9 23.07 14.59 17.15
N LYS B 10 23.70 14.35 16.00
CA LYS B 10 22.98 13.89 14.82
C LYS B 10 22.55 12.44 15.00
N HIS B 11 21.50 12.04 14.30
CA HIS B 11 21.07 10.65 14.27
C HIS B 11 21.14 10.12 12.85
N LEU B 12 21.52 8.86 12.69
CA LEU B 12 21.74 8.28 11.36
C LEU B 12 21.14 6.87 11.32
N PHE B 13 19.84 6.77 11.07
CA PHE B 13 19.20 5.47 11.04
C PHE B 13 19.64 4.67 9.82
N VAL B 14 19.58 3.35 9.94
CA VAL B 14 19.86 2.42 8.84
C VAL B 14 18.79 1.34 8.85
N SER B 15 18.16 1.11 7.70
CA SER B 15 17.11 0.10 7.62
C SER B 15 17.28 -0.72 6.36
N GLY B 16 16.91 -1.99 6.45
CA GLY B 16 17.07 -2.93 5.35
C GLY B 16 15.77 -3.17 4.62
N GLY B 17 15.88 -3.31 3.29
CA GLY B 17 14.76 -3.68 2.46
C GLY B 17 15.06 -4.91 1.60
N VAL B 18 14.00 -5.43 1.01
CA VAL B 18 14.05 -6.61 0.15
C VAL B 18 14.37 -7.89 0.91
N ALA B 19 15.47 -7.92 1.66
CA ALA B 19 15.86 -9.15 2.31
C ALA B 19 16.73 -8.84 3.53
N SER B 20 16.72 -9.78 4.47
CA SER B 20 17.76 -9.90 5.48
C SER B 20 18.95 -10.70 4.95
N SER B 21 20.04 -10.68 5.72
CA SER B 21 21.34 -11.20 5.32
C SER B 21 22.00 -10.36 4.23
N LEU B 22 21.87 -9.04 4.34
CA LEU B 22 22.49 -8.12 3.40
C LEU B 22 23.67 -7.35 3.99
N GLY B 23 23.94 -7.46 5.28
CA GLY B 23 25.09 -6.81 5.85
C GLY B 23 24.86 -5.39 6.31
N LYS B 24 23.67 -5.08 6.82
CA LYS B 24 23.46 -3.80 7.49
C LYS B 24 24.45 -3.61 8.63
N GLY B 25 24.70 -4.64 9.42
CA GLY B 25 25.62 -4.54 10.52
C GLY B 25 27.04 -4.14 10.16
N LEU B 26 27.68 -4.90 9.27
CA LEU B 26 29.03 -4.55 8.84
C LEU B 26 29.09 -3.26 8.04
N THR B 27 28.06 -2.95 7.26
CA THR B 27 28.03 -1.68 6.54
C THR B 27 27.98 -0.50 7.52
N ALA B 28 27.05 -0.53 8.46
CA ALA B 28 26.96 0.51 9.47
C ALA B 28 28.22 0.59 10.32
N SER B 29 28.81 -0.56 10.64
CA SER B 29 30.09 -0.57 11.33
C SER B 29 31.19 0.11 10.53
N SER B 30 31.24 -0.16 9.22
CA SER B 30 32.27 0.46 8.40
C SER B 30 32.05 1.97 8.26
N LEU B 31 30.80 2.40 8.18
CA LEU B 31 30.51 3.83 8.21
C LEU B 31 30.93 4.46 9.53
N GLY B 32 30.69 3.78 10.65
CA GLY B 32 31.22 4.23 11.92
C GLY B 32 32.72 4.29 11.95
N GLN B 33 33.38 3.30 11.35
CA GLN B 33 34.83 3.33 11.24
C GLN B 33 35.32 4.54 10.48
N LEU B 34 34.70 4.85 9.33
CA LEU B 34 35.16 5.99 8.56
C LEU B 34 34.94 7.31 9.29
N LEU B 35 33.76 7.48 9.89
CA LEU B 35 33.51 8.68 10.67
C LEU B 35 34.45 8.79 11.87
N THR B 36 34.78 7.67 12.50
CA THR B 36 35.79 7.68 13.55
C THR B 36 37.13 8.14 13.02
N ALA B 37 37.53 7.62 11.85
CA ALA B 37 38.82 8.02 11.30
C ALA B 37 38.87 9.50 10.99
N ARG B 38 37.73 10.11 10.64
CA ARG B 38 37.74 11.56 10.50
C ARG B 38 37.96 12.26 11.84
N GLY B 39 37.70 11.58 12.95
CA GLY B 39 37.83 12.14 14.28
C GLY B 39 36.55 12.48 14.99
N LEU B 40 35.40 12.13 14.41
CA LEU B 40 34.13 12.32 15.11
C LEU B 40 33.98 11.26 16.20
N HIS B 41 33.36 11.64 17.31
CA HIS B 41 33.03 10.67 18.35
C HIS B 41 31.72 10.00 17.98
N VAL B 42 31.82 8.93 17.21
CA VAL B 42 30.66 8.13 16.86
C VAL B 42 30.31 7.18 17.99
N THR B 43 29.01 6.90 18.12
CA THR B 43 28.54 5.76 18.91
C THR B 43 27.40 5.10 18.16
N MET B 44 27.01 3.92 18.62
CA MET B 44 26.16 3.04 17.83
C MET B 44 25.12 2.37 18.70
N GLN B 45 24.08 1.87 18.05
CA GLN B 45 22.96 1.24 18.73
C GLN B 45 22.29 0.26 17.79
N LYS B 46 21.82 -0.86 18.33
CA LYS B 46 21.03 -1.83 17.60
C LYS B 46 19.63 -1.91 18.21
N LEU B 47 18.61 -1.95 17.36
CA LEU B 47 17.23 -2.10 17.81
C LEU B 47 16.72 -3.45 17.34
N ASP B 48 16.93 -4.49 18.16
CA ASP B 48 16.51 -5.81 17.77
C ASP B 48 14.99 -5.90 17.79
N PRO B 49 14.40 -6.67 16.89
CA PRO B 49 12.94 -6.79 16.89
C PRO B 49 12.36 -7.88 17.79
N TYR B 50 13.16 -8.87 18.16
CA TYR B 50 12.62 -10.00 18.91
C TYR B 50 12.31 -9.63 20.35
N LEU B 51 11.40 -10.39 20.95
CA LEU B 51 10.86 -10.12 22.27
C LEU B 51 11.65 -10.74 23.42
N ASN B 52 12.75 -11.44 23.17
CA ASN B 52 13.61 -11.85 24.28
C ASN B 52 14.11 -10.62 25.03
N VAL B 53 13.90 -10.61 26.35
CA VAL B 53 14.29 -9.45 27.12
C VAL B 53 15.80 -9.31 27.17
N ASP B 54 16.50 -10.43 27.33
CA ASP B 54 17.95 -10.49 27.14
C ASP B 54 18.27 -11.84 26.52
N PRO B 55 19.42 -11.96 25.85
CA PRO B 55 19.69 -13.17 25.07
C PRO B 55 20.18 -14.35 25.90
N GLY B 56 20.30 -14.21 27.21
CA GLY B 56 20.80 -15.28 28.02
C GLY B 56 19.95 -16.54 28.00
N THR B 57 18.73 -16.43 27.48
CA THR B 57 17.88 -17.60 27.24
C THR B 57 18.14 -18.26 25.91
N MET B 58 18.75 -17.54 24.96
CA MET B 58 18.81 -18.00 23.59
C MET B 58 19.86 -19.09 23.45
N ASN B 59 19.58 -20.05 22.57
CA ASN B 59 20.52 -21.12 22.27
C ASN B 59 21.62 -20.60 21.35
N PRO B 60 22.85 -20.45 21.84
CA PRO B 60 23.90 -19.83 21.01
C PRO B 60 24.29 -20.67 19.82
N PHE B 61 24.09 -21.99 19.87
CA PHE B 61 24.42 -22.86 18.74
C PHE B 61 23.49 -22.66 17.56
N GLN B 62 22.49 -21.79 17.67
CA GLN B 62 21.66 -21.41 16.55
C GLN B 62 21.62 -19.91 16.31
N HIS B 63 22.01 -19.07 17.27
CA HIS B 63 21.88 -17.63 17.17
C HIS B 63 23.16 -16.90 17.55
N GLY B 64 24.26 -17.62 17.67
CA GLY B 64 25.55 -17.05 18.00
C GLY B 64 25.71 -16.64 19.45
N GLU B 65 26.92 -16.19 19.75
CA GLU B 65 27.35 -15.91 21.10
C GLU B 65 26.52 -14.80 21.72
N VAL B 66 26.66 -14.67 23.05
CA VAL B 66 26.11 -13.55 23.81
C VAL B 66 27.26 -12.65 24.22
N PHE B 67 27.18 -11.40 23.80
CA PHE B 67 28.20 -10.41 24.14
C PHE B 67 27.92 -9.86 25.53
N VAL B 68 28.96 -9.37 26.20
CA VAL B 68 28.82 -8.83 27.54
C VAL B 68 29.56 -7.51 27.63
N THR B 69 28.84 -6.47 28.03
CA THR B 69 29.36 -5.11 28.14
C THR B 69 30.19 -4.95 29.41
N GLU B 70 30.81 -3.78 29.54
CA GLU B 70 31.48 -3.44 30.78
C GLU B 70 30.55 -3.53 31.98
N ASP B 71 29.35 -2.96 31.88
CA ASP B 71 28.39 -3.03 32.97
C ASP B 71 27.63 -4.35 33.03
N GLY B 72 28.10 -5.38 32.34
CA GLY B 72 27.55 -6.70 32.56
C GLY B 72 26.19 -6.90 31.95
N ALA B 73 25.82 -6.09 30.96
CA ALA B 73 24.59 -6.27 30.22
C ALA B 73 24.80 -7.28 29.10
N GLU B 74 23.97 -8.31 29.07
CA GLU B 74 23.96 -9.26 27.96
C GLU B 74 23.29 -8.62 26.75
N THR B 75 23.93 -8.74 25.58
CA THR B 75 23.43 -8.11 24.37
C THR B 75 23.65 -9.06 23.19
N ASP B 76 22.95 -8.75 22.10
CA ASP B 76 23.16 -9.44 20.84
C ASP B 76 24.62 -9.35 20.38
N LEU B 77 25.09 -10.42 19.75
CA LEU B 77 26.46 -10.50 19.24
C LEU B 77 26.76 -9.40 18.23
N ASP B 78 25.73 -8.87 17.58
CA ASP B 78 25.92 -7.74 16.67
C ASP B 78 26.64 -6.56 17.33
N VAL B 79 26.52 -6.41 18.64
CA VAL B 79 27.21 -5.32 19.32
C VAL B 79 28.72 -5.50 19.22
N GLY B 80 29.18 -6.75 19.10
CA GLY B 80 30.60 -6.98 18.98
C GLY B 80 31.23 -6.34 17.77
N HIS B 81 30.56 -6.40 16.61
CA HIS B 81 31.12 -5.75 15.44
C HIS B 81 31.24 -4.25 15.62
N TYR B 82 30.27 -3.62 16.28
CA TYR B 82 30.37 -2.19 16.52
C TYR B 82 31.52 -1.86 17.46
N GLU B 83 31.69 -2.65 18.53
CA GLU B 83 32.83 -2.44 19.41
C GLU B 83 34.15 -2.60 18.67
N ARG B 84 34.28 -3.67 17.89
CA ARG B 84 35.53 -3.94 17.19
C ARG B 84 35.86 -2.88 16.17
N PHE B 85 34.88 -2.44 15.39
CA PHE B 85 35.18 -1.44 14.36
C PHE B 85 35.38 -0.04 14.94
N LEU B 86 34.70 0.30 16.04
CA LEU B 86 34.96 1.59 16.66
C LEU B 86 36.22 1.58 17.51
N ASP B 87 36.55 0.44 18.12
CA ASP B 87 37.40 0.40 19.30
C ASP B 87 36.92 1.39 20.37
N ARG B 88 35.69 1.16 20.83
CA ARG B 88 35.10 1.94 21.91
C ARG B 88 34.21 0.99 22.70
N ASN B 89 34.17 1.17 24.01
CA ASN B 89 33.23 0.41 24.82
C ASN B 89 31.84 1.01 24.71
N LEU B 90 30.83 0.15 24.64
CA LEU B 90 29.46 0.59 24.51
C LEU B 90 28.64 0.20 25.74
N PRO B 91 27.70 1.05 26.16
CA PRO B 91 26.84 0.67 27.29
C PRO B 91 25.86 -0.43 26.93
N GLY B 92 25.27 -1.04 27.96
CA GLY B 92 24.18 -1.97 27.77
C GLY B 92 22.97 -1.37 27.10
N SER B 93 22.86 -0.04 27.08
CA SER B 93 21.81 0.66 26.33
C SER B 93 21.95 0.49 24.82
N ALA B 94 23.10 0.04 24.35
CA ALA B 94 23.34 -0.13 22.92
C ALA B 94 22.47 -1.19 22.26
N ASN B 95 21.66 -1.93 23.01
CA ASN B 95 20.81 -2.96 22.40
C ASN B 95 19.41 -2.88 23.00
N VAL B 96 18.53 -2.16 22.32
CA VAL B 96 17.11 -2.17 22.63
C VAL B 96 16.46 -3.37 21.95
N THR B 97 15.40 -3.89 22.56
CA THR B 97 14.56 -4.89 21.92
C THR B 97 13.11 -4.57 22.18
N THR B 98 12.23 -5.11 21.34
CA THR B 98 10.80 -5.01 21.58
C THR B 98 10.40 -5.57 22.94
N GLY B 99 11.08 -6.62 23.40
CA GLY B 99 10.78 -7.17 24.71
C GLY B 99 11.01 -6.20 25.85
N GLN B 100 12.08 -5.41 25.78
CA GLN B 100 12.33 -4.42 26.82
C GLN B 100 11.30 -3.30 26.80
N VAL B 101 10.84 -2.92 25.62
CA VAL B 101 9.83 -1.86 25.52
C VAL B 101 8.49 -2.35 26.04
N TYR B 102 8.00 -3.46 25.51
CA TYR B 102 6.69 -3.93 25.92
C TYR B 102 6.65 -4.32 27.40
N SER B 103 7.70 -4.97 27.92
CA SER B 103 7.69 -5.28 29.34
C SER B 103 7.89 -4.07 30.23
N THR B 104 8.57 -3.02 29.73
CA THR B 104 8.64 -1.78 30.50
C THR B 104 7.28 -1.12 30.59
N VAL B 105 6.60 -0.97 29.46
CA VAL B 105 5.33 -0.25 29.47
C VAL B 105 4.27 -1.03 30.23
N ILE B 106 4.25 -2.36 30.10
CA ILE B 106 3.29 -3.11 30.90
C ILE B 106 3.64 -3.08 32.38
N ALA B 107 4.93 -3.02 32.75
CA ALA B 107 5.26 -2.86 34.16
C ALA B 107 4.78 -1.52 34.71
N LYS B 108 5.05 -0.42 34.00
CA LYS B 108 4.54 0.87 34.43
C LYS B 108 3.01 0.91 34.46
N GLU B 109 2.35 0.16 33.59
CA GLU B 109 0.89 0.04 33.66
C GLU B 109 0.44 -0.62 34.95
N ARG B 110 0.97 -1.80 35.25
CA ARG B 110 0.55 -2.49 36.48
C ARG B 110 0.90 -1.70 37.73
N ARG B 111 2.02 -1.00 37.73
CA ARG B 111 2.33 -0.13 38.86
C ARG B 111 1.51 1.15 38.86
N GLY B 112 0.67 1.37 37.85
CA GLY B 112 -0.27 2.48 37.88
C GLY B 112 0.33 3.85 37.66
N GLU B 113 1.48 3.93 36.99
CA GLU B 113 2.18 5.19 36.83
C GLU B 113 1.69 6.01 35.65
N TYR B 114 0.72 5.50 34.89
CA TYR B 114 0.06 6.26 33.83
C TYR B 114 -1.26 6.87 34.30
N LEU B 115 -1.49 6.93 35.61
CA LEU B 115 -2.66 7.61 36.18
C LEU B 115 -3.98 7.06 35.64
N GLY B 116 -4.01 5.78 35.26
CA GLY B 116 -5.22 5.18 34.74
C GLY B 116 -5.56 5.51 33.31
N ASP B 117 -4.69 6.20 32.59
CA ASP B 117 -4.87 6.39 31.15
C ASP B 117 -4.84 5.05 30.44
N THR B 118 -5.54 4.97 29.32
CA THR B 118 -5.46 3.79 28.46
C THR B 118 -4.11 3.73 27.77
N VAL B 119 -3.45 2.59 27.90
CA VAL B 119 -2.13 2.38 27.31
C VAL B 119 -2.28 1.97 25.86
N GLN B 120 -2.31 2.94 24.96
CA GLN B 120 -2.28 2.68 23.54
C GLN B 120 -0.88 2.25 23.12
N VAL B 121 -0.73 1.80 21.88
CA VAL B 121 0.61 1.64 21.33
C VAL B 121 1.21 3.01 21.01
N ILE B 122 0.45 3.85 20.33
CA ILE B 122 0.82 5.24 20.10
C ILE B 122 0.01 6.11 21.07
N PRO B 123 0.63 7.08 21.75
CA PRO B 123 2.04 7.47 21.75
C PRO B 123 2.93 6.77 22.78
N HIS B 124 2.36 6.02 23.72
CA HIS B 124 3.12 5.58 24.89
C HIS B 124 4.34 4.72 24.52
N ILE B 125 4.13 3.68 23.71
CA ILE B 125 5.26 2.85 23.29
C ILE B 125 6.25 3.63 22.45
N THR B 126 5.78 4.41 21.49
CA THR B 126 6.74 5.02 20.60
C THR B 126 7.47 6.19 21.24
N ASP B 127 6.88 6.82 22.26
CA ASP B 127 7.62 7.74 23.11
C ASP B 127 8.67 7.03 23.95
N GLU B 128 8.35 5.84 24.46
CA GLU B 128 9.38 5.11 25.20
C GLU B 128 10.56 4.74 24.31
N ILE B 129 10.28 4.23 23.11
CA ILE B 129 11.36 3.97 22.15
C ILE B 129 12.14 5.23 21.82
N LYS B 130 11.44 6.34 21.55
CA LYS B 130 12.14 7.58 21.28
C LYS B 130 13.04 7.99 22.44
N ARG B 131 12.59 7.76 23.67
CA ARG B 131 13.42 8.04 24.85
C ARG B 131 14.64 7.14 24.91
N ARG B 132 14.46 5.84 24.68
CA ARG B 132 15.59 4.92 24.62
C ARG B 132 16.59 5.30 23.55
N ILE B 133 16.12 5.89 22.44
CA ILE B 133 17.02 6.38 21.40
C ILE B 133 17.74 7.64 21.85
N LEU B 134 17.00 8.67 22.22
CA LEU B 134 17.58 9.96 22.59
C LEU B 134 18.49 9.86 23.81
N ALA B 135 18.35 8.84 24.63
CA ALA B 135 19.30 8.64 25.72
C ALA B 135 20.74 8.54 25.25
N MET B 136 20.98 8.07 24.02
CA MET B 136 22.35 7.96 23.54
C MET B 136 23.03 9.30 23.35
N ALA B 137 22.27 10.38 23.26
CA ALA B 137 22.83 11.73 23.19
C ALA B 137 23.24 12.30 24.54
N GLN B 138 22.95 11.61 25.63
CA GLN B 138 23.33 12.10 26.95
C GLN B 138 24.84 11.98 27.16
N PRO B 139 25.45 12.93 27.87
CA PRO B 139 26.90 12.88 28.09
C PRO B 139 27.32 11.61 28.82
N ASP B 140 28.52 11.15 28.49
CA ASP B 140 29.06 9.93 29.07
C ASP B 140 29.59 10.21 30.48
N ALA B 141 30.22 9.19 31.08
CA ALA B 141 30.79 9.33 32.42
C ALA B 141 31.91 10.35 32.48
N ASP B 142 32.49 10.73 31.34
CA ASP B 142 33.43 11.83 31.28
C ASP B 142 32.77 13.16 30.92
N GLY B 143 31.47 13.14 30.63
CA GLY B 143 30.76 14.34 30.25
C GLY B 143 30.87 14.73 28.80
N ASN B 144 31.34 13.82 27.95
CA ASN B 144 31.44 14.07 26.52
C ASN B 144 30.18 13.57 25.85
N ARG B 145 29.72 14.30 24.83
CA ARG B 145 28.51 13.94 24.13
C ARG B 145 28.87 13.50 22.72
N PRO B 146 28.38 12.35 22.26
CA PRO B 146 28.72 11.90 20.90
C PRO B 146 28.21 12.85 19.83
N ASP B 147 28.93 12.88 18.71
CA ASP B 147 28.50 13.66 17.56
C ASP B 147 27.43 12.95 16.74
N VAL B 148 27.52 11.64 16.59
CA VAL B 148 26.61 10.91 15.71
C VAL B 148 26.21 9.63 16.40
N VAL B 149 24.92 9.31 16.34
CA VAL B 149 24.39 8.03 16.78
C VAL B 149 23.86 7.27 15.58
N ILE B 150 24.43 6.11 15.31
CA ILE B 150 24.01 5.27 14.19
C ILE B 150 23.14 4.17 14.75
N THR B 151 21.95 3.98 14.19
CA THR B 151 20.91 3.17 14.81
C THR B 151 20.37 2.19 13.79
N GLU B 152 20.84 0.95 13.84
CA GLU B 152 20.41 -0.08 12.91
C GLU B 152 19.03 -0.58 13.30
N ILE B 153 18.02 -0.25 12.50
CA ILE B 153 16.67 -0.76 12.75
C ILE B 153 16.59 -2.21 12.27
N GLY B 154 16.20 -3.08 13.18
CA GLY B 154 16.12 -4.49 12.86
C GLY B 154 14.90 -4.85 12.05
N GLY B 155 14.88 -6.09 11.58
CA GLY B 155 13.89 -6.58 10.64
C GLY B 155 14.00 -5.96 9.25
N THR B 156 12.89 -6.06 8.51
CA THR B 156 12.77 -5.50 7.18
C THR B 156 11.62 -4.51 7.13
N VAL B 157 11.77 -3.47 6.32
CA VAL B 157 10.70 -2.50 6.14
C VAL B 157 9.47 -3.20 5.56
N GLY B 158 8.33 -3.03 6.22
CA GLY B 158 7.12 -3.74 5.87
C GLY B 158 6.84 -4.96 6.73
N ASP B 159 7.77 -5.38 7.58
CA ASP B 159 7.46 -6.38 8.58
C ASP B 159 6.57 -5.80 9.67
N ILE B 160 5.52 -6.55 10.04
CA ILE B 160 4.78 -6.21 11.25
C ILE B 160 5.72 -6.22 12.44
N GLU B 161 6.76 -7.03 12.36
CA GLU B 161 7.83 -7.09 13.35
C GLU B 161 8.53 -5.76 13.62
N SER B 162 8.47 -4.81 12.69
CA SER B 162 9.23 -3.59 12.95
CA SER B 162 9.21 -3.54 12.66
C SER B 162 8.40 -2.32 12.99
N GLN B 163 7.11 -2.34 12.71
CA GLN B 163 6.35 -1.10 12.52
C GLN B 163 6.50 -0.11 13.66
N PRO B 164 6.43 -0.50 14.93
CA PRO B 164 6.61 0.50 16.01
C PRO B 164 7.96 1.20 16.01
N PHE B 165 9.04 0.51 15.66
CA PHE B 165 10.33 1.19 15.57
C PHE B 165 10.36 2.22 14.44
N LEU B 166 9.72 1.90 13.32
CA LEU B 166 9.71 2.86 12.21
C LEU B 166 8.79 4.04 12.47
N GLU B 167 7.70 3.83 13.19
CA GLU B 167 6.91 4.97 13.67
C GLU B 167 7.69 5.83 14.66
N ALA B 168 8.49 5.21 15.52
CA ALA B 168 9.36 5.99 16.41
C ALA B 168 10.41 6.77 15.63
N ALA B 169 11.01 6.16 14.62
CA ALA B 169 11.95 6.87 13.76
C ALA B 169 11.30 8.05 13.06
N ARG B 170 10.10 7.86 12.54
CA ARG B 170 9.34 8.96 11.96
C ARG B 170 9.14 10.10 12.97
N GLN B 171 8.71 9.78 14.19
CA GLN B 171 8.54 10.84 15.19
C GLN B 171 9.86 11.56 15.50
N VAL B 172 10.95 10.82 15.62
CA VAL B 172 12.25 11.47 15.86
C VAL B 172 12.59 12.42 14.70
N ARG B 173 12.33 11.98 13.48
CA ARG B 173 12.56 12.81 12.29
C ARG B 173 11.69 14.06 12.31
N HIS B 174 10.51 13.97 12.89
CA HIS B 174 9.68 15.16 13.07
C HIS B 174 10.25 16.12 14.10
N TYR B 175 10.62 15.60 15.28
CA TYR B 175 11.02 16.50 16.37
C TYR B 175 12.41 17.11 16.16
N LEU B 176 13.36 16.36 15.58
CA LEU B 176 14.68 16.93 15.36
C LEU B 176 14.82 17.68 14.04
N GLY B 177 14.07 17.30 13.01
CA GLY B 177 14.16 17.95 11.72
C GLY B 177 15.30 17.48 10.85
N ARG B 178 15.08 17.58 9.54
CA ARG B 178 15.95 16.97 8.54
C ARG B 178 17.36 17.54 8.50
N GLU B 179 17.63 18.66 9.17
CA GLU B 179 19.01 19.09 9.33
C GLU B 179 19.83 18.12 10.17
N ASP B 180 19.17 17.35 11.04
CA ASP B 180 19.85 16.59 12.08
C ASP B 180 19.55 15.10 12.04
N VAL B 181 18.70 14.63 11.13
CA VAL B 181 18.42 13.21 10.96
C VAL B 181 18.67 12.83 9.52
N PHE B 182 19.36 11.71 9.32
CA PHE B 182 19.67 11.17 8.01
C PHE B 182 19.23 9.72 8.01
N PHE B 183 18.72 9.24 6.87
CA PHE B 183 18.46 7.82 6.67
C PHE B 183 19.33 7.25 5.58
N LEU B 184 20.18 6.28 5.93
CA LEU B 184 20.71 5.36 4.97
C LEU B 184 19.63 4.35 4.61
N HIS B 185 19.83 3.63 3.50
CA HIS B 185 18.99 2.48 3.22
C HIS B 185 19.79 1.41 2.48
N VAL B 186 19.52 0.14 2.79
CA VAL B 186 20.24 -0.99 2.22
C VAL B 186 19.26 -1.89 1.47
N SER B 187 19.56 -2.20 0.21
CA SER B 187 18.62 -2.95 -0.60
C SER B 187 19.37 -3.84 -1.59
N LEU B 188 18.73 -4.97 -1.93
CA LEU B 188 19.33 -5.98 -2.77
C LEU B 188 19.16 -5.63 -4.26
N VAL B 189 20.18 -5.95 -5.05
CA VAL B 189 20.10 -5.84 -6.51
C VAL B 189 20.38 -7.21 -7.12
N PRO B 190 19.37 -8.04 -7.38
CA PRO B 190 19.63 -9.40 -7.85
C PRO B 190 20.19 -9.42 -9.27
N TYR B 191 21.06 -10.39 -9.51
CA TYR B 191 21.51 -10.75 -10.85
C TYR B 191 20.70 -11.92 -11.35
N LEU B 192 20.19 -11.82 -12.58
CA LEU B 192 19.43 -12.90 -13.20
C LEU B 192 20.29 -13.60 -14.25
N ALA B 193 20.43 -14.92 -14.11
CA ALA B 193 21.40 -15.66 -14.92
C ALA B 193 20.98 -15.88 -16.38
N PRO B 194 19.70 -16.15 -16.65
CA PRO B 194 19.31 -16.34 -18.06
C PRO B 194 19.46 -15.10 -18.92
N SER B 195 19.16 -13.93 -18.38
CA SER B 195 19.26 -12.68 -19.12
C SER B 195 20.58 -11.95 -18.91
N GLY B 196 21.26 -12.18 -17.80
CA GLY B 196 22.55 -11.56 -17.56
C GLY B 196 22.51 -10.07 -17.33
N GLU B 197 21.63 -9.60 -16.46
CA GLU B 197 21.47 -8.17 -16.22
C GLU B 197 21.05 -7.96 -14.77
N LEU B 198 21.42 -6.81 -14.22
CA LEU B 198 20.96 -6.41 -12.91
C LEU B 198 19.56 -5.78 -12.99
N LYS B 199 18.70 -6.11 -12.03
CA LYS B 199 17.34 -5.61 -12.00
C LYS B 199 17.15 -4.69 -10.81
N THR B 200 16.74 -3.44 -11.06
CA THR B 200 16.47 -2.45 -10.03
C THR B 200 15.06 -2.50 -9.46
N LYS B 201 14.13 -3.22 -10.10
CA LYS B 201 12.74 -3.16 -9.69
C LYS B 201 12.49 -3.52 -8.23
N PRO B 202 13.14 -4.53 -7.65
CA PRO B 202 12.98 -4.75 -6.21
C PRO B 202 13.41 -3.58 -5.34
N THR B 203 14.42 -2.81 -5.74
CA THR B 203 14.79 -1.64 -4.96
C THR B 203 13.74 -0.53 -5.08
N GLN B 204 13.14 -0.35 -6.25
CA GLN B 204 12.05 0.60 -6.37
C GLN B 204 10.86 0.23 -5.49
N HIS B 205 10.44 -1.03 -5.55
CA HIS B 205 9.37 -1.48 -4.66
C HIS B 205 9.73 -1.37 -3.18
N SER B 206 11.01 -1.54 -2.83
CA SER B 206 11.42 -1.30 -1.46
C SER B 206 11.28 0.17 -1.05
N VAL B 207 11.86 1.08 -1.82
CA VAL B 207 11.78 2.48 -1.43
C VAL B 207 10.33 2.98 -1.45
N ALA B 208 9.48 2.40 -2.32
CA ALA B 208 8.05 2.69 -2.24
C ALA B 208 7.43 2.23 -0.92
N ALA B 209 7.76 1.02 -0.48
CA ALA B 209 7.24 0.55 0.80
C ALA B 209 7.75 1.41 1.95
N LEU B 210 9.02 1.79 1.93
CA LEU B 210 9.55 2.67 2.95
C LEU B 210 8.85 4.03 2.97
N ARG B 211 8.64 4.64 1.80
CA ARG B 211 7.92 5.90 1.78
C ARG B 211 6.48 5.77 2.26
N SER B 212 5.85 4.61 2.04
CA SER B 212 4.47 4.47 2.48
C SER B 212 4.29 4.66 3.98
N ILE B 213 5.35 4.55 4.78
CA ILE B 213 5.27 4.81 6.21
C ILE B 213 5.90 6.15 6.58
N GLY B 214 6.20 7.00 5.61
CA GLY B 214 6.58 8.37 5.91
C GLY B 214 8.05 8.61 6.19
N ILE B 215 8.94 7.70 5.83
CA ILE B 215 10.38 7.90 5.93
C ILE B 215 10.91 8.16 4.52
N THR B 216 11.78 9.17 4.39
CA THR B 216 12.39 9.47 3.10
C THR B 216 13.87 9.08 3.12
N PRO B 217 14.30 8.10 2.32
CA PRO B 217 15.72 7.73 2.32
C PRO B 217 16.57 8.76 1.62
N ASP B 218 17.66 9.15 2.26
CA ASP B 218 18.60 10.12 1.70
C ASP B 218 19.70 9.49 0.86
N ALA B 219 20.02 8.21 1.08
CA ALA B 219 20.95 7.52 0.21
C ALA B 219 20.61 6.04 0.17
N LEU B 220 20.93 5.41 -0.95
CA LEU B 220 20.80 3.97 -1.12
C LEU B 220 22.16 3.30 -1.14
N ILE B 221 22.32 2.24 -0.37
CA ILE B 221 23.41 1.29 -0.54
C ILE B 221 22.86 0.08 -1.27
N LEU B 222 23.41 -0.20 -2.44
CA LEU B 222 22.97 -1.30 -3.30
C LEU B 222 23.89 -2.49 -3.12
N ARG B 223 23.33 -3.62 -2.70
CA ARG B 223 24.10 -4.83 -2.40
C ARG B 223 24.03 -5.78 -3.58
N CYS B 224 25.18 -6.07 -4.18
CA CYS B 224 25.25 -6.70 -5.48
C CYS B 224 26.53 -7.52 -5.55
N ASP B 225 26.55 -8.50 -6.45
CA ASP B 225 27.74 -9.32 -6.66
C ASP B 225 28.70 -8.70 -7.66
N ARG B 226 28.36 -7.57 -8.27
CA ARG B 226 29.26 -6.91 -9.20
C ARG B 226 28.97 -5.41 -9.17
N ASP B 227 29.94 -4.62 -9.62
CA ASP B 227 29.77 -3.17 -9.56
C ASP B 227 28.55 -2.74 -10.36
N VAL B 228 27.67 -1.97 -9.72
CA VAL B 228 26.44 -1.53 -10.39
C VAL B 228 26.79 -0.59 -11.54
N PRO B 229 26.31 -0.85 -12.76
CA PRO B 229 26.58 0.09 -13.86
C PRO B 229 26.02 1.47 -13.55
N GLU B 230 26.73 2.50 -14.01
CA GLU B 230 26.23 3.87 -13.89
C GLU B 230 24.85 4.03 -14.55
N ALA B 231 24.59 3.26 -15.61
CA ALA B 231 23.29 3.28 -16.27
C ALA B 231 22.14 2.78 -15.41
N LEU B 232 22.40 1.99 -14.38
CA LEU B 232 21.35 1.65 -13.41
C LEU B 232 21.32 2.60 -12.23
N LYS B 233 22.47 3.13 -11.82
CA LYS B 233 22.46 4.13 -10.76
C LYS B 233 21.63 5.35 -11.16
N ASN B 234 21.76 5.80 -12.41
CA ASN B 234 20.93 6.92 -12.87
C ASN B 234 19.44 6.57 -12.87
N LYS B 235 19.08 5.36 -13.28
CA LYS B 235 17.68 4.98 -13.24
C LYS B 235 17.15 4.91 -11.82
N ILE B 236 17.96 4.44 -10.88
CA ILE B 236 17.52 4.41 -9.48
C ILE B 236 17.36 5.83 -8.95
N ALA B 237 18.31 6.72 -9.24
CA ALA B 237 18.14 8.10 -8.82
C ALA B 237 16.89 8.74 -9.41
N LEU B 238 16.53 8.38 -10.64
CA LEU B 238 15.27 8.84 -11.23
C LEU B 238 14.04 8.31 -10.49
N MET B 239 13.97 7.00 -10.30
CA MET B 239 12.76 6.36 -9.79
C MET B 239 12.63 6.35 -8.28
N CYS B 240 13.69 6.67 -7.54
CA CYS B 240 13.66 6.75 -6.09
C CYS B 240 13.76 8.16 -5.56
N ASP B 241 14.06 9.14 -6.41
CA ASP B 241 14.29 10.52 -5.99
C ASP B 241 15.37 10.60 -4.92
N VAL B 242 16.43 9.81 -5.14
CA VAL B 242 17.61 9.80 -4.30
C VAL B 242 18.66 10.60 -5.04
N ASP B 243 19.29 11.55 -4.37
CA ASP B 243 20.29 12.37 -5.03
C ASP B 243 21.42 11.48 -5.57
N ILE B 244 21.80 11.70 -6.83
CA ILE B 244 22.64 10.73 -7.53
C ILE B 244 24.03 10.62 -6.97
N ASP B 245 24.45 11.56 -6.13
CA ASP B 245 25.61 11.32 -5.28
C ASP B 245 25.39 10.12 -4.37
N GLY B 246 24.15 9.90 -3.95
CA GLY B 246 23.83 8.95 -2.90
C GLY B 246 23.29 7.60 -3.34
N VAL B 247 23.52 7.20 -4.58
CA VAL B 247 23.34 5.80 -4.97
C VAL B 247 24.72 5.17 -5.04
N ILE B 248 24.97 4.22 -4.14
CA ILE B 248 26.32 3.73 -3.87
C ILE B 248 26.40 2.25 -4.24
N SER B 249 27.35 1.92 -5.11
CA SER B 249 27.68 0.53 -5.37
C SER B 249 28.44 -0.07 -4.19
N THR B 250 28.07 -1.29 -3.80
CA THR B 250 28.80 -2.03 -2.78
C THR B 250 28.84 -3.50 -3.15
N PRO B 251 29.89 -3.93 -3.85
CA PRO B 251 30.04 -5.36 -4.16
C PRO B 251 30.21 -6.17 -2.89
N ASP B 252 30.06 -7.49 -3.03
CA ASP B 252 30.50 -8.39 -1.98
C ASP B 252 32.02 -8.31 -1.85
N ALA B 253 32.50 -7.80 -0.71
CA ALA B 253 33.92 -7.59 -0.51
C ALA B 253 34.62 -8.92 -0.27
N PRO B 254 35.95 -8.94 -0.41
CA PRO B 254 36.69 -10.20 -0.14
C PRO B 254 36.61 -10.61 1.31
N SER B 255 36.64 -9.65 2.23
CA SER B 255 36.57 -9.92 3.65
C SER B 255 35.97 -8.70 4.33
N ILE B 256 35.48 -8.91 5.55
CA ILE B 256 34.80 -7.85 6.28
C ILE B 256 35.70 -6.64 6.50
N TYR B 257 37.00 -6.85 6.63
CA TYR B 257 37.88 -5.71 6.90
CA TYR B 257 38.00 -5.81 6.82
C TYR B 257 38.13 -4.86 5.64
N ASP B 258 37.79 -5.34 4.46
CA ASP B 258 37.91 -4.55 3.25
C ASP B 258 36.76 -3.56 3.03
N ILE B 259 35.63 -3.74 3.73
CA ILE B 259 34.45 -2.91 3.46
C ILE B 259 34.68 -1.42 3.67
N PRO B 260 35.47 -0.97 4.64
CA PRO B 260 35.75 0.48 4.69
C PRO B 260 36.37 1.03 3.42
N LYS B 261 37.23 0.26 2.76
CA LYS B 261 37.75 0.72 1.48
C LYS B 261 36.64 0.80 0.44
N VAL B 262 35.75 -0.18 0.41
CA VAL B 262 34.65 -0.13 -0.55
C VAL B 262 33.84 1.14 -0.35
N LEU B 263 33.40 1.41 0.88
CA LEU B 263 32.59 2.61 1.13
C LEU B 263 33.36 3.88 0.83
N HIS B 264 34.67 3.91 1.09
CA HIS B 264 35.42 5.13 0.78
C HIS B 264 35.68 5.32 -0.70
N ARG B 265 35.84 4.23 -1.45
CA ARG B 265 36.07 4.34 -2.88
C ARG B 265 34.84 4.83 -3.63
N GLU B 266 33.63 4.52 -3.16
CA GLU B 266 32.43 5.18 -3.65
C GLU B 266 32.15 6.52 -2.97
N GLU B 267 32.98 6.94 -2.02
CA GLU B 267 32.84 8.26 -1.37
C GLU B 267 31.47 8.46 -0.73
N LEU B 268 30.94 7.42 -0.08
CA LEU B 268 29.73 7.58 0.73
C LEU B 268 29.94 8.57 1.86
N ASP B 269 31.04 8.41 2.61
CA ASP B 269 31.18 9.16 3.85
C ASP B 269 31.32 10.66 3.61
N ALA B 270 31.90 11.06 2.48
CA ALA B 270 31.98 12.49 2.19
C ALA B 270 30.58 13.07 1.99
N PHE B 271 29.70 12.30 1.37
CA PHE B 271 28.33 12.75 1.20
C PHE B 271 27.58 12.79 2.53
N VAL B 272 27.79 11.80 3.39
CA VAL B 272 27.19 11.83 4.73
C VAL B 272 27.65 13.07 5.51
N VAL B 273 28.95 13.32 5.54
CA VAL B 273 29.47 14.49 6.26
C VAL B 273 28.94 15.79 5.66
N ARG B 274 28.84 15.88 4.35
CA ARG B 274 28.28 17.07 3.72
C ARG B 274 26.79 17.24 4.01
N ARG B 275 26.05 16.14 4.04
CA ARG B 275 24.60 16.19 4.25
C ARG B 275 24.23 16.51 5.70
N LEU B 276 24.95 15.95 6.67
CA LEU B 276 24.71 16.27 8.07
C LEU B 276 25.42 17.53 8.53
N ASN B 277 26.30 18.11 7.71
CA ASN B 277 27.05 19.29 8.07
C ASN B 277 27.89 19.10 9.34
N LEU B 278 28.45 17.91 9.49
CA LEU B 278 29.40 17.64 10.56
C LEU B 278 30.71 18.38 10.30
N PRO B 279 31.55 18.54 11.33
CA PRO B 279 32.83 19.22 11.13
C PRO B 279 33.76 18.43 10.22
N PHE B 280 33.92 18.92 8.98
CA PHE B 280 34.63 18.19 7.95
C PHE B 280 36.13 18.18 8.20
N ARG B 281 36.73 16.98 8.18
CA ARG B 281 38.18 16.84 8.30
C ARG B 281 38.62 15.59 7.53
N ASP B 282 39.87 15.60 7.09
CA ASP B 282 40.38 14.56 6.20
C ASP B 282 40.45 13.19 6.89
N VAL B 283 40.14 12.15 6.11
CA VAL B 283 40.36 10.77 6.55
C VAL B 283 41.85 10.47 6.62
N ASP B 284 42.29 9.85 7.71
CA ASP B 284 43.63 9.28 7.82
C ASP B 284 43.55 7.76 7.85
N TRP B 285 44.12 7.11 6.83
CA TRP B 285 44.15 5.66 6.72
C TRP B 285 45.29 5.01 7.49
N THR B 286 46.19 5.79 8.09
CA THR B 286 47.44 5.23 8.63
C THR B 286 47.18 4.11 9.62
N GLU B 287 46.07 4.16 10.34
CA GLU B 287 45.72 3.12 11.29
C GLU B 287 45.22 1.84 10.63
N TRP B 288 44.74 1.89 9.39
CA TRP B 288 44.07 0.76 8.76
C TRP B 288 44.78 0.21 7.53
N ASP B 289 45.63 0.99 6.87
CA ASP B 289 46.49 0.43 5.82
C ASP B 289 47.38 -0.68 6.36
N ASP B 290 47.93 -0.52 7.57
CA ASP B 290 48.77 -1.57 8.12
C ASP B 290 47.98 -2.83 8.45
N LEU B 291 46.73 -2.68 8.89
CA LEU B 291 45.86 -3.83 9.04
C LEU B 291 45.66 -4.53 7.71
N LEU B 292 45.34 -3.78 6.65
CA LEU B 292 45.08 -4.43 5.37
C LEU B 292 46.33 -5.10 4.79
N ARG B 293 47.51 -4.53 5.03
CA ARG B 293 48.75 -5.23 4.71
C ARG B 293 48.84 -6.57 5.45
N ARG B 294 48.72 -6.53 6.77
CA ARG B 294 48.83 -7.78 7.54
C ARG B 294 47.79 -8.80 7.09
N VAL B 295 46.58 -8.34 6.78
CA VAL B 295 45.51 -9.23 6.33
C VAL B 295 45.83 -9.87 5.00
N HIS B 296 46.45 -9.12 4.08
CA HIS B 296 46.65 -9.61 2.73
C HIS B 296 48.03 -10.22 2.46
N GLU B 297 49.01 -10.00 3.32
CA GLU B 297 50.39 -10.45 3.08
C GLU B 297 50.87 -11.30 4.24
N PRO B 298 50.29 -12.49 4.42
CA PRO B 298 50.76 -13.39 5.49
C PRO B 298 52.11 -13.98 5.15
N HIS B 299 53.04 -13.92 6.11
CA HIS B 299 54.32 -14.59 5.92
C HIS B 299 54.23 -16.10 6.08
N GLU B 300 53.28 -16.60 6.87
CA GLU B 300 53.20 -18.02 7.12
C GLU B 300 51.81 -18.38 7.61
N THR B 301 51.46 -19.65 7.45
CA THR B 301 50.19 -20.18 7.93
C THR B 301 50.43 -21.05 9.15
N VAL B 302 49.62 -20.84 10.19
CA VAL B 302 49.73 -21.61 11.43
C VAL B 302 48.34 -22.06 11.81
N ARG B 303 48.19 -23.34 12.16
CA ARG B 303 46.89 -23.94 12.41
C ARG B 303 46.64 -24.07 13.92
N ILE B 304 45.48 -23.60 14.35
CA ILE B 304 45.01 -23.74 15.72
C ILE B 304 43.75 -24.59 15.68
N ALA B 305 43.72 -25.65 16.46
CA ALA B 305 42.47 -26.36 16.70
C ALA B 305 41.65 -25.64 17.77
N LEU B 306 40.35 -25.53 17.50
CA LEU B 306 39.39 -24.98 18.45
C LEU B 306 38.40 -26.08 18.82
N VAL B 307 38.38 -26.46 20.09
CA VAL B 307 37.66 -27.66 20.49
C VAL B 307 36.24 -27.29 20.89
N GLY B 308 35.41 -26.98 19.91
CA GLY B 308 34.03 -26.62 20.18
C GLY B 308 33.16 -27.82 20.50
N LYS B 309 32.09 -27.55 21.25
CA LYS B 309 31.13 -28.60 21.58
C LYS B 309 30.33 -29.02 20.35
N TYR B 310 29.75 -28.05 19.64
CA TYR B 310 29.09 -28.31 18.38
C TYR B 310 29.52 -27.24 17.40
N VAL B 311 29.86 -27.65 16.18
CA VAL B 311 30.67 -26.83 15.29
C VAL B 311 30.08 -26.71 13.89
N GLU B 312 28.86 -27.22 13.70
CA GLU B 312 28.23 -27.07 12.38
C GLU B 312 27.80 -25.64 12.13
N LEU B 313 27.52 -24.86 13.17
CA LEU B 313 27.39 -23.42 13.07
C LEU B 313 28.57 -22.78 13.77
N SER B 314 29.45 -22.15 12.99
CA SER B 314 30.62 -21.46 13.51
C SER B 314 30.31 -20.13 14.16
N ASP B 315 29.14 -19.55 13.86
CA ASP B 315 28.77 -18.26 14.45
C ASP B 315 28.66 -18.31 15.97
N ALA B 316 28.46 -19.49 16.54
CA ALA B 316 28.50 -19.64 18.00
C ALA B 316 29.86 -19.26 18.60
N TYR B 317 30.91 -19.14 17.81
CA TYR B 317 32.23 -18.82 18.34
C TYR B 317 32.83 -17.55 17.73
N LEU B 318 31.98 -16.74 17.10
CA LEU B 318 32.44 -15.63 16.28
C LEU B 318 33.56 -14.82 16.93
N SER B 319 33.33 -14.32 18.15
CA SER B 319 34.33 -13.45 18.74
C SER B 319 35.59 -14.20 19.15
N VAL B 320 35.48 -15.49 19.44
CA VAL B 320 36.68 -16.28 19.71
C VAL B 320 37.54 -16.39 18.46
N ALA B 321 36.92 -16.80 17.36
CA ALA B 321 37.63 -16.90 16.09
C ALA B 321 38.22 -15.56 15.64
N GLU B 322 37.46 -14.47 15.79
CA GLU B 322 37.99 -13.16 15.45
C GLU B 322 39.13 -12.73 16.38
N ALA B 323 39.10 -13.09 17.65
CA ALA B 323 40.22 -12.77 18.52
C ALA B 323 41.45 -13.56 18.16
N LEU B 324 41.29 -14.85 17.84
CA LEU B 324 42.41 -15.62 17.32
C LEU B 324 43.04 -14.94 16.10
N ARG B 325 42.22 -14.65 15.10
CA ARG B 325 42.77 -14.05 13.88
C ARG B 325 43.39 -12.69 14.13
N ALA B 326 42.80 -11.88 15.00
CA ALA B 326 43.45 -10.64 15.41
C ALA B 326 44.80 -10.89 16.07
N GLY B 327 44.94 -11.98 16.82
CA GLY B 327 46.26 -12.34 17.32
C GLY B 327 47.21 -12.73 16.21
N GLY B 328 46.73 -13.53 15.26
CA GLY B 328 47.53 -13.89 14.10
C GLY B 328 48.08 -12.69 13.37
N PHE B 329 47.23 -11.69 13.13
CA PHE B 329 47.67 -10.48 12.44
C PHE B 329 48.82 -9.79 13.17
N LYS B 330 48.92 -9.98 14.48
CA LYS B 330 50.04 -9.36 15.19
C LYS B 330 51.38 -9.98 14.82
N HIS B 331 51.42 -11.27 14.49
CA HIS B 331 52.63 -11.92 14.03
C HIS B 331 52.68 -12.07 12.51
N ARG B 332 51.81 -11.37 11.78
CA ARG B 332 51.73 -11.49 10.33
C ARG B 332 51.47 -12.92 9.88
N ALA B 333 50.80 -13.71 10.71
CA ALA B 333 50.53 -15.12 10.42
C ALA B 333 49.07 -15.28 10.06
N LYS B 334 48.80 -16.03 8.99
CA LYS B 334 47.44 -16.47 8.69
C LYS B 334 47.07 -17.59 9.66
N VAL B 335 46.34 -17.25 10.71
CA VAL B 335 45.75 -18.28 11.57
C VAL B 335 44.61 -18.95 10.82
N GLU B 336 44.72 -20.27 10.64
CA GLU B 336 43.64 -21.08 10.08
C GLU B 336 43.11 -21.99 11.17
N ILE B 337 41.79 -22.08 11.29
CA ILE B 337 41.16 -22.74 12.42
C ILE B 337 40.70 -24.13 11.99
N CYS B 338 41.23 -25.15 12.64
CA CYS B 338 40.73 -26.52 12.50
C CYS B 338 39.57 -26.70 13.47
N TRP B 339 38.35 -26.71 12.95
CA TRP B 339 37.15 -26.84 13.78
C TRP B 339 37.03 -28.29 14.24
N VAL B 340 37.35 -28.54 15.50
CA VAL B 340 37.40 -29.89 16.08
C VAL B 340 36.22 -30.04 17.01
N ALA B 341 35.41 -31.07 16.80
CA ALA B 341 34.22 -31.33 17.59
C ALA B 341 34.58 -32.14 18.83
N SER B 342 34.28 -31.57 20.00
CA SER B 342 34.81 -32.11 21.26
C SER B 342 34.41 -33.57 21.46
N ASP B 343 33.23 -33.97 20.98
CA ASP B 343 32.76 -35.33 21.25
C ASP B 343 33.55 -36.37 20.48
N GLY B 344 34.36 -35.97 19.51
CA GLY B 344 35.35 -36.84 18.91
C GLY B 344 36.61 -37.02 19.72
N CYS B 345 36.79 -36.25 20.78
CA CYS B 345 38.05 -36.19 21.51
C CYS B 345 37.96 -36.80 22.91
N GLU B 346 36.86 -37.47 23.23
CA GLU B 346 36.70 -38.05 24.56
C GLU B 346 37.56 -39.30 24.75
N THR B 347 38.00 -39.94 23.68
CA THR B 347 38.96 -41.04 23.75
C THR B 347 40.32 -40.58 23.24
N THR B 348 41.38 -41.04 23.90
CA THR B 348 42.72 -40.61 23.55
C THR B 348 43.12 -41.01 22.14
N SER B 349 42.57 -42.13 21.64
CA SER B 349 42.81 -42.48 20.24
C SER B 349 42.12 -41.52 19.29
N GLY B 350 40.86 -41.17 19.59
CA GLY B 350 40.18 -40.14 18.82
C GLY B 350 40.81 -38.77 18.98
N ALA B 351 41.24 -38.44 20.19
CA ALA B 351 41.96 -37.20 20.40
C ALA B 351 43.23 -37.14 19.55
N ALA B 352 44.02 -38.21 19.55
CA ALA B 352 45.22 -38.24 18.71
C ALA B 352 44.87 -38.13 17.23
N ALA B 353 43.83 -38.83 16.79
CA ALA B 353 43.42 -38.76 15.39
C ALA B 353 42.98 -37.35 14.99
N ALA B 354 42.34 -36.61 15.90
CA ALA B 354 41.89 -35.27 15.56
C ALA B 354 43.00 -34.22 15.68
N LEU B 355 43.67 -34.17 16.83
CA LEU B 355 44.45 -33.00 17.21
C LEU B 355 45.91 -33.03 16.75
N GLY B 356 46.40 -34.17 16.29
CA GLY B 356 47.83 -34.29 15.99
C GLY B 356 48.33 -33.43 14.86
N ASP B 357 47.43 -32.86 14.05
CA ASP B 357 47.81 -32.16 12.83
C ASP B 357 48.09 -30.66 13.03
N VAL B 358 47.91 -30.12 14.23
CA VAL B 358 47.84 -28.69 14.44
C VAL B 358 49.01 -28.23 15.30
N HIS B 359 49.16 -26.91 15.40
CA HIS B 359 50.22 -26.29 16.18
C HIS B 359 49.71 -25.66 17.48
N GLY B 360 48.44 -25.79 17.79
CA GLY B 360 47.93 -25.33 19.06
C GLY B 360 46.47 -25.70 19.18
N VAL B 361 46.01 -25.74 20.43
CA VAL B 361 44.62 -26.09 20.72
C VAL B 361 44.04 -25.08 21.69
N LEU B 362 42.80 -24.66 21.44
CA LEU B 362 42.14 -23.65 22.24
CA LEU B 362 42.13 -23.59 22.17
C LEU B 362 40.85 -24.19 22.78
N ILE B 363 40.61 -23.93 24.06
CA ILE B 363 39.39 -24.43 24.71
C ILE B 363 38.42 -23.28 24.91
N PRO B 364 37.42 -23.10 24.05
CA PRO B 364 36.52 -21.97 24.20
C PRO B 364 35.53 -22.21 25.33
N GLY B 365 34.81 -21.15 25.68
CA GLY B 365 33.78 -21.24 26.69
C GLY B 365 32.62 -22.10 26.23
N GLY B 366 31.67 -22.28 27.14
CA GLY B 366 30.54 -23.15 26.87
C GLY B 366 29.50 -23.04 27.96
N PHE B 367 29.14 -21.82 28.32
CA PHE B 367 28.09 -21.60 29.31
C PHE B 367 26.80 -22.29 28.86
N GLY B 368 26.25 -23.12 29.74
CA GLY B 368 24.99 -23.79 29.48
C GLY B 368 25.08 -25.10 28.71
N ILE B 369 26.26 -25.50 28.25
CA ILE B 369 26.39 -26.83 27.64
C ILE B 369 26.39 -27.90 28.73
N ARG B 370 26.16 -29.14 28.31
CA ARG B 370 26.29 -30.31 29.16
C ARG B 370 27.34 -31.27 28.62
N GLY B 371 28.07 -31.91 29.54
CA GLY B 371 29.05 -32.92 29.19
C GLY B 371 30.33 -32.38 28.60
N ILE B 372 31.39 -32.41 29.39
CA ILE B 372 32.65 -31.74 29.06
C ILE B 372 33.82 -32.70 28.97
N GLU B 373 33.60 -34.00 29.20
CA GLU B 373 34.73 -34.93 29.31
C GLU B 373 35.54 -34.98 28.03
N GLY B 374 34.93 -34.68 26.88
CA GLY B 374 35.71 -34.53 25.67
C GLY B 374 36.79 -33.48 25.78
N LYS B 375 36.45 -32.33 26.36
CA LYS B 375 37.44 -31.27 26.52
C LYS B 375 38.54 -31.67 27.48
N ILE B 376 38.20 -32.37 28.56
CA ILE B 376 39.22 -32.83 29.49
C ILE B 376 40.17 -33.82 28.80
N GLY B 377 39.61 -34.77 28.06
CA GLY B 377 40.45 -35.67 27.29
C GLY B 377 41.36 -34.96 26.31
N ALA B 378 40.82 -33.98 25.59
CA ALA B 378 41.62 -33.19 24.67
C ALA B 378 42.74 -32.45 25.38
N ILE B 379 42.50 -31.93 26.57
CA ILE B 379 43.55 -31.24 27.29
C ILE B 379 44.62 -32.22 27.79
N ALA B 380 44.20 -33.37 28.31
CA ALA B 380 45.16 -34.38 28.75
C ALA B 380 46.06 -34.84 27.61
N TYR B 381 45.46 -35.06 26.44
CA TYR B 381 46.25 -35.31 25.24
C TYR B 381 47.19 -34.16 24.94
N ALA B 382 46.67 -32.93 24.90
CA ALA B 382 47.52 -31.82 24.48
C ALA B 382 48.70 -31.64 25.42
N ARG B 383 48.48 -31.84 26.72
CA ARG B 383 49.58 -31.83 27.68
C ARG B 383 50.61 -32.92 27.38
N ALA B 384 50.16 -34.16 27.17
CA ALA B 384 51.12 -35.22 26.90
C ALA B 384 51.88 -34.96 25.58
N ARG B 385 51.16 -34.47 24.57
CA ARG B 385 51.76 -34.17 23.27
C ARG B 385 52.55 -32.87 23.26
N GLY B 386 52.35 -32.00 24.24
CA GLY B 386 53.07 -30.74 24.30
C GLY B 386 52.44 -29.61 23.51
N LEU B 387 51.19 -29.76 23.08
CA LEU B 387 50.52 -28.71 22.32
C LEU B 387 50.17 -27.53 23.22
N PRO B 388 50.45 -26.30 22.81
CA PRO B 388 49.99 -25.15 23.59
C PRO B 388 48.49 -25.13 23.76
N VAL B 389 48.04 -24.74 24.95
CA VAL B 389 46.64 -24.70 25.29
C VAL B 389 46.30 -23.35 25.90
N LEU B 390 45.13 -22.83 25.54
CA LEU B 390 44.48 -21.74 26.26
C LEU B 390 43.04 -22.12 26.56
N GLY B 391 42.62 -21.94 27.81
CA GLY B 391 41.25 -22.19 28.20
C GLY B 391 40.49 -20.95 28.61
N LEU B 392 39.37 -20.68 27.93
CA LEU B 392 38.73 -19.37 28.05
C LEU B 392 37.98 -19.24 29.37
N CYS B 393 36.88 -19.98 29.53
CA CYS B 393 36.16 -19.96 30.80
C CYS B 393 35.91 -21.36 31.32
N LEU B 394 34.97 -22.08 30.71
CA LEU B 394 34.89 -23.52 30.89
C LEU B 394 36.20 -24.20 30.57
N GLY B 395 37.01 -23.59 29.70
CA GLY B 395 38.34 -24.10 29.47
C GLY B 395 39.19 -24.19 30.72
N LEU B 396 39.19 -23.15 31.55
CA LEU B 396 39.90 -23.23 32.82
C LEU B 396 39.34 -24.31 33.72
N GLN B 397 38.03 -24.51 33.72
CA GLN B 397 37.45 -25.54 34.58
C GLN B 397 37.81 -26.95 34.11
N CYS B 398 37.92 -27.15 32.80
CA CYS B 398 38.42 -28.42 32.28
C CYS B 398 39.91 -28.60 32.55
N ILE B 399 40.70 -27.54 32.40
CA ILE B 399 42.12 -27.63 32.76
C ILE B 399 42.29 -27.99 34.23
N VAL B 400 41.53 -27.35 35.11
CA VAL B 400 41.66 -27.63 36.54
C VAL B 400 41.21 -29.05 36.87
N ILE B 401 40.11 -29.52 36.28
CA ILE B 401 39.72 -30.91 36.49
C ILE B 401 40.79 -31.87 35.99
N GLU B 402 41.38 -31.59 34.83
CA GLU B 402 42.46 -32.42 34.32
C GLU B 402 43.66 -32.43 35.27
N ALA B 403 44.05 -31.26 35.75
CA ALA B 403 45.16 -31.18 36.70
C ALA B 403 44.89 -32.00 37.96
N ALA B 404 43.71 -31.83 38.55
CA ALA B 404 43.37 -32.59 39.74
C ALA B 404 43.35 -34.09 39.48
N ARG B 405 42.79 -34.52 38.35
CA ARG B 405 42.82 -35.95 38.01
C ARG B 405 44.22 -36.47 37.75
N SER B 406 45.12 -35.61 37.24
CA SER B 406 46.51 -36.02 37.07
C SER B 406 47.21 -36.28 38.40
N VAL B 407 46.80 -35.61 39.47
CA VAL B 407 47.33 -35.91 40.81
C VAL B 407 46.43 -36.89 41.57
N GLY B 408 45.63 -37.68 40.85
CA GLY B 408 44.94 -38.81 41.44
C GLY B 408 43.58 -38.53 42.02
N LEU B 409 43.12 -37.28 42.01
CA LEU B 409 41.78 -36.94 42.46
C LEU B 409 40.78 -37.37 41.39
N THR B 410 40.67 -38.69 41.26
CA THR B 410 40.14 -39.29 40.03
C THR B 410 38.68 -38.93 39.79
N ASN B 411 37.88 -38.89 40.85
CA ASN B 411 36.47 -38.51 40.74
C ASN B 411 36.23 -37.01 40.86
N ALA B 412 37.29 -36.21 40.77
CA ALA B 412 37.11 -34.76 40.81
C ALA B 412 36.24 -34.30 39.65
N ASN B 413 35.45 -33.26 39.90
CA ASN B 413 34.55 -32.73 38.89
C ASN B 413 34.21 -31.28 39.25
N SER B 414 33.50 -30.62 38.34
CA SER B 414 32.72 -29.45 38.70
C SER B 414 31.35 -29.81 39.23
N ALA B 415 30.95 -29.13 40.31
CA ALA B 415 29.59 -29.27 40.85
C ALA B 415 28.51 -28.94 39.82
N GLU B 416 28.85 -28.21 38.76
CA GLU B 416 27.89 -27.98 37.68
C GLU B 416 27.54 -29.27 36.97
N PHE B 417 28.52 -30.14 36.73
CA PHE B 417 28.34 -31.31 35.89
C PHE B 417 28.19 -32.60 36.70
N ASP B 418 28.68 -32.64 37.93
CA ASP B 418 28.33 -33.69 38.88
C ASP B 418 28.08 -33.07 40.24
N PRO B 419 26.82 -32.70 40.52
CA PRO B 419 26.48 -32.18 41.85
C PRO B 419 26.78 -33.16 42.97
N ASP B 420 27.00 -34.43 42.67
CA ASP B 420 27.26 -35.46 43.67
C ASP B 420 28.72 -35.86 43.73
N THR B 421 29.59 -35.14 43.04
CA THR B 421 31.01 -35.47 43.06
C THR B 421 31.53 -35.42 44.50
N PRO B 422 32.37 -36.37 44.91
CA PRO B 422 33.04 -36.27 46.22
C PRO B 422 34.16 -35.24 46.25
N ASP B 423 34.60 -34.73 45.10
CA ASP B 423 35.69 -33.75 45.02
C ASP B 423 35.27 -32.62 44.11
N PRO B 424 34.41 -31.74 44.58
CA PRO B 424 34.05 -30.54 43.81
C PRO B 424 35.16 -29.51 43.80
N VAL B 425 36.16 -29.71 42.94
CA VAL B 425 37.19 -28.68 42.77
C VAL B 425 36.61 -27.42 42.16
N ILE B 426 35.55 -27.52 41.35
CA ILE B 426 34.75 -26.37 40.94
C ILE B 426 33.35 -26.50 41.51
N ALA B 427 32.94 -25.50 42.28
CA ALA B 427 31.73 -25.56 43.08
C ALA B 427 31.06 -24.20 43.09
N THR B 428 29.77 -24.19 43.37
CA THR B 428 29.06 -22.92 43.52
C THR B 428 29.59 -22.18 44.75
N MET B 429 29.80 -20.88 44.60
CA MET B 429 30.27 -20.07 45.71
C MET B 429 29.11 -19.77 46.65
N GLY B 443 22.35 -21.13 43.87
CA GLY B 443 23.23 -21.05 42.72
C GLY B 443 24.42 -20.14 42.93
N GLY B 444 24.50 -19.54 44.11
CA GLY B 444 25.59 -18.64 44.41
C GLY B 444 25.57 -17.39 43.54
N THR B 445 26.53 -16.51 43.81
CA THR B 445 26.60 -15.23 43.12
C THR B 445 26.98 -15.46 41.65
N MET B 446 26.06 -15.17 40.74
CA MET B 446 26.38 -15.13 39.32
C MET B 446 27.16 -13.85 39.04
N ARG B 447 28.46 -13.98 38.81
CA ARG B 447 29.30 -12.84 38.45
C ARG B 447 29.07 -12.46 37.00
N LEU B 448 28.83 -11.17 36.77
CA LEU B 448 28.69 -10.63 35.43
C LEU B 448 29.48 -9.33 35.31
N GLY B 449 30.12 -9.15 34.17
CA GLY B 449 30.76 -7.89 33.85
C GLY B 449 32.19 -7.74 34.36
N SER B 450 32.62 -6.49 34.39
CA SER B 450 34.02 -6.13 34.60
C SER B 450 34.42 -6.19 36.07
N TYR B 451 35.45 -6.97 36.38
CA TYR B 451 35.99 -7.05 37.73
C TYR B 451 37.51 -6.95 37.68
N PRO B 452 38.12 -6.29 38.66
CA PRO B 452 39.58 -6.23 38.72
C PRO B 452 40.18 -7.56 39.12
N ALA B 453 41.44 -7.75 38.72
CA ALA B 453 42.23 -8.91 39.12
C ALA B 453 43.69 -8.50 39.25
N VAL B 454 44.44 -9.29 40.01
CA VAL B 454 45.85 -9.05 40.27
C VAL B 454 46.66 -10.26 39.82
N LEU B 455 47.83 -9.99 39.25
CA LEU B 455 48.71 -11.01 38.70
C LEU B 455 49.91 -11.22 39.60
N GLU B 456 50.33 -12.47 39.74
CA GLU B 456 51.62 -12.77 40.34
C GLU B 456 52.72 -12.01 39.59
N PRO B 457 53.50 -11.18 40.29
CA PRO B 457 54.56 -10.43 39.59
C PRO B 457 55.58 -11.36 38.93
N ASP B 458 55.95 -11.01 37.70
CA ASP B 458 56.85 -11.80 36.88
C ASP B 458 56.34 -13.22 36.62
N SER B 459 55.05 -13.48 36.80
CA SER B 459 54.44 -14.65 36.21
C SER B 459 54.47 -14.56 34.68
N VAL B 460 54.22 -15.70 34.03
CA VAL B 460 54.15 -15.74 32.57
C VAL B 460 53.06 -14.83 32.06
N VAL B 461 51.91 -14.82 32.73
CA VAL B 461 50.86 -13.87 32.38
C VAL B 461 51.31 -12.44 32.66
N ALA B 462 52.05 -12.22 33.74
CA ALA B 462 52.57 -10.89 34.01
C ALA B 462 53.58 -10.49 32.95
N GLN B 463 54.38 -11.44 32.47
CA GLN B 463 55.28 -11.16 31.36
C GLN B 463 54.52 -10.82 30.09
N ALA B 464 53.35 -11.43 29.87
CA ALA B 464 52.55 -11.10 28.69
C ALA B 464 51.91 -9.72 28.82
N TYR B 465 51.15 -9.50 29.89
CA TYR B 465 50.46 -8.22 30.05
C TYR B 465 51.41 -7.07 30.34
N GLN B 466 52.63 -7.36 30.77
CA GLN B 466 53.58 -6.32 31.14
C GLN B 466 53.06 -5.44 32.26
N THR B 467 52.13 -5.95 33.08
CA THR B 467 51.66 -5.21 34.23
C THR B 467 51.08 -6.18 35.24
N THR B 468 50.97 -5.71 36.49
CA THR B 468 50.33 -6.46 37.56
C THR B 468 48.82 -6.27 37.60
N GLN B 469 48.29 -5.20 37.04
CA GLN B 469 46.88 -4.85 37.14
C GLN B 469 46.17 -5.02 35.81
N VAL B 470 45.07 -5.78 35.81
CA VAL B 470 44.30 -6.09 34.62
C VAL B 470 42.83 -6.00 34.99
N SER B 471 41.98 -6.01 33.98
CA SER B 471 40.55 -6.21 34.18
C SER B 471 39.97 -7.04 33.04
N GLU B 472 38.91 -7.77 33.36
CA GLU B 472 38.34 -8.73 32.43
C GLU B 472 36.84 -8.81 32.61
N ARG B 473 36.16 -9.30 31.58
CA ARG B 473 34.71 -9.43 31.57
C ARG B 473 34.34 -10.87 31.84
N HIS B 474 33.37 -11.08 32.73
CA HIS B 474 33.09 -12.40 33.29
C HIS B 474 31.63 -12.78 33.07
N ARG B 475 31.39 -14.09 33.04
CA ARG B 475 30.03 -14.62 32.95
C ARG B 475 30.01 -16.04 33.48
N HIS B 476 30.22 -16.21 34.78
CA HIS B 476 30.27 -17.53 35.40
C HIS B 476 29.82 -17.43 36.85
N ARG B 477 29.28 -18.53 37.37
CA ARG B 477 28.86 -18.63 38.75
C ARG B 477 29.64 -19.65 39.58
N TYR B 478 30.45 -20.50 38.96
CA TYR B 478 31.28 -21.46 39.66
C TYR B 478 32.74 -21.00 39.72
N GLU B 479 33.42 -21.39 40.80
CA GLU B 479 34.75 -20.90 41.10
C GLU B 479 35.61 -22.06 41.60
N VAL B 480 36.93 -21.87 41.49
CA VAL B 480 37.86 -22.80 42.09
C VAL B 480 37.65 -22.85 43.60
N ASN B 481 37.55 -24.06 44.13
CA ASN B 481 37.32 -24.26 45.55
C ASN B 481 38.56 -23.80 46.32
N ASN B 482 38.40 -22.75 47.12
CA ASN B 482 39.54 -22.13 47.80
C ASN B 482 40.22 -23.09 48.78
N ALA B 483 39.51 -24.12 49.23
CA ALA B 483 40.11 -25.16 50.07
C ALA B 483 41.08 -26.07 49.32
N TYR B 484 40.98 -26.15 47.99
CA TYR B 484 41.80 -27.07 47.21
C TYR B 484 43.05 -26.43 46.62
N ARG B 485 43.21 -25.11 46.71
CA ARG B 485 44.32 -24.45 46.04
C ARG B 485 45.65 -25.12 46.37
N ASP B 486 45.93 -25.30 47.66
CA ASP B 486 47.19 -25.92 48.08
C ASP B 486 47.31 -27.35 47.57
N LYS B 487 46.20 -28.09 47.52
CA LYS B 487 46.23 -29.44 46.97
C LYS B 487 46.49 -29.44 45.47
N ILE B 488 45.76 -28.61 44.73
CA ILE B 488 45.95 -28.53 43.27
C ILE B 488 47.35 -28.08 42.92
N ALA B 489 47.90 -27.14 43.70
CA ALA B 489 49.27 -26.68 43.47
C ALA B 489 50.30 -27.81 43.59
N GLU B 490 49.94 -28.95 44.15
CA GLU B 490 50.82 -30.10 44.10
C GLU B 490 51.08 -30.57 42.68
N SER B 491 50.22 -30.20 41.72
CA SER B 491 50.48 -30.46 40.31
C SER B 491 51.57 -29.56 39.72
N GLY B 492 51.96 -28.50 40.41
CA GLY B 492 52.78 -27.46 39.83
C GLY B 492 51.98 -26.32 39.24
N LEU B 493 50.68 -26.51 39.04
CA LEU B 493 49.79 -25.47 38.56
C LEU B 493 49.80 -24.26 39.49
N ARG B 494 50.38 -23.15 39.07
CA ARG B 494 50.31 -21.95 39.87
C ARG B 494 48.98 -21.25 39.66
N PHE B 495 48.40 -20.78 40.76
CA PHE B 495 47.25 -19.88 40.72
C PHE B 495 47.75 -18.44 40.60
N SER B 496 48.24 -18.14 39.40
CA SER B 496 49.02 -16.93 39.13
C SER B 496 48.19 -15.66 39.08
N GLY B 497 46.88 -15.71 39.33
CA GLY B 497 46.13 -14.48 39.54
C GLY B 497 44.86 -14.74 40.32
N THR B 498 44.43 -13.71 41.05
CA THR B 498 43.31 -13.83 41.97
C THR B 498 42.55 -12.52 41.99
N SER B 499 41.41 -12.53 42.68
CA SER B 499 40.80 -11.28 43.13
C SER B 499 41.78 -10.50 44.00
N PRO B 500 41.59 -9.18 44.10
CA PRO B 500 42.57 -8.38 44.86
C PRO B 500 42.65 -8.77 46.32
N ASP B 501 41.57 -9.29 46.90
CA ASP B 501 41.59 -9.85 48.24
C ASP B 501 42.14 -11.27 48.29
N GLY B 502 42.47 -11.85 47.14
CA GLY B 502 42.93 -13.23 47.09
C GLY B 502 41.83 -14.25 47.23
N HIS B 503 40.58 -13.82 47.40
CA HIS B 503 39.51 -14.74 47.69
C HIS B 503 39.15 -15.61 46.49
N LEU B 504 39.26 -15.08 45.27
CA LEU B 504 38.81 -15.78 44.07
C LEU B 504 39.95 -16.00 43.09
N VAL B 505 39.91 -17.16 42.43
CA VAL B 505 40.89 -17.55 41.42
C VAL B 505 40.55 -16.89 40.08
N GLU B 506 41.57 -16.34 39.42
CA GLU B 506 41.37 -15.65 38.15
C GLU B 506 42.18 -16.22 36.99
N PHE B 507 43.36 -16.77 37.25
CA PHE B 507 44.21 -17.35 36.22
C PHE B 507 44.93 -18.57 36.76
N VAL B 508 45.28 -19.48 35.87
CA VAL B 508 46.17 -20.59 36.20
C VAL B 508 47.20 -20.74 35.08
N GLU B 509 48.38 -21.25 35.44
CA GLU B 509 49.40 -21.56 34.45
C GLU B 509 50.24 -22.72 34.95
N TYR B 510 50.80 -23.50 34.00
CA TYR B 510 51.94 -24.36 34.30
C TYR B 510 53.24 -23.59 34.16
N PRO B 511 54.28 -23.96 34.91
CA PRO B 511 55.54 -23.22 34.85
C PRO B 511 56.22 -23.36 33.51
N PRO B 512 57.06 -22.39 33.13
CA PRO B 512 57.63 -22.39 31.77
C PRO B 512 58.43 -23.63 31.43
N ASP B 513 59.01 -24.32 32.41
CA ASP B 513 59.75 -25.54 32.15
C ASP B 513 58.91 -26.80 32.29
N ARG B 514 57.68 -26.69 32.80
CA ARG B 514 56.76 -27.81 32.73
C ARG B 514 56.11 -27.90 31.36
N HIS B 515 55.63 -26.77 30.84
CA HIS B 515 55.12 -26.70 29.48
C HIS B 515 55.40 -25.33 28.92
N PRO B 516 55.50 -25.20 27.59
CA PRO B 516 55.89 -23.90 27.02
C PRO B 516 54.86 -22.82 27.26
N PHE B 517 53.59 -23.13 27.10
CA PHE B 517 52.52 -22.18 27.39
C PHE B 517 51.23 -22.97 27.57
N VAL B 518 50.79 -23.13 28.81
CA VAL B 518 49.47 -23.69 29.11
C VAL B 518 48.83 -22.81 30.16
N VAL B 519 47.85 -22.00 29.75
CA VAL B 519 47.25 -20.99 30.59
C VAL B 519 45.74 -21.16 30.50
N GLY B 520 45.06 -20.78 31.59
CA GLY B 520 43.62 -20.67 31.56
C GLY B 520 43.19 -19.41 32.30
N THR B 521 41.96 -19.00 32.04
CA THR B 521 41.31 -17.96 32.81
C THR B 521 39.85 -18.30 32.95
N GLN B 522 39.18 -17.61 33.88
CA GLN B 522 37.73 -17.62 33.93
C GLN B 522 37.12 -16.56 33.03
N ALA B 523 37.92 -15.59 32.59
CA ALA B 523 37.44 -14.46 31.82
C ALA B 523 37.01 -14.88 30.42
N HIS B 524 36.39 -13.95 29.72
CA HIS B 524 36.27 -14.01 28.27
C HIS B 524 37.17 -12.95 27.64
N PRO B 525 38.47 -13.19 27.54
CA PRO B 525 39.38 -12.18 27.00
C PRO B 525 39.12 -11.84 25.54
N GLU B 526 38.42 -12.70 24.80
CA GLU B 526 38.09 -12.39 23.40
C GLU B 526 37.21 -11.16 23.26
N LEU B 527 36.50 -10.76 24.30
CA LEU B 527 35.64 -9.58 24.20
C LEU B 527 36.40 -8.26 24.22
N LYS B 528 37.63 -8.23 24.71
CA LYS B 528 38.46 -7.05 24.64
C LYS B 528 39.32 -6.99 23.39
N SER B 529 39.09 -7.89 22.43
CA SER B 529 39.79 -7.86 21.15
C SER B 529 39.42 -6.64 20.33
N ARG B 530 40.44 -6.02 19.72
CA ARG B 530 40.26 -5.16 18.55
C ARG B 530 41.43 -5.38 17.59
N PRO B 531 41.19 -5.33 16.29
CA PRO B 531 42.25 -5.65 15.34
C PRO B 531 43.41 -4.68 15.37
N THR B 532 43.18 -3.44 15.78
CA THR B 532 44.26 -2.49 16.00
C THR B 532 44.88 -2.60 17.39
N ARG B 533 44.35 -3.47 18.25
CA ARG B 533 44.74 -3.57 19.64
C ARG B 533 44.44 -4.97 20.15
N PRO B 534 45.20 -5.98 19.73
CA PRO B 534 44.83 -7.36 20.06
C PRO B 534 44.97 -7.62 21.55
N HIS B 535 44.26 -8.64 22.02
CA HIS B 535 44.33 -8.97 23.43
C HIS B 535 45.67 -9.61 23.73
N PRO B 536 46.33 -9.24 24.83
CA PRO B 536 47.69 -9.75 25.08
C PRO B 536 47.80 -11.26 25.14
N LEU B 537 46.83 -11.94 25.75
CA LEU B 537 46.94 -13.39 25.87
C LEU B 537 46.87 -14.09 24.52
N PHE B 538 46.01 -13.64 23.61
CA PHE B 538 45.98 -14.28 22.30
C PHE B 538 47.24 -14.00 21.49
N VAL B 539 47.87 -12.85 21.71
CA VAL B 539 49.18 -12.59 21.09
C VAL B 539 50.22 -13.55 21.63
N ALA B 540 50.28 -13.72 22.96
CA ALA B 540 51.25 -14.64 23.53
C ALA B 540 50.99 -16.08 23.11
N PHE B 541 49.71 -16.49 23.09
CA PHE B 541 49.37 -17.84 22.66
C PHE B 541 49.75 -18.10 21.22
N VAL B 542 49.52 -17.14 20.32
CA VAL B 542 50.00 -17.31 18.95
C VAL B 542 51.52 -17.27 18.86
N GLY B 543 52.18 -16.48 19.70
CA GLY B 543 53.64 -16.57 19.79
C GLY B 543 54.14 -17.95 20.17
N ALA B 544 53.50 -18.57 21.16
CA ALA B 544 53.85 -19.94 21.53
C ALA B 544 53.51 -20.95 20.42
N ALA B 545 52.41 -20.76 19.72
CA ALA B 545 52.08 -21.67 18.63
C ALA B 545 53.04 -21.54 17.45
N ILE B 546 53.47 -20.32 17.16
CA ILE B 546 54.51 -20.11 16.15
C ILE B 546 55.84 -20.71 16.59
N ASP B 547 56.21 -20.55 17.86
CA ASP B 547 57.44 -21.18 18.35
C ASP B 547 57.37 -22.70 18.29
N TYR B 548 56.19 -23.29 18.56
CA TYR B 548 56.03 -24.72 18.35
C TYR B 548 56.18 -25.09 16.88
N LYS B 549 55.61 -24.30 15.97
CA LYS B 549 55.79 -24.58 14.55
C LYS B 549 57.26 -24.51 14.15
N ALA B 550 57.97 -23.50 14.65
CA ALA B 550 59.40 -23.34 14.37
C ALA B 550 60.23 -24.49 14.94
N GLY B 551 59.87 -25.00 16.11
CA GLY B 551 60.64 -26.07 16.70
C GLY B 551 60.36 -27.41 16.08
N GLU B 552 59.10 -27.68 15.74
CA GLU B 552 58.73 -29.01 15.28
C GLU B 552 59.38 -29.29 13.93
N PRO C 5 -27.47 -32.80 14.50
CA PRO C 5 -26.03 -32.89 14.76
C PRO C 5 -25.30 -31.58 14.49
N GLN C 6 -24.19 -31.36 15.19
CA GLN C 6 -23.48 -30.09 15.13
C GLN C 6 -22.22 -30.23 14.29
N THR C 7 -22.05 -29.32 13.33
CA THR C 7 -20.82 -29.21 12.56
C THR C 7 -19.78 -28.46 13.39
N ALA C 8 -18.68 -28.07 12.73
CA ALA C 8 -17.64 -27.30 13.38
C ALA C 8 -18.18 -25.93 13.79
N THR C 9 -17.61 -25.38 14.85
CA THR C 9 -17.98 -24.05 15.30
C THR C 9 -17.48 -23.01 14.31
N LYS C 10 -18.41 -22.29 13.69
CA LYS C 10 -18.08 -21.25 12.73
C LYS C 10 -17.50 -20.04 13.45
N HIS C 11 -16.69 -19.27 12.74
CA HIS C 11 -16.18 -18.00 13.25
C HIS C 11 -16.65 -16.86 12.37
N LEU C 12 -16.95 -15.71 12.97
CA LEU C 12 -17.53 -14.58 12.24
C LEU C 12 -16.87 -13.29 12.69
N PHE C 13 -15.71 -12.97 12.13
CA PHE C 13 -15.01 -11.77 12.52
C PHE C 13 -15.74 -10.52 12.07
N VAL C 14 -15.53 -9.42 12.78
CA VAL C 14 -16.07 -8.11 12.43
C VAL C 14 -14.98 -7.07 12.62
N SER C 15 -14.73 -6.26 11.60
CA SER C 15 -13.68 -5.26 11.66
C SER C 15 -14.18 -3.94 11.11
N GLY C 16 -13.68 -2.85 11.68
CA GLY C 16 -14.11 -1.50 11.30
C GLY C 16 -13.11 -0.82 10.39
N GLY C 17 -13.62 -0.08 9.42
CA GLY C 17 -12.82 0.75 8.56
C GLY C 17 -13.27 2.20 8.55
N VAL C 18 -12.40 3.05 7.99
CA VAL C 18 -12.63 4.48 7.88
C VAL C 18 -12.58 5.20 9.21
N ALA C 19 -13.38 4.76 10.18
CA ALA C 19 -13.42 5.48 11.45
C ALA C 19 -13.87 4.55 12.57
N SER C 20 -13.48 4.91 13.78
CA SER C 20 -14.13 4.44 14.99
C SER C 20 -15.34 5.29 15.34
N SER C 21 -16.13 4.80 16.30
CA SER C 21 -17.43 5.34 16.66
C SER C 21 -18.48 5.08 15.58
N LEU C 22 -18.43 3.89 14.98
CA LEU C 22 -19.41 3.49 13.98
C LEU C 22 -20.38 2.43 14.45
N GLY C 23 -20.22 1.88 15.65
CA GLY C 23 -21.18 0.94 16.17
C GLY C 23 -20.92 -0.50 15.78
N LYS C 24 -19.66 -0.92 15.67
CA LYS C 24 -19.36 -2.34 15.53
C LYS C 24 -19.95 -3.15 16.67
N GLY C 25 -19.84 -2.65 17.89
CA GLY C 25 -20.37 -3.36 19.04
C GLY C 25 -21.85 -3.64 19.01
N LEU C 26 -22.68 -2.61 18.86
CA LEU C 26 -24.12 -2.83 18.78
C LEU C 26 -24.54 -3.56 17.52
N THR C 27 -23.85 -3.36 16.39
CA THR C 27 -24.15 -4.12 15.19
C THR C 27 -23.91 -5.62 15.40
N ALA C 28 -22.72 -5.96 15.88
CA ALA C 28 -22.40 -7.36 16.17
C ALA C 28 -23.33 -7.94 17.23
N SER C 29 -23.68 -7.15 18.24
CA SER C 29 -24.66 -7.58 19.22
C SER C 29 -26.01 -7.87 18.59
N SER C 30 -26.47 -7.02 17.67
CA SER C 30 -27.75 -7.24 17.02
C SER C 30 -27.72 -8.47 16.12
N LEU C 31 -26.60 -8.70 15.44
CA LEU C 31 -26.43 -9.93 14.69
C LEU C 31 -26.47 -11.16 15.59
N GLY C 32 -25.82 -11.08 16.75
CA GLY C 32 -25.94 -12.15 17.73
C GLY C 32 -27.37 -12.34 18.22
N GLN C 33 -28.09 -11.25 18.42
CA GLN C 33 -29.49 -11.34 18.78
C GLN C 33 -30.31 -12.08 17.73
N LEU C 34 -30.12 -11.74 16.46
CA LEU C 34 -30.91 -12.39 15.41
C LEU C 34 -30.56 -13.87 15.30
N LEU C 35 -29.28 -14.21 15.33
CA LEU C 35 -28.90 -15.62 15.29
C LEU C 35 -29.40 -16.37 16.52
N THR C 36 -29.41 -15.73 17.69
CA THR C 36 -30.02 -16.33 18.86
C THR C 36 -31.50 -16.59 18.63
N ALA C 37 -32.21 -15.62 18.07
CA ALA C 37 -33.63 -15.79 17.85
C ALA C 37 -33.91 -16.95 16.89
N ARG C 38 -33.00 -17.20 15.94
CA ARG C 38 -33.19 -18.40 15.14
C ARG C 38 -33.02 -19.68 15.95
N GLY C 39 -32.35 -19.60 17.11
CA GLY C 39 -32.10 -20.74 17.96
C GLY C 39 -30.69 -21.27 17.95
N LEU C 40 -29.76 -20.59 17.28
CA LEU C 40 -28.35 -20.98 17.34
C LEU C 40 -27.77 -20.58 18.69
N HIS C 41 -26.86 -21.40 19.22
CA HIS C 41 -26.12 -21.03 20.42
C HIS C 41 -24.96 -20.15 20.01
N VAL C 42 -25.20 -18.86 19.94
CA VAL C 42 -24.15 -17.88 19.66
C VAL C 42 -23.36 -17.58 20.93
N THR C 43 -22.08 -17.29 20.77
CA THR C 43 -21.29 -16.64 21.79
C THR C 43 -20.39 -15.60 21.14
N MET C 44 -19.78 -14.76 21.95
CA MET C 44 -19.16 -13.54 21.47
C MET C 44 -17.84 -13.29 22.17
N GLN C 45 -17.03 -12.45 21.55
CA GLN C 45 -15.70 -12.13 22.05
C GLN C 45 -15.28 -10.76 21.54
N LYS C 46 -14.58 -10.01 22.37
CA LYS C 46 -13.97 -8.75 21.99
C LYS C 46 -12.46 -8.85 22.07
N LEU C 47 -11.77 -8.31 21.07
CA LEU C 47 -10.31 -8.28 21.06
C LEU C 47 -9.86 -6.83 21.18
N ASP C 48 -9.71 -6.35 22.41
CA ASP C 48 -9.32 -4.97 22.60
C ASP C 48 -7.88 -4.77 22.17
N PRO C 49 -7.54 -3.61 21.62
CA PRO C 49 -6.16 -3.38 21.20
C PRO C 49 -5.24 -2.83 22.28
N TYR C 50 -5.78 -2.21 23.32
CA TYR C 50 -4.93 -1.54 24.30
C TYR C 50 -4.21 -2.54 25.19
N LEU C 51 -3.09 -2.08 25.75
CA LEU C 51 -2.17 -2.91 26.52
C LEU C 51 -2.48 -3.01 28.01
N ASN C 52 -3.54 -2.37 28.50
CA ASN C 52 -3.96 -2.63 29.87
C ASN C 52 -4.29 -4.10 30.05
N VAL C 53 -3.68 -4.73 31.04
CA VAL C 53 -3.88 -6.16 31.24
C VAL C 53 -5.31 -6.44 31.70
N ASP C 54 -5.83 -5.60 32.59
CA ASP C 54 -7.24 -5.58 32.93
C ASP C 54 -7.64 -4.14 33.20
N PRO C 55 -8.93 -3.81 33.08
CA PRO C 55 -9.33 -2.40 33.11
C PRO C 55 -9.42 -1.82 34.51
N GLY C 56 -9.12 -2.60 35.55
CA GLY C 56 -9.24 -2.10 36.91
C GLY C 56 -8.35 -0.93 37.21
N THR C 57 -7.36 -0.66 36.35
CA THR C 57 -6.54 0.54 36.45
C THR C 57 -7.17 1.75 35.77
N MET C 58 -8.10 1.53 34.85
CA MET C 58 -8.57 2.59 33.99
C MET C 58 -9.50 3.51 34.74
N ASN C 59 -9.44 4.80 34.40
CA ASN C 59 -10.33 5.80 34.98
C ASN C 59 -11.71 5.70 34.35
N PRO C 60 -12.72 5.24 35.08
CA PRO C 60 -14.03 5.01 34.43
C PRO C 60 -14.71 6.29 33.99
N PHE C 61 -14.40 7.43 34.62
CA PHE C 61 -14.99 8.70 34.22
C PHE C 61 -14.52 9.18 32.87
N GLN C 62 -13.62 8.45 32.22
CA GLN C 62 -13.23 8.74 30.84
C GLN C 62 -13.40 7.56 29.91
N HIS C 63 -13.54 6.34 30.41
CA HIS C 63 -13.57 5.14 29.58
C HIS C 63 -14.72 4.21 29.95
N GLY C 64 -15.65 4.68 30.77
CA GLY C 64 -16.80 3.91 31.17
C GLY C 64 -16.52 2.84 32.20
N GLU C 65 -17.61 2.18 32.61
CA GLU C 65 -17.60 1.25 33.72
C GLU C 65 -16.70 0.05 33.41
N VAL C 66 -16.43 -0.71 34.46
CA VAL C 66 -15.76 -2.00 34.37
C VAL C 66 -16.78 -3.09 34.63
N PHE C 67 -16.96 -3.97 33.66
CA PHE C 67 -17.88 -5.07 33.79
C PHE C 67 -17.21 -6.20 34.55
N VAL C 68 -18.02 -7.05 35.20
CA VAL C 68 -17.51 -8.16 35.98
C VAL C 68 -18.30 -9.42 35.65
N THR C 69 -17.58 -10.45 35.23
CA THR C 69 -18.17 -11.72 34.83
C THR C 69 -18.54 -12.55 36.06
N GLU C 70 -19.19 -13.69 35.80
CA GLU C 70 -19.47 -14.65 36.86
C GLU C 70 -18.19 -15.07 37.58
N ASP C 71 -17.15 -15.42 36.83
CA ASP C 71 -15.88 -15.82 37.44
C ASP C 71 -15.02 -14.63 37.87
N GLY C 72 -15.60 -13.44 37.98
CA GLY C 72 -14.90 -12.35 38.61
C GLY C 72 -13.79 -11.76 37.77
N ALA C 73 -13.85 -11.96 36.46
CA ALA C 73 -12.90 -11.34 35.54
C ALA C 73 -13.36 -9.94 35.18
N GLU C 74 -12.50 -8.95 35.40
CA GLU C 74 -12.77 -7.59 34.95
C GLU C 74 -12.59 -7.50 33.43
N THR C 75 -13.55 -6.88 32.76
CA THR C 75 -13.53 -6.78 31.31
C THR C 75 -14.02 -5.41 30.88
N ASP C 76 -13.75 -5.08 29.62
CA ASP C 76 -14.29 -3.88 29.01
C ASP C 76 -15.82 -3.87 29.06
N LEU C 77 -16.37 -2.66 29.23
CA LEU C 77 -17.81 -2.46 29.29
C LEU C 77 -18.52 -2.96 28.04
N ASP C 78 -17.82 -3.02 26.91
CA ASP C 78 -18.38 -3.57 25.70
C ASP C 78 -18.95 -4.97 25.89
N VAL C 79 -18.42 -5.74 26.85
CA VAL C 79 -18.96 -7.08 27.08
C VAL C 79 -20.39 -7.00 27.57
N GLY C 80 -20.76 -5.90 28.23
CA GLY C 80 -22.12 -5.76 28.71
C GLY C 80 -23.15 -5.78 27.60
N HIS C 81 -22.89 -5.11 26.49
CA HIS C 81 -23.85 -5.15 25.40
C HIS C 81 -24.04 -6.56 24.85
N TYR C 82 -22.96 -7.35 24.78
CA TYR C 82 -23.10 -8.72 24.31
C TYR C 82 -23.91 -9.56 25.28
N GLU C 83 -23.66 -9.41 26.59
CA GLU C 83 -24.47 -10.12 27.57
C GLU C 83 -25.94 -9.73 27.48
N ARG C 84 -26.22 -8.43 27.40
CA ARG C 84 -27.60 -7.97 27.37
C ARG C 84 -28.34 -8.43 26.13
N PHE C 85 -27.70 -8.34 24.96
CA PHE C 85 -28.40 -8.73 23.75
C PHE C 85 -28.51 -10.25 23.60
N LEU C 86 -27.55 -11.02 24.11
CA LEU C 86 -27.71 -12.47 24.08
C LEU C 86 -28.63 -12.99 25.17
N ASP C 87 -28.63 -12.33 26.33
CA ASP C 87 -29.06 -12.93 27.59
C ASP C 87 -28.34 -14.27 27.81
N ARG C 88 -27.02 -14.18 27.91
CA ARG C 88 -26.18 -15.33 28.22
C ARG C 88 -25.00 -14.82 29.03
N ASN C 89 -24.55 -15.60 30.00
CA ASN C 89 -23.33 -15.25 30.71
C ASN C 89 -22.12 -15.61 29.88
N LEU C 90 -21.12 -14.73 29.92
CA LEU C 90 -19.90 -14.92 29.16
C LEU C 90 -18.70 -15.11 30.07
N PRO C 91 -17.75 -15.97 29.70
CA PRO C 91 -16.54 -16.12 30.53
C PRO C 91 -15.64 -14.90 30.45
N GLY C 92 -14.71 -14.83 31.40
CA GLY C 92 -13.65 -13.82 31.34
C GLY C 92 -12.78 -13.91 30.10
N SER C 93 -12.79 -15.06 29.42
CA SER C 93 -12.11 -15.21 28.13
C SER C 93 -12.72 -14.34 27.04
N ALA C 94 -13.91 -13.82 27.23
CA ALA C 94 -14.59 -13.00 26.24
C ALA C 94 -13.89 -11.68 25.94
N ASN C 95 -12.82 -11.33 26.64
CA ASN C 95 -12.13 -10.07 26.37
C ASN C 95 -10.62 -10.31 26.37
N VAL C 96 -10.07 -10.52 25.18
CA VAL C 96 -8.63 -10.55 24.98
C VAL C 96 -8.13 -9.12 24.80
N THR C 97 -6.89 -8.86 25.20
CA THR C 97 -6.23 -7.61 24.90
C THR C 97 -4.80 -7.90 24.49
N THR C 98 -4.20 -6.94 23.79
CA THR C 98 -2.78 -7.02 23.47
C THR C 98 -1.91 -7.16 24.71
N GLY C 99 -2.31 -6.53 25.81
CA GLY C 99 -1.56 -6.66 27.05
C GLY C 99 -1.49 -8.08 27.58
N GLN C 100 -2.59 -8.82 27.49
CA GLN C 100 -2.58 -10.21 27.93
C GLN C 100 -1.71 -11.08 27.04
N VAL C 101 -1.70 -10.80 25.75
CA VAL C 101 -0.87 -11.59 24.83
C VAL C 101 0.60 -11.31 25.05
N TYR C 102 0.99 -10.03 25.00
CA TYR C 102 2.41 -9.71 25.14
C TYR C 102 2.94 -10.09 26.51
N SER C 103 2.18 -9.87 27.59
CA SER C 103 2.68 -10.28 28.90
C SER C 103 2.67 -11.79 29.09
N THR C 104 1.78 -12.51 28.41
CA THR C 104 1.86 -13.97 28.46
C THR C 104 3.10 -14.48 27.76
N VAL C 105 3.36 -14.00 26.55
CA VAL C 105 4.50 -14.52 25.80
C VAL C 105 5.82 -14.12 26.45
N ILE C 106 5.91 -12.90 26.98
CA ILE C 106 7.14 -12.55 27.69
C ILE C 106 7.28 -13.33 28.99
N ALA C 107 6.19 -13.67 29.67
CA ALA C 107 6.32 -14.53 30.85
C ALA C 107 6.82 -15.92 30.48
N LYS C 108 6.24 -16.55 29.46
CA LYS C 108 6.75 -17.84 29.03
C LYS C 108 8.20 -17.76 28.53
N GLU C 109 8.61 -16.62 27.98
CA GLU C 109 10.00 -16.43 27.61
C GLU C 109 10.91 -16.45 28.83
N ARG C 110 10.62 -15.61 29.84
CA ARG C 110 11.47 -15.57 31.02
C ARG C 110 11.48 -16.89 31.77
N ARG C 111 10.36 -17.61 31.80
CA ARG C 111 10.36 -18.93 32.40
C ARG C 111 11.03 -19.98 31.51
N GLY C 112 11.47 -19.61 30.31
CA GLY C 112 12.26 -20.50 29.49
C GLY C 112 11.51 -21.64 28.84
N GLU C 113 10.21 -21.48 28.61
CA GLU C 113 9.38 -22.57 28.10
C GLU C 113 9.39 -22.66 26.58
N TYR C 114 10.10 -21.75 25.90
CA TYR C 114 10.33 -21.85 24.47
C TYR C 114 11.67 -22.49 24.12
N LEU C 115 12.31 -23.16 25.08
CA LEU C 115 13.53 -23.92 24.84
C LEU C 115 14.65 -23.06 24.25
N GLY C 116 14.66 -21.76 24.55
CA GLY C 116 15.69 -20.88 24.03
C GLY C 116 15.52 -20.45 22.60
N ASP C 117 14.40 -20.77 21.95
CA ASP C 117 14.11 -20.22 20.64
C ASP C 117 13.96 -18.71 20.72
N THR C 118 14.26 -18.04 19.62
CA THR C 118 14.01 -16.61 19.52
C THR C 118 12.52 -16.33 19.43
N VAL C 119 12.03 -15.46 20.31
CA VAL C 119 10.62 -15.11 20.36
C VAL C 119 10.33 -14.04 19.33
N GLN C 120 9.98 -14.44 18.12
CA GLN C 120 9.51 -13.52 17.10
C GLN C 120 8.09 -13.08 17.42
N VAL C 121 7.60 -12.09 16.68
CA VAL C 121 6.16 -11.81 16.74
C VAL C 121 5.38 -12.89 16.01
N ILE C 122 5.80 -13.23 14.80
CA ILE C 122 5.26 -14.37 14.07
C ILE C 122 6.26 -15.52 14.17
N PRO C 123 5.82 -16.75 14.45
CA PRO C 123 4.46 -17.21 14.73
C PRO C 123 4.01 -17.18 16.18
N HIS C 124 4.92 -16.94 17.13
CA HIS C 124 4.61 -17.18 18.54
C HIS C 124 3.42 -16.36 19.05
N ILE C 125 3.44 -15.04 18.82
CA ILE C 125 2.32 -14.21 19.25
C ILE C 125 1.04 -14.57 18.52
N THR C 126 1.11 -14.74 17.21
CA THR C 126 -0.14 -14.93 16.48
C THR C 126 -0.72 -16.32 16.68
N ASP C 127 0.12 -17.31 17.01
CA ASP C 127 -0.39 -18.60 17.49
C ASP C 127 -1.05 -18.47 18.86
N GLU C 128 -0.49 -17.66 19.76
CA GLU C 128 -1.14 -17.47 21.04
C GLU C 128 -2.51 -16.81 20.88
N ILE C 129 -2.59 -15.77 20.06
CA ILE C 129 -3.89 -15.16 19.75
C ILE C 129 -4.85 -16.17 19.13
N LYS C 130 -4.37 -16.93 18.15
CA LYS C 130 -5.23 -17.95 17.54
C LYS C 130 -5.73 -18.95 18.57
N ARG C 131 -4.90 -19.30 19.55
CA ARG C 131 -5.31 -20.19 20.63
C ARG C 131 -6.37 -19.55 21.52
N ARG C 132 -6.16 -18.29 21.89
CA ARG C 132 -7.17 -17.56 22.66
C ARG C 132 -8.49 -17.46 21.92
N ILE C 133 -8.45 -17.38 20.59
CA ILE C 133 -9.69 -17.38 19.80
C ILE C 133 -10.33 -18.77 19.78
N LEU C 134 -9.59 -19.78 19.35
CA LEU C 134 -10.13 -21.12 19.21
C LEU C 134 -10.60 -21.72 20.54
N ALA C 135 -10.10 -21.22 21.66
CA ALA C 135 -10.63 -21.67 22.95
C ALA C 135 -12.13 -21.47 23.08
N MET C 136 -12.71 -20.49 22.40
CA MET C 136 -14.16 -20.28 22.51
C MET C 136 -14.97 -21.42 21.91
N ALA C 137 -14.36 -22.24 21.06
CA ALA C 137 -15.04 -23.42 20.52
C ALA C 137 -15.04 -24.61 21.46
N GLN C 138 -14.34 -24.53 22.58
CA GLN C 138 -14.31 -25.63 23.52
C GLN C 138 -15.65 -25.78 24.26
N PRO C 139 -16.07 -27.02 24.55
CA PRO C 139 -17.36 -27.22 25.23
C PRO C 139 -17.40 -26.51 26.57
N ASP C 140 -18.60 -26.05 26.93
CA ASP C 140 -18.83 -25.35 28.19
C ASP C 140 -18.88 -26.33 29.35
N ALA C 141 -19.19 -25.82 30.54
CA ALA C 141 -19.30 -26.65 31.74
C ALA C 141 -20.43 -27.67 31.64
N ASP C 142 -21.38 -27.49 30.73
CA ASP C 142 -22.38 -28.50 30.43
C ASP C 142 -21.98 -29.40 29.27
N GLY C 143 -20.86 -29.12 28.62
CA GLY C 143 -20.42 -29.91 27.49
C GLY C 143 -21.03 -29.52 26.17
N ASN C 144 -21.68 -28.37 26.09
CA ASN C 144 -22.25 -27.88 24.84
C ASN C 144 -21.24 -27.00 24.14
N ARG C 145 -21.21 -27.08 22.81
CA ARG C 145 -20.27 -26.32 22.03
C ARG C 145 -21.02 -25.27 21.22
N PRO C 146 -20.62 -24.01 21.26
CA PRO C 146 -21.35 -22.98 20.50
C PRO C 146 -21.30 -23.23 18.99
N ASP C 147 -22.35 -22.79 18.31
CA ASP C 147 -22.38 -22.86 16.85
C ASP C 147 -21.57 -21.75 16.18
N VAL C 148 -21.59 -20.54 16.73
CA VAL C 148 -20.97 -19.41 16.08
C VAL C 148 -20.24 -18.59 17.13
N VAL C 149 -19.02 -18.17 16.82
CA VAL C 149 -18.27 -17.22 17.63
C VAL C 149 -18.08 -15.94 16.85
N ILE C 150 -18.62 -14.85 17.38
CA ILE C 150 -18.51 -13.54 16.74
C ILE C 150 -17.41 -12.77 17.45
N THR C 151 -16.46 -12.23 16.69
CA THR C 151 -15.21 -11.74 17.25
C THR C 151 -14.94 -10.34 16.73
N GLU C 152 -15.25 -9.33 17.53
CA GLU C 152 -15.07 -7.95 17.13
C GLU C 152 -13.60 -7.58 17.25
N ILE C 153 -12.93 -7.38 16.11
CA ILE C 153 -11.54 -6.96 16.12
C ILE C 153 -11.48 -5.47 16.42
N GLY C 154 -10.75 -5.09 17.45
CA GLY C 154 -10.65 -3.71 17.84
C GLY C 154 -9.74 -2.90 16.96
N GLY C 155 -9.77 -1.59 17.18
CA GLY C 155 -9.10 -0.62 16.33
C GLY C 155 -9.70 -0.49 14.94
N THR C 156 -8.89 0.05 14.03
CA THR C 156 -9.25 0.21 12.63
C THR C 156 -8.26 -0.52 11.75
N VAL C 157 -8.76 -1.05 10.63
CA VAL C 157 -7.89 -1.71 9.66
C VAL C 157 -6.87 -0.72 9.13
N GLY C 158 -5.59 -1.08 9.22
CA GLY C 158 -4.51 -0.18 8.90
C GLY C 158 -3.85 0.48 10.09
N ASP C 159 -4.43 0.35 11.29
CA ASP C 159 -3.71 0.76 12.49
C ASP C 159 -2.57 -0.19 12.79
N ILE C 160 -1.41 0.36 13.12
CA ILE C 160 -0.35 -0.44 13.71
C ILE C 160 -0.84 -1.10 14.99
N GLU C 161 -1.79 -0.45 15.64
CA GLU C 161 -2.46 -0.96 16.82
C GLU C 161 -3.14 -2.31 16.63
N SER C 162 -3.47 -2.70 15.39
CA SER C 162 -4.21 -3.93 15.26
CA SER C 162 -4.30 -3.84 14.98
C SER C 162 -3.53 -4.99 14.40
N GLN C 163 -2.40 -4.72 13.77
CA GLN C 163 -1.85 -5.64 12.76
C GLN C 163 -1.71 -7.07 13.26
N PRO C 164 -1.20 -7.35 14.46
CA PRO C 164 -1.11 -8.75 14.91
C PRO C 164 -2.44 -9.48 15.00
N PHE C 165 -3.51 -8.81 15.41
CA PHE C 165 -4.82 -9.47 15.42
C PHE C 165 -5.29 -9.81 14.01
N LEU C 166 -5.03 -8.95 13.04
CA LEU C 166 -5.47 -9.22 11.68
C LEU C 166 -4.62 -10.30 11.01
N GLU C 167 -3.34 -10.38 11.36
CA GLU C 167 -2.53 -11.53 10.94
C GLU C 167 -3.02 -12.83 11.57
N ALA C 168 -3.44 -12.78 12.84
CA ALA C 168 -4.04 -13.96 13.46
C ALA C 168 -5.35 -14.36 12.79
N ALA C 169 -6.19 -13.38 12.46
CA ALA C 169 -7.41 -13.67 11.72
C ALA C 169 -7.13 -14.30 10.37
N ARG C 170 -6.14 -13.78 9.65
CA ARG C 170 -5.72 -14.41 8.40
C ARG C 170 -5.31 -15.85 8.60
N GLN C 171 -4.48 -16.13 9.61
CA GLN C 171 -4.09 -17.52 9.86
C GLN C 171 -5.29 -18.41 10.18
N VAL C 172 -6.22 -17.92 10.99
CA VAL C 172 -7.42 -18.72 11.29
C VAL C 172 -8.19 -19.01 10.01
N ARG C 173 -8.31 -18.01 9.14
CA ARG C 173 -8.98 -18.19 7.85
C ARG C 173 -8.26 -19.20 6.97
N HIS C 174 -6.95 -19.31 7.11
CA HIS C 174 -6.21 -20.35 6.40
C HIS C 174 -6.50 -21.73 6.97
N TYR C 175 -6.43 -21.89 8.29
CA TYR C 175 -6.53 -23.23 8.87
C TYR C 175 -7.96 -23.78 8.87
N LEU C 176 -8.97 -22.93 9.06
CA LEU C 176 -10.35 -23.43 9.03
C LEU C 176 -10.96 -23.46 7.64
N GLY C 177 -10.56 -22.57 6.75
CA GLY C 177 -11.11 -22.52 5.42
C GLY C 177 -12.42 -21.78 5.29
N ARG C 178 -12.65 -21.22 4.11
CA ARG C 178 -13.74 -20.27 3.87
C ARG C 178 -15.13 -20.88 4.01
N GLU C 179 -15.26 -22.20 4.11
CA GLU C 179 -16.55 -22.77 4.47
C GLU C 179 -16.97 -22.40 5.89
N ASP C 180 -16.01 -22.09 6.76
CA ASP C 180 -16.25 -21.99 8.18
C ASP C 180 -15.84 -20.66 8.78
N VAL C 181 -15.30 -19.73 8.00
CA VAL C 181 -14.98 -18.40 8.47
C VAL C 181 -15.63 -17.38 7.55
N PHE C 182 -16.25 -16.36 8.16
CA PHE C 182 -16.92 -15.29 7.46
C PHE C 182 -16.38 -13.99 8.02
N PHE C 183 -16.23 -12.97 7.16
CA PHE C 183 -15.92 -11.63 7.60
C PHE C 183 -17.05 -10.67 7.27
N LEU C 184 -17.65 -10.09 8.30
CA LEU C 184 -18.38 -8.85 8.14
C LEU C 184 -17.40 -7.70 7.98
N HIS C 185 -17.88 -6.57 7.50
CA HIS C 185 -17.08 -5.34 7.54
C HIS C 185 -17.98 -4.13 7.73
N VAL C 186 -17.52 -3.16 8.51
CA VAL C 186 -18.28 -1.95 8.83
C VAL C 186 -17.53 -0.73 8.34
N SER C 187 -18.19 0.13 7.57
CA SER C 187 -17.50 1.27 6.96
C SER C 187 -18.45 2.45 6.84
N LEU C 188 -17.86 3.64 6.90
CA LEU C 188 -18.60 4.90 6.90
C LEU C 188 -18.96 5.31 5.47
N VAL C 189 -20.14 5.90 5.31
CA VAL C 189 -20.56 6.52 4.05
C VAL C 189 -20.89 7.99 4.30
N PRO C 190 -19.95 8.91 4.17
CA PRO C 190 -20.23 10.30 4.53
C PRO C 190 -21.21 10.95 3.56
N TYR C 191 -22.02 11.85 4.12
CA TYR C 191 -22.85 12.76 3.35
C TYR C 191 -22.14 14.11 3.25
N LEU C 192 -22.07 14.66 2.04
CA LEU C 192 -21.46 15.97 1.81
C LEU C 192 -22.54 17.01 1.57
N ALA C 193 -22.52 18.07 2.37
CA ALA C 193 -23.62 19.03 2.39
C ALA C 193 -23.68 19.96 1.18
N PRO C 194 -22.55 20.45 0.67
CA PRO C 194 -22.63 21.32 -0.51
C PRO C 194 -23.15 20.66 -1.76
N SER C 195 -22.81 19.39 -1.98
CA SER C 195 -23.25 18.66 -3.16
C SER C 195 -24.49 17.80 -2.92
N GLY C 196 -24.75 17.41 -1.68
CA GLY C 196 -25.94 16.66 -1.37
C GLY C 196 -25.96 15.24 -1.92
N GLU C 197 -24.88 14.48 -1.73
CA GLU C 197 -24.78 13.14 -2.28
C GLU C 197 -23.94 12.29 -1.34
N LEU C 198 -24.20 11.00 -1.33
CA LEU C 198 -23.37 10.04 -0.61
C LEU C 198 -22.15 9.66 -1.44
N LYS C 199 -21.00 9.55 -0.78
CA LYS C 199 -19.75 9.22 -1.44
C LYS C 199 -19.26 7.85 -0.96
N THR C 200 -19.06 6.93 -1.91
CA THR C 200 -18.56 5.59 -1.63
C THR C 200 -17.05 5.48 -1.61
N LYS C 201 -16.31 6.49 -2.07
CA LYS C 201 -14.87 6.36 -2.22
C LYS C 201 -14.14 5.99 -0.94
N PRO C 202 -14.47 6.52 0.23
CA PRO C 202 -13.84 6.04 1.46
C PRO C 202 -14.06 4.56 1.73
N THR C 203 -15.21 4.00 1.37
CA THR C 203 -15.40 2.56 1.54
C THR C 203 -14.56 1.75 0.58
N GLN C 204 -14.38 2.22 -0.65
CA GLN C 204 -13.47 1.53 -1.58
C GLN C 204 -12.04 1.54 -1.05
N HIS C 205 -11.54 2.71 -0.63
CA HIS C 205 -10.21 2.75 -0.04
C HIS C 205 -10.09 1.91 1.23
N SER C 206 -11.16 1.78 2.01
CA SER C 206 -11.14 0.86 3.14
C SER C 206 -10.99 -0.59 2.72
N VAL C 207 -11.87 -1.07 1.83
CA VAL C 207 -11.79 -2.47 1.44
C VAL C 207 -10.48 -2.77 0.72
N ALA C 208 -9.91 -1.78 0.02
CA ALA C 208 -8.56 -1.95 -0.52
C ALA C 208 -7.50 -2.12 0.58
N ALA C 209 -7.57 -1.31 1.63
CA ALA C 209 -6.63 -1.48 2.73
C ALA C 209 -6.80 -2.84 3.41
N LEU C 210 -8.04 -3.25 3.62
CA LEU C 210 -8.29 -4.58 4.20
C LEU C 210 -7.74 -5.69 3.33
N ARG C 211 -7.97 -5.64 2.02
CA ARG C 211 -7.40 -6.68 1.14
C ARG C 211 -5.89 -6.66 1.14
N SER C 212 -5.27 -5.50 1.32
CA SER C 212 -3.80 -5.45 1.30
C SER C 212 -3.17 -6.34 2.37
N ILE C 213 -3.89 -6.72 3.42
CA ILE C 213 -3.38 -7.64 4.42
C ILE C 213 -3.97 -9.04 4.28
N GLY C 214 -4.65 -9.33 3.18
CA GLY C 214 -5.03 -10.70 2.88
C GLY C 214 -6.33 -11.18 3.46
N ILE C 215 -7.22 -10.28 3.90
CA ILE C 215 -8.56 -10.63 4.35
C ILE C 215 -9.54 -10.22 3.25
N THR C 216 -10.48 -11.11 2.93
CA THR C 216 -11.50 -10.80 1.94
C THR C 216 -12.85 -10.59 2.62
N PRO C 217 -13.44 -9.39 2.59
CA PRO C 217 -14.74 -9.20 3.23
C PRO C 217 -15.86 -9.83 2.43
N ASP C 218 -16.71 -10.58 3.12
CA ASP C 218 -17.86 -11.23 2.49
C ASP C 218 -19.11 -10.37 2.47
N ALA C 219 -19.23 -9.39 3.36
CA ALA C 219 -20.35 -8.45 3.29
C ALA C 219 -19.90 -7.11 3.88
N LEU C 220 -20.51 -6.05 3.38
CA LEU C 220 -20.31 -4.71 3.89
C LEU C 220 -21.55 -4.23 4.64
N ILE C 221 -21.35 -3.69 5.83
CA ILE C 221 -22.36 -2.88 6.51
C ILE C 221 -21.97 -1.43 6.33
N LEU C 222 -22.85 -0.66 5.69
CA LEU C 222 -22.61 0.75 5.38
C LEU C 222 -23.32 1.62 6.41
N ARG C 223 -22.55 2.46 7.11
CA ARG C 223 -23.07 3.29 8.18
C ARG C 223 -23.31 4.70 7.66
N CYS C 224 -24.57 5.13 7.70
CA CYS C 224 -25.01 6.31 6.96
C CYS C 224 -26.16 6.94 7.71
N ASP C 225 -26.38 8.23 7.47
CA ASP C 225 -27.50 8.93 8.08
C ASP C 225 -28.79 8.80 7.28
N ARG C 226 -28.77 8.14 6.13
CA ARG C 226 -29.97 7.94 5.33
C ARG C 226 -29.80 6.65 4.54
N ASP C 227 -30.92 6.09 4.10
CA ASP C 227 -30.87 4.82 3.39
C ASP C 227 -30.01 4.95 2.14
N VAL C 228 -29.05 4.05 1.99
CA VAL C 228 -28.14 4.09 0.84
C VAL C 228 -28.92 3.80 -0.44
N PRO C 229 -28.84 4.65 -1.46
CA PRO C 229 -29.53 4.36 -2.73
C PRO C 229 -29.02 3.05 -3.32
N GLU C 230 -29.93 2.33 -3.97
CA GLU C 230 -29.54 1.13 -4.70
C GLU C 230 -28.47 1.42 -5.75
N ALA C 231 -28.50 2.62 -6.33
CA ALA C 231 -27.48 3.05 -7.29
C ALA C 231 -26.08 3.15 -6.72
N LEU C 232 -25.93 3.32 -5.41
CA LEU C 232 -24.61 3.24 -4.79
C LEU C 232 -24.27 1.85 -4.30
N LYS C 233 -25.27 1.07 -3.87
CA LYS C 233 -25.01 -0.30 -3.49
C LYS C 233 -24.47 -1.10 -4.67
N ASN C 234 -25.02 -0.89 -5.87
CA ASN C 234 -24.48 -1.57 -7.04
C ASN C 234 -23.05 -1.15 -7.36
N LYS C 235 -22.74 0.14 -7.22
CA LYS C 235 -21.36 0.58 -7.45
C LYS C 235 -20.41 -0.02 -6.44
N ILE C 236 -20.84 -0.13 -5.18
CA ILE C 236 -19.98 -0.75 -4.18
C ILE C 236 -19.76 -2.22 -4.47
N ALA C 237 -20.83 -2.93 -4.84
CA ALA C 237 -20.66 -4.34 -5.23
C ALA C 237 -19.72 -4.49 -6.41
N LEU C 238 -19.74 -3.55 -7.36
CA LEU C 238 -18.78 -3.55 -8.46
C LEU C 238 -17.34 -3.35 -8.00
N MET C 239 -17.10 -2.29 -7.22
CA MET C 239 -15.74 -1.88 -6.88
C MET C 239 -15.13 -2.59 -5.69
N CYS C 240 -15.93 -3.32 -4.92
CA CYS C 240 -15.45 -4.10 -3.78
C CYS C 240 -15.49 -5.60 -4.01
N ASP C 241 -16.13 -6.06 -5.09
CA ASP C 241 -16.33 -7.48 -5.34
C ASP C 241 -17.02 -8.15 -4.15
N VAL C 242 -18.00 -7.46 -3.61
CA VAL C 242 -18.86 -7.96 -2.55
C VAL C 242 -20.16 -8.39 -3.20
N ASP C 243 -20.62 -9.60 -2.91
CA ASP C 243 -21.85 -10.06 -3.53
C ASP C 243 -22.99 -9.13 -3.16
N ILE C 244 -23.79 -8.74 -4.17
CA ILE C 244 -24.71 -7.62 -4.00
C ILE C 244 -25.84 -7.91 -3.03
N ASP C 245 -26.05 -9.19 -2.67
CA ASP C 245 -26.84 -9.49 -1.50
C ASP C 245 -26.23 -8.87 -0.24
N GLY C 246 -24.91 -8.78 -0.20
CA GLY C 246 -24.18 -8.43 1.01
C GLY C 246 -23.70 -7.00 1.14
N VAL C 247 -24.28 -6.07 0.40
CA VAL C 247 -24.12 -4.65 0.70
C VAL C 247 -25.37 -4.18 1.39
N ILE C 248 -25.25 -3.81 2.67
CA ILE C 248 -26.39 -3.63 3.56
C ILE C 248 -26.45 -2.18 4.00
N SER C 249 -27.59 -1.55 3.76
CA SER C 249 -27.88 -0.24 4.33
C SER C 249 -28.16 -0.36 5.82
N THR C 250 -27.58 0.54 6.61
CA THR C 250 -27.86 0.63 8.04
C THR C 250 -27.91 2.09 8.46
N PRO C 251 -29.08 2.71 8.44
CA PRO C 251 -29.20 4.09 8.93
C PRO C 251 -28.88 4.17 10.41
N ASP C 252 -28.66 5.40 10.88
CA ASP C 252 -28.67 5.63 12.32
C ASP C 252 -30.07 5.37 12.88
N ALA C 253 -30.18 4.33 13.71
CA ALA C 253 -31.48 3.94 14.23
C ALA C 253 -31.96 4.91 15.30
N PRO C 254 -33.25 4.88 15.63
CA PRO C 254 -33.76 5.78 16.69
C PRO C 254 -33.17 5.45 18.05
N SER C 255 -32.99 4.17 18.33
CA SER C 255 -32.44 3.72 19.61
C SER C 255 -31.77 2.38 19.37
N ILE C 256 -30.89 2.02 20.29
CA ILE C 256 -30.11 0.79 20.16
C ILE C 256 -30.98 -0.45 20.05
N TYR C 257 -32.15 -0.45 20.67
CA TYR C 257 -32.98 -1.64 20.62
CA TYR C 257 -33.11 -1.52 20.64
C TYR C 257 -33.71 -1.80 19.27
N ASP C 258 -33.72 -0.76 18.43
CA ASP C 258 -34.30 -0.88 17.09
C ASP C 258 -33.37 -1.53 16.07
N ILE C 259 -32.07 -1.62 16.36
CA ILE C 259 -31.11 -2.11 15.36
C ILE C 259 -31.39 -3.53 14.88
N PRO C 260 -31.86 -4.46 15.70
CA PRO C 260 -32.24 -5.77 15.14
C PRO C 260 -33.27 -5.69 14.05
N LYS C 261 -34.23 -4.78 14.16
CA LYS C 261 -35.17 -4.61 13.06
C LYS C 261 -34.48 -4.06 11.82
N VAL C 262 -33.55 -3.13 11.97
CA VAL C 262 -32.84 -2.61 10.82
C VAL C 262 -32.12 -3.74 10.10
N LEU C 263 -31.33 -4.53 10.84
CA LEU C 263 -30.59 -5.62 10.19
C LEU C 263 -31.52 -6.65 9.58
N HIS C 264 -32.67 -6.92 10.20
CA HIS C 264 -33.58 -7.90 9.60
C HIS C 264 -34.33 -7.37 8.39
N ARG C 265 -34.63 -6.08 8.35
CA ARG C 265 -35.31 -5.49 7.21
C ARG C 265 -34.44 -5.45 5.97
N GLU C 266 -33.12 -5.30 6.13
CA GLU C 266 -32.21 -5.54 5.02
C GLU C 266 -31.83 -7.00 4.82
N GLU C 267 -32.35 -7.91 5.65
CA GLU C 267 -32.11 -9.35 5.49
C GLU C 267 -30.64 -9.72 5.47
N LEU C 268 -29.85 -9.08 6.33
CA LEU C 268 -28.46 -9.51 6.53
C LEU C 268 -28.38 -10.94 7.03
N ASP C 269 -29.15 -11.27 8.07
CA ASP C 269 -28.96 -12.53 8.77
C ASP C 269 -29.28 -13.73 7.89
N ALA C 270 -30.23 -13.59 6.96
CA ALA C 270 -30.51 -14.69 6.05
C ALA C 270 -29.31 -14.98 5.16
N PHE C 271 -28.62 -13.93 4.74
CA PHE C 271 -27.41 -14.12 3.95
C PHE C 271 -26.28 -14.73 4.76
N VAL C 272 -26.12 -14.30 6.01
CA VAL C 272 -25.12 -14.93 6.89
C VAL C 272 -25.41 -16.42 7.07
N VAL C 273 -26.64 -16.77 7.41
CA VAL C 273 -27.00 -18.18 7.58
C VAL C 273 -26.79 -18.99 6.30
N ARG C 274 -27.14 -18.40 5.15
CA ARG C 274 -26.91 -19.09 3.87
C ARG C 274 -25.43 -19.25 3.56
N ARG C 275 -24.62 -18.25 3.88
CA ARG C 275 -23.20 -18.26 3.56
C ARG C 275 -22.42 -19.21 4.47
N LEU C 276 -22.73 -19.24 5.76
CA LEU C 276 -22.08 -20.18 6.67
C LEU C 276 -22.71 -21.57 6.65
N ASN C 277 -23.84 -21.75 5.99
CA ASN C 277 -24.55 -23.03 5.95
C ASN C 277 -24.91 -23.53 7.34
N LEU C 278 -25.29 -22.63 8.23
CA LEU C 278 -25.82 -23.00 9.53
C LEU C 278 -27.20 -23.63 9.37
N PRO C 279 -27.67 -24.35 10.40
CA PRO C 279 -29.01 -24.95 10.31
C PRO C 279 -30.10 -23.90 10.25
N PHE C 280 -30.69 -23.73 9.06
CA PHE C 280 -31.64 -22.65 8.82
C PHE C 280 -32.98 -22.90 9.50
N ARG C 281 -33.45 -21.91 10.26
CA ARG C 281 -34.76 -21.96 10.89
C ARG C 281 -35.30 -20.54 11.02
N ASP C 282 -36.63 -20.44 11.07
CA ASP C 282 -37.29 -19.14 11.02
C ASP C 282 -37.04 -18.29 12.26
N VAL C 283 -36.90 -16.99 12.05
CA VAL C 283 -36.85 -16.02 13.14
C VAL C 283 -38.20 -15.92 13.81
N ASP C 284 -38.21 -15.94 15.15
CA ASP C 284 -39.40 -15.62 15.94
C ASP C 284 -39.18 -14.31 16.68
N TRP C 285 -39.99 -13.30 16.35
CA TRP C 285 -39.93 -11.99 16.97
C TRP C 285 -40.70 -11.89 18.28
N THR C 286 -41.43 -12.93 18.68
CA THR C 286 -42.38 -12.81 19.77
C THR C 286 -41.73 -12.31 21.05
N GLU C 287 -40.46 -12.61 21.26
CA GLU C 287 -39.72 -12.14 22.42
C GLU C 287 -39.34 -10.66 22.35
N TRP C 288 -39.30 -10.06 21.16
CA TRP C 288 -38.78 -8.72 20.98
C TRP C 288 -39.79 -7.70 20.48
N ASP C 289 -40.87 -8.12 19.83
CA ASP C 289 -41.96 -7.19 19.53
C ASP C 289 -42.53 -6.56 20.80
N ASP C 290 -42.69 -7.34 21.87
CA ASP C 290 -43.21 -6.78 23.11
C ASP C 290 -42.25 -5.78 23.73
N LEU C 291 -40.94 -6.01 23.60
CA LEU C 291 -39.98 -5.00 24.02
C LEU C 291 -40.15 -3.73 23.21
N LEU C 292 -40.25 -3.84 21.89
CA LEU C 292 -40.36 -2.63 21.07
C LEU C 292 -41.66 -1.87 21.32
N ARG C 293 -42.75 -2.58 21.61
CA ARG C 293 -43.96 -1.92 22.10
C ARG C 293 -43.70 -1.14 23.37
N ARG C 294 -43.17 -1.80 24.39
CA ARG C 294 -42.93 -1.11 25.66
C ARG C 294 -41.99 0.10 25.47
N VAL C 295 -41.00 -0.05 24.60
CA VAL C 295 -40.05 1.03 24.34
C VAL C 295 -40.72 2.21 23.66
N HIS C 296 -41.67 1.95 22.76
CA HIS C 296 -42.24 3.03 21.96
C HIS C 296 -43.57 3.57 22.48
N GLU C 297 -44.25 2.87 23.38
CA GLU C 297 -45.58 3.26 23.84
C GLU C 297 -45.59 3.39 25.36
N PRO C 298 -44.88 4.39 25.90
CA PRO C 298 -44.90 4.60 27.35
C PRO C 298 -46.23 5.18 27.81
N HIS C 299 -46.80 4.57 28.85
CA HIS C 299 -48.02 5.12 29.44
C HIS C 299 -47.75 6.38 30.27
N GLU C 300 -46.56 6.50 30.85
CA GLU C 300 -46.28 7.64 31.73
C GLU C 300 -44.79 7.82 31.85
N THR C 301 -44.40 9.04 32.22
CA THR C 301 -43.00 9.38 32.45
C THR C 301 -42.76 9.52 33.94
N VAL C 302 -41.69 8.91 34.44
CA VAL C 302 -41.32 8.96 35.84
C VAL C 302 -39.83 9.30 35.92
N ARG C 303 -39.49 10.25 36.78
CA ARG C 303 -38.12 10.76 36.85
C ARG C 303 -37.39 10.18 38.06
N ILE C 304 -36.19 9.65 37.81
CA ILE C 304 -35.29 9.15 38.84
C ILE C 304 -34.05 10.02 38.80
N ALA C 305 -33.67 10.57 39.95
CA ALA C 305 -32.36 11.17 40.08
C ALA C 305 -31.30 10.11 40.32
N LEU C 306 -30.18 10.24 39.64
CA LEU C 306 -29.01 9.39 39.83
C LEU C 306 -27.87 10.26 40.33
N VAL C 307 -27.39 9.97 41.54
CA VAL C 307 -26.48 10.89 42.23
C VAL C 307 -25.04 10.50 41.91
N GLY C 308 -24.61 10.79 40.69
CA GLY C 308 -23.26 10.45 40.28
C GLY C 308 -22.22 11.41 40.84
N LYS C 309 -20.99 10.90 40.96
CA LYS C 309 -19.89 11.73 41.42
C LYS C 309 -19.49 12.75 40.37
N TYR C 310 -19.26 12.30 39.14
CA TYR C 310 -19.02 13.20 38.03
C TYR C 310 -19.85 12.71 36.85
N VAL C 311 -20.51 13.64 36.16
CA VAL C 311 -21.63 13.28 35.30
C VAL C 311 -21.54 13.91 33.92
N GLU C 312 -20.40 14.55 33.60
CA GLU C 312 -20.24 15.09 32.26
C GLU C 312 -20.05 14.00 31.22
N LEU C 313 -19.52 12.85 31.61
CA LEU C 313 -19.56 11.64 30.78
C LEU C 313 -20.51 10.65 31.44
N SER C 314 -21.64 10.41 30.78
CA SER C 314 -22.65 9.47 31.27
C SER C 314 -22.25 8.01 31.06
N ASP C 315 -21.30 7.74 30.16
CA ASP C 315 -20.88 6.37 29.90
C ASP C 315 -20.28 5.70 31.13
N ALA C 316 -19.79 6.47 32.10
CA ALA C 316 -19.36 5.89 33.36
C ALA C 316 -20.46 5.17 34.12
N TYR C 317 -21.74 5.35 33.75
CA TYR C 317 -22.84 4.71 34.46
C TYR C 317 -23.70 3.85 33.54
N LEU C 318 -23.18 3.51 32.36
CA LEU C 318 -23.97 2.91 31.30
C LEU C 318 -24.88 1.79 31.81
N SER C 319 -24.32 0.79 32.48
CA SER C 319 -25.16 -0.35 32.86
C SER C 319 -26.14 0.01 33.96
N VAL C 320 -25.83 0.99 34.79
CA VAL C 320 -26.81 1.46 35.78
C VAL C 320 -28.01 2.08 35.09
N ALA C 321 -27.75 3.03 34.19
CA ALA C 321 -28.81 3.66 33.43
C ALA C 321 -29.63 2.66 32.62
N GLU C 322 -28.97 1.71 31.96
CA GLU C 322 -29.69 0.69 31.22
C GLU C 322 -30.49 -0.24 32.13
N ALA C 323 -30.02 -0.54 33.34
CA ALA C 323 -30.82 -1.34 34.26
C ALA C 323 -32.04 -0.57 34.74
N LEU C 324 -31.88 0.71 35.05
CA LEU C 324 -33.04 1.54 35.37
C LEU C 324 -34.07 1.49 34.25
N ARG C 325 -33.66 1.79 33.03
CA ARG C 325 -34.62 1.81 31.92
C ARG C 325 -35.24 0.44 31.67
N ALA C 326 -34.47 -0.63 31.80
CA ALA C 326 -35.06 -1.96 31.74
C ALA C 326 -36.10 -2.18 32.83
N GLY C 327 -35.89 -1.60 34.01
CA GLY C 327 -36.95 -1.63 35.02
C GLY C 327 -38.17 -0.85 34.61
N GLY C 328 -37.95 0.34 34.07
CA GLY C 328 -39.05 1.15 33.55
C GLY C 328 -39.91 0.40 32.56
N PHE C 329 -39.27 -0.27 31.62
CA PHE C 329 -40.02 -1.02 30.60
C PHE C 329 -40.92 -2.07 31.24
N LYS C 330 -40.59 -2.56 32.44
CA LYS C 330 -41.46 -3.54 33.06
C LYS C 330 -42.79 -2.95 33.49
N HIS C 331 -42.82 -1.66 33.86
CA HIS C 331 -44.06 -0.97 34.19
C HIS C 331 -44.58 -0.11 33.05
N ARG C 332 -44.06 -0.31 31.84
CA ARG C 332 -44.44 0.51 30.69
C ARG C 332 -44.21 1.99 30.93
N ALA C 333 -43.25 2.34 31.77
CA ALA C 333 -42.98 3.73 32.13
C ALA C 333 -41.70 4.17 31.44
N LYS C 334 -41.72 5.36 30.85
CA LYS C 334 -40.49 6.00 30.39
C LYS C 334 -39.74 6.55 31.59
N VAL C 335 -38.73 5.81 32.04
CA VAL C 335 -37.82 6.33 33.05
C VAL C 335 -36.93 7.38 32.41
N GLU C 336 -36.97 8.60 32.92
CA GLU C 336 -36.07 9.67 32.51
C GLU C 336 -35.14 9.99 33.67
N ILE C 337 -33.86 10.12 33.38
CA ILE C 337 -32.84 10.22 34.42
C ILE C 337 -32.43 11.67 34.58
N CYS C 338 -32.61 12.21 35.77
CA CYS C 338 -32.07 13.52 36.15
C CYS C 338 -30.65 13.30 36.65
N TRP C 339 -29.67 13.66 35.84
CA TRP C 339 -28.26 13.47 36.20
C TRP C 339 -27.88 14.53 37.22
N VAL C 340 -27.77 14.11 38.48
CA VAL C 340 -27.51 14.99 39.61
C VAL C 340 -26.08 14.76 40.08
N ALA C 341 -25.29 15.83 40.14
CA ALA C 341 -23.89 15.75 40.52
C ALA C 341 -23.76 15.81 42.05
N SER C 342 -23.17 14.76 42.62
CA SER C 342 -23.22 14.56 44.07
C SER C 342 -22.64 15.74 44.83
N ASP C 343 -21.65 16.42 44.26
CA ASP C 343 -20.99 17.49 45.01
C ASP C 343 -21.87 18.72 45.16
N GLY C 344 -22.97 18.80 44.42
CA GLY C 344 -24.00 19.78 44.69
C GLY C 344 -24.94 19.43 45.83
N CYS C 345 -24.86 18.22 46.36
CA CYS C 345 -25.85 17.71 47.30
C CYS C 345 -25.28 17.53 48.70
N GLU C 346 -24.07 18.01 48.96
CA GLU C 346 -23.46 17.86 50.27
C GLU C 346 -24.08 18.78 51.32
N THR C 347 -24.75 19.86 50.90
CA THR C 347 -25.52 20.70 51.80
C THR C 347 -27.02 20.48 51.59
N THR C 348 -27.77 20.49 52.69
CA THR C 348 -29.19 20.19 52.61
C THR C 348 -29.96 21.23 51.79
N SER C 349 -29.48 22.48 51.74
CA SER C 349 -30.11 23.45 50.86
C SER C 349 -29.84 23.12 49.39
N GLY C 350 -28.60 22.76 49.08
CA GLY C 350 -28.28 22.29 47.73
C GLY C 350 -28.98 20.98 47.41
N ALA C 351 -29.03 20.06 48.37
CA ALA C 351 -29.77 18.83 48.17
C ALA C 351 -31.23 19.10 47.84
N ALA C 352 -31.88 19.97 48.62
CA ALA C 352 -33.27 20.32 48.33
C ALA C 352 -33.42 20.96 46.97
N ALA C 353 -32.50 21.87 46.60
CA ALA C 353 -32.56 22.51 45.31
C ALA C 353 -32.41 21.51 44.15
N ALA C 354 -31.59 20.48 44.34
CA ALA C 354 -31.41 19.50 43.27
C ALA C 354 -32.50 18.44 43.22
N LEU C 355 -32.78 17.79 44.34
CA LEU C 355 -33.50 16.53 44.35
C LEU C 355 -35.01 16.66 44.46
N GLY C 356 -35.53 17.84 44.79
CA GLY C 356 -36.96 17.97 45.06
C GLY C 356 -37.87 17.72 43.88
N ASP C 357 -37.34 17.69 42.66
CA ASP C 357 -38.15 17.63 41.46
C ASP C 357 -38.47 16.21 40.99
N VAL C 358 -37.97 15.17 41.65
CA VAL C 358 -37.95 13.83 41.10
C VAL C 358 -38.82 12.92 41.96
N HIS C 359 -39.03 11.70 41.46
CA HIS C 359 -39.83 10.70 42.14
C HIS C 359 -39.00 9.57 42.73
N GLY C 360 -37.68 9.64 42.63
CA GLY C 360 -36.83 8.67 43.28
C GLY C 360 -35.38 9.06 43.07
N VAL C 361 -34.53 8.54 43.96
CA VAL C 361 -33.11 8.82 43.92
C VAL C 361 -32.33 7.52 44.03
N LEU C 362 -31.29 7.39 43.22
CA LEU C 362 -30.50 6.18 43.16
CA LEU C 362 -30.50 6.16 43.09
C LEU C 362 -29.05 6.49 43.45
N ILE C 363 -28.43 5.67 44.30
CA ILE C 363 -27.04 5.88 44.66
C ILE C 363 -26.15 4.86 43.96
N PRO C 364 -25.51 5.20 42.84
CA PRO C 364 -24.71 4.23 42.13
C PRO C 364 -23.39 3.97 42.83
N GLY C 365 -22.70 2.94 42.37
CA GLY C 365 -21.41 2.61 42.90
C GLY C 365 -20.38 3.67 42.56
N GLY C 366 -19.17 3.46 43.07
CA GLY C 366 -18.11 4.44 42.92
C GLY C 366 -16.79 3.90 43.41
N PHE C 367 -16.45 2.69 42.98
CA PHE C 367 -15.17 2.11 43.35
C PHE C 367 -14.03 3.01 42.90
N GLY C 368 -13.15 3.36 43.84
CA GLY C 368 -11.99 4.17 43.55
C GLY C 368 -12.19 5.67 43.59
N ILE C 369 -13.41 6.16 43.79
CA ILE C 369 -13.61 7.59 43.98
C ILE C 369 -13.16 8.00 45.38
N ARG C 370 -12.98 9.30 45.57
CA ARG C 370 -12.72 9.88 46.88
C ARG C 370 -13.80 10.88 47.25
N GLY C 371 -14.13 10.94 48.54
CA GLY C 371 -15.06 11.91 49.07
C GLY C 371 -16.51 11.62 48.73
N ILE C 372 -17.26 11.15 49.74
CA ILE C 372 -18.61 10.61 49.55
C ILE C 372 -19.66 11.39 50.31
N GLU C 373 -19.26 12.43 51.07
CA GLU C 373 -20.21 13.09 51.96
C GLU C 373 -21.38 13.70 51.22
N GLY C 374 -21.21 14.04 49.94
CA GLY C 374 -22.35 14.45 49.14
C GLY C 374 -23.43 13.39 49.07
N LYS C 375 -23.04 12.13 48.88
CA LYS C 375 -24.02 11.07 48.80
C LYS C 375 -24.72 10.86 50.14
N ILE C 376 -23.98 10.95 51.24
CA ILE C 376 -24.61 10.83 52.56
C ILE C 376 -25.61 11.94 52.79
N GLY C 377 -25.24 13.18 52.47
CA GLY C 377 -26.20 14.27 52.56
C GLY C 377 -27.43 14.06 51.71
N ALA C 378 -27.24 13.62 50.47
CA ALA C 378 -28.37 13.31 49.60
C ALA C 378 -29.27 12.23 50.18
N ILE C 379 -28.70 11.22 50.82
CA ILE C 379 -29.54 10.18 51.41
C ILE C 379 -30.28 10.70 52.63
N ALA C 380 -29.61 11.48 53.48
CA ALA C 380 -30.29 12.06 54.65
C ALA C 380 -31.46 12.94 54.23
N TYR C 381 -31.26 13.76 53.19
CA TYR C 381 -32.37 14.48 52.61
C TYR C 381 -33.46 13.55 52.10
N ALA C 382 -33.09 12.56 51.31
CA ALA C 382 -34.12 11.72 50.69
C ALA C 382 -34.94 11.00 51.75
N ARG C 383 -34.30 10.56 52.83
CA ARG C 383 -35.03 9.99 53.96
C ARG C 383 -36.00 10.99 54.58
N ALA C 384 -35.53 12.21 54.88
CA ALA C 384 -36.44 13.18 55.47
C ALA C 384 -37.58 13.53 54.52
N ARG C 385 -37.30 13.65 53.23
CA ARG C 385 -38.31 13.97 52.23
C ARG C 385 -39.17 12.77 51.84
N GLY C 386 -38.73 11.55 52.15
CA GLY C 386 -39.49 10.37 51.82
C GLY C 386 -39.28 9.83 50.43
N LEU C 387 -38.22 10.27 49.74
CA LEU C 387 -37.93 9.80 48.40
C LEU C 387 -37.41 8.37 48.44
N PRO C 388 -37.91 7.47 47.59
CA PRO C 388 -37.34 6.13 47.53
C PRO C 388 -35.86 6.16 47.16
N VAL C 389 -35.09 5.28 47.79
CA VAL C 389 -33.65 5.20 47.60
C VAL C 389 -33.25 3.77 47.33
N LEU C 390 -32.31 3.58 46.42
CA LEU C 390 -31.56 2.35 46.26
C LEU C 390 -30.07 2.66 46.22
N GLY C 391 -29.30 1.93 47.01
CA GLY C 391 -27.86 2.08 47.02
C GLY C 391 -27.11 0.86 46.50
N LEU C 392 -26.30 1.05 45.46
CA LEU C 392 -25.78 -0.09 44.71
C LEU C 392 -24.65 -0.78 45.47
N CYS C 393 -23.51 -0.12 45.61
CA CYS C 393 -22.42 -0.69 46.40
C CYS C 393 -21.89 0.30 47.42
N LEU C 394 -21.13 1.30 46.96
CA LEU C 394 -20.87 2.47 47.79
C LEU C 394 -22.16 3.11 48.28
N GLY C 395 -23.25 2.93 47.55
CA GLY C 395 -24.54 3.35 48.03
C GLY C 395 -24.94 2.77 49.37
N LEU C 396 -24.75 1.45 49.52
CA LEU C 396 -25.01 0.85 50.82
C LEU C 396 -24.10 1.39 51.91
N GLN C 397 -22.84 1.68 51.58
CA GLN C 397 -21.94 2.21 52.59
C GLN C 397 -22.30 3.64 53.01
N CYS C 398 -22.81 4.45 52.08
CA CYS C 398 -23.34 5.75 52.45
C CYS C 398 -24.65 5.65 53.23
N ILE C 399 -25.53 4.73 52.85
CA ILE C 399 -26.75 4.52 53.63
C ILE C 399 -26.40 4.09 55.05
N VAL C 400 -25.45 3.17 55.21
CA VAL C 400 -25.10 2.71 56.55
C VAL C 400 -24.45 3.81 57.36
N ILE C 401 -23.56 4.60 56.77
CA ILE C 401 -23.00 5.74 57.49
C ILE C 401 -24.10 6.73 57.89
N GLU C 402 -25.04 7.01 57.00
CA GLU C 402 -26.16 7.88 57.35
C GLU C 402 -26.98 7.32 58.50
N ALA C 403 -27.30 6.03 58.45
CA ALA C 403 -28.05 5.41 59.53
C ALA C 403 -27.31 5.52 60.86
N ALA C 404 -26.03 5.18 60.88
CA ALA C 404 -25.25 5.29 62.12
C ALA C 404 -25.21 6.72 62.63
N ARG C 405 -25.00 7.70 61.75
CA ARG C 405 -25.01 9.10 62.19
C ARG C 405 -26.38 9.55 62.67
N SER C 406 -27.46 8.99 62.13
CA SER C 406 -28.79 9.30 62.64
C SER C 406 -29.01 8.81 64.07
N VAL C 407 -28.33 7.73 64.49
CA VAL C 407 -28.37 7.29 65.88
C VAL C 407 -27.20 7.85 66.68
N GLY C 408 -26.60 8.94 66.22
CA GLY C 408 -25.67 9.70 67.04
C GLY C 408 -24.22 9.29 66.92
N LEU C 409 -23.90 8.24 66.15
CA LEU C 409 -22.52 7.83 65.91
C LEU C 409 -21.89 8.82 64.93
N THR C 410 -21.71 10.05 65.43
CA THR C 410 -21.55 11.21 64.55
C THR C 410 -20.28 11.12 63.71
N ASN C 411 -19.18 10.65 64.29
CA ASN C 411 -17.93 10.49 63.56
C ASN C 411 -17.80 9.15 62.85
N ALA C 412 -18.90 8.39 62.73
CA ALA C 412 -18.84 7.13 62.01
C ALA C 412 -18.42 7.37 60.56
N ASN C 413 -17.68 6.41 60.00
CA ASN C 413 -17.22 6.52 58.63
C ASN C 413 -16.90 5.13 58.12
N SER C 414 -16.58 5.05 56.82
CA SER C 414 -15.83 3.92 56.29
C SER C 414 -14.33 4.10 56.46
N ALA C 415 -13.66 3.02 56.86
CA ALA C 415 -12.20 2.99 56.93
C ALA C 415 -11.54 3.29 55.59
N GLU C 416 -12.26 3.14 54.48
CA GLU C 416 -11.73 3.55 53.18
C GLU C 416 -11.51 5.05 53.11
N PHE C 417 -12.43 5.83 53.65
CA PHE C 417 -12.43 7.29 53.49
C PHE C 417 -11.91 8.02 54.72
N ASP C 418 -11.98 7.41 55.90
CA ASP C 418 -11.25 7.90 57.07
C ASP C 418 -10.62 6.72 57.78
N PRO C 419 -9.38 6.37 57.42
CA PRO C 419 -8.69 5.29 58.14
C PRO C 419 -8.52 5.56 59.64
N ASP C 420 -8.70 6.80 60.07
CA ASP C 420 -8.53 7.18 61.47
C ASP C 420 -9.85 7.38 62.19
N THR C 421 -10.96 7.01 61.56
CA THR C 421 -12.26 7.17 62.20
C THR C 421 -12.29 6.38 63.51
N PRO C 422 -12.87 6.94 64.58
CA PRO C 422 -13.09 6.15 65.80
C PRO C 422 -14.22 5.16 65.69
N ASP C 423 -15.06 5.24 64.66
CA ASP C 423 -16.20 4.34 64.47
C ASP C 423 -16.20 3.83 63.03
N PRO C 424 -15.31 2.91 62.71
CA PRO C 424 -15.34 2.28 61.38
C PRO C 424 -16.49 1.30 61.24
N VAL C 425 -17.69 1.81 60.97
CA VAL C 425 -18.81 0.92 60.66
C VAL C 425 -18.57 0.17 59.36
N ILE C 426 -17.82 0.74 58.43
CA ILE C 426 -17.31 0.00 57.28
C ILE C 426 -15.79 -0.05 57.36
N ALA C 427 -15.25 -1.26 57.35
CA ALA C 427 -13.85 -1.49 57.66
C ALA C 427 -13.34 -2.63 56.79
N THR C 428 -12.02 -2.67 56.61
CA THR C 428 -11.41 -3.79 55.89
C THR C 428 -11.58 -5.07 56.69
N MET C 429 -11.94 -6.15 56.00
CA MET C 429 -12.09 -7.43 56.66
C MET C 429 -10.72 -8.04 56.93
N GLY C 443 -5.08 -4.93 53.16
CA GLY C 443 -6.27 -4.50 52.47
C GLY C 443 -7.41 -5.49 52.57
N GLY C 444 -7.17 -6.60 53.27
CA GLY C 444 -8.18 -7.62 53.43
C GLY C 444 -8.55 -8.27 52.11
N THR C 445 -9.46 -9.24 52.20
CA THR C 445 -9.86 -10.02 51.04
C THR C 445 -10.66 -9.13 50.09
N MET C 446 -10.11 -8.88 48.90
CA MET C 446 -10.86 -8.24 47.83
C MET C 446 -11.81 -9.27 47.23
N ARG C 447 -13.09 -9.15 47.54
CA ARG C 447 -14.11 -10.02 46.96
C ARG C 447 -14.40 -9.63 45.52
N LEU C 448 -14.35 -10.61 44.63
CA LEU C 448 -14.70 -10.43 43.23
C LEU C 448 -15.59 -11.56 42.75
N GLY C 449 -16.59 -11.22 41.94
CA GLY C 449 -17.40 -12.22 41.28
C GLY C 449 -18.59 -12.71 42.08
N SER C 450 -19.10 -13.85 41.65
CA SER C 450 -20.38 -14.40 42.09
C SER C 450 -20.27 -15.08 43.44
N TYR C 451 -21.08 -14.64 44.40
CA TYR C 451 -21.13 -15.27 45.72
C TYR C 451 -22.59 -15.46 46.12
N PRO C 452 -22.90 -16.58 46.78
CA PRO C 452 -24.27 -16.79 47.29
C PRO C 452 -24.59 -15.86 48.45
N ALA C 453 -25.89 -15.63 48.63
CA ALA C 453 -26.40 -14.88 49.76
C ALA C 453 -27.77 -15.42 50.13
N VAL C 454 -28.17 -15.17 51.39
CA VAL C 454 -29.44 -15.63 51.93
C VAL C 454 -30.25 -14.44 52.42
N LEU C 455 -31.56 -14.50 52.20
CA LEU C 455 -32.48 -13.43 52.53
C LEU C 455 -33.30 -13.81 53.75
N GLU C 456 -33.56 -12.83 54.60
CA GLU C 456 -34.56 -12.98 55.64
C GLU C 456 -35.90 -13.39 55.03
N PRO C 457 -36.48 -14.51 55.42
CA PRO C 457 -37.76 -14.93 54.83
C PRO C 457 -38.85 -13.89 55.07
N ASP C 458 -39.62 -13.63 54.02
CA ASP C 458 -40.68 -12.61 54.03
C ASP C 458 -40.17 -11.22 54.35
N SER C 459 -38.87 -10.98 54.22
CA SER C 459 -38.39 -9.61 54.12
C SER C 459 -38.91 -8.95 52.84
N VAL C 460 -38.79 -7.62 52.80
CA VAL C 460 -39.19 -6.86 51.63
C VAL C 460 -38.41 -7.29 50.39
N VAL C 461 -37.11 -7.53 50.57
CA VAL C 461 -36.30 -8.09 49.48
C VAL C 461 -36.76 -9.51 49.16
N ALA C 462 -37.13 -10.28 50.17
CA ALA C 462 -37.65 -11.62 49.90
C ALA C 462 -38.98 -11.55 49.17
N GLN C 463 -39.81 -10.56 49.51
CA GLN C 463 -41.04 -10.34 48.76
C GLN C 463 -40.76 -9.94 47.31
N ALA C 464 -39.69 -9.20 47.06
CA ALA C 464 -39.33 -8.84 45.69
C ALA C 464 -38.80 -10.04 44.91
N TYR C 465 -37.75 -10.69 45.41
CA TYR C 465 -37.16 -11.82 44.71
C TYR C 465 -38.06 -13.04 44.70
N GLN C 466 -39.04 -13.11 45.58
CA GLN C 466 -39.90 -14.28 45.68
C GLN C 466 -39.11 -15.54 45.99
N THR C 467 -37.93 -15.41 46.59
CA THR C 467 -37.17 -16.58 47.02
C THR C 467 -36.22 -16.18 48.13
N THR C 468 -35.75 -17.18 48.87
CA THR C 468 -34.74 -16.99 49.90
C THR C 468 -33.32 -17.05 49.35
N GLN C 469 -33.09 -17.66 48.20
CA GLN C 469 -31.75 -17.87 47.66
C GLN C 469 -31.51 -17.02 46.42
N VAL C 470 -30.41 -16.26 46.45
CA VAL C 470 -30.04 -15.34 45.39
C VAL C 470 -28.54 -15.47 45.18
N SER C 471 -28.06 -14.89 44.08
CA SER C 471 -26.63 -14.68 43.88
C SER C 471 -26.39 -13.36 43.18
N GLU C 472 -25.22 -12.77 43.46
CA GLU C 472 -24.92 -11.43 42.97
C GLU C 472 -23.42 -11.33 42.68
N ARG C 473 -23.09 -10.34 41.86
CA ARG C 473 -21.71 -10.09 41.45
C ARG C 473 -21.14 -8.93 42.26
N HIS C 474 -19.92 -9.09 42.76
CA HIS C 474 -19.37 -8.19 43.75
C HIS C 474 -18.03 -7.63 43.29
N ARG C 475 -17.69 -6.47 43.82
CA ARG C 475 -16.40 -5.84 43.57
C ARG C 475 -16.09 -4.86 44.69
N HIS C 476 -15.85 -5.37 45.90
CA HIS C 476 -15.57 -4.52 47.05
C HIS C 476 -14.70 -5.28 48.04
N ARG C 477 -13.92 -4.53 48.82
CA ARG C 477 -13.07 -5.08 49.86
C ARG C 477 -13.46 -4.67 51.28
N TYR C 478 -14.34 -3.70 51.44
CA TYR C 478 -14.82 -3.27 52.76
C TYR C 478 -16.20 -3.83 53.04
N GLU C 479 -16.46 -4.08 54.33
CA GLU C 479 -17.67 -4.77 54.75
C GLU C 479 -18.22 -4.09 56.00
N VAL C 480 -19.52 -4.32 56.23
CA VAL C 480 -20.15 -3.89 57.47
C VAL C 480 -19.46 -4.56 58.65
N ASN C 481 -19.10 -3.76 59.65
CA ASN C 481 -18.42 -4.27 60.83
C ASN C 481 -19.37 -5.17 61.61
N ASN C 482 -19.06 -6.45 61.69
CA ASN C 482 -19.97 -7.42 62.30
C ASN C 482 -20.23 -7.13 63.77
N ALA C 483 -19.33 -6.39 64.44
CA ALA C 483 -19.55 -5.97 65.81
C ALA C 483 -20.63 -4.89 65.95
N TYR C 484 -20.95 -4.17 64.88
CA TYR C 484 -21.89 -3.06 64.96
C TYR C 484 -23.31 -3.43 64.55
N ARG C 485 -23.54 -4.64 64.02
CA ARG C 485 -24.86 -4.99 63.51
C ARG C 485 -25.94 -4.69 64.53
N ASP C 486 -25.79 -5.19 65.75
CA ASP C 486 -26.79 -4.97 66.79
C ASP C 486 -26.95 -3.48 67.12
N LYS C 487 -25.85 -2.73 67.08
CA LYS C 487 -25.94 -1.29 67.32
C LYS C 487 -26.65 -0.57 66.18
N ILE C 488 -26.28 -0.87 64.93
CA ILE C 488 -26.93 -0.24 63.78
C ILE C 488 -28.42 -0.58 63.74
N ALA C 489 -28.77 -1.82 64.08
CA ALA C 489 -30.18 -2.22 64.12
C ALA C 489 -31.00 -1.40 65.09
N GLU C 490 -30.36 -0.64 66.00
CA GLU C 490 -31.11 0.31 66.81
C GLU C 490 -31.78 1.39 65.97
N SER C 491 -31.31 1.61 64.74
CA SER C 491 -31.98 2.52 63.81
C SER C 491 -33.27 1.94 63.25
N GLY C 492 -33.51 0.63 63.43
CA GLY C 492 -34.57 -0.06 62.70
C GLY C 492 -34.10 -0.68 61.41
N LEU C 493 -32.93 -0.31 60.93
CA LEU C 493 -32.31 -0.91 59.74
C LEU C 493 -32.12 -2.41 59.92
N ARG C 494 -32.90 -3.22 59.23
CA ARG C 494 -32.67 -4.66 59.28
C ARG C 494 -31.53 -5.04 58.34
N PHE C 495 -30.66 -5.92 58.83
CA PHE C 495 -29.67 -6.58 58.00
C PHE C 495 -30.30 -7.82 57.36
N SER C 496 -31.17 -7.54 56.39
CA SER C 496 -32.10 -8.52 55.84
C SER C 496 -31.44 -9.54 54.91
N GLY C 497 -30.13 -9.51 54.72
CA GLY C 497 -29.46 -10.61 54.05
C GLY C 497 -27.99 -10.67 54.39
N THR C 498 -27.45 -11.89 54.34
CA THR C 498 -26.10 -12.16 54.78
C THR C 498 -25.51 -13.25 53.89
N SER C 499 -24.21 -13.51 54.09
CA SER C 499 -23.62 -14.76 53.65
C SER C 499 -24.34 -15.94 54.29
N PRO C 500 -24.28 -17.13 53.67
CA PRO C 500 -25.03 -18.26 54.21
C PRO C 500 -24.60 -18.64 55.61
N ASP C 501 -23.35 -18.39 55.98
CA ASP C 501 -22.87 -18.57 57.34
C ASP C 501 -23.24 -17.39 58.25
N GLY C 502 -23.86 -16.35 57.72
CA GLY C 502 -24.18 -15.18 58.50
C GLY C 502 -23.00 -14.26 58.75
N HIS C 503 -21.80 -14.62 58.27
CA HIS C 503 -20.61 -13.87 58.61
C HIS C 503 -20.58 -12.49 57.96
N LEU C 504 -21.13 -12.35 56.75
CA LEU C 504 -21.02 -11.11 55.99
C LEU C 504 -22.39 -10.52 55.68
N VAL C 505 -22.45 -9.19 55.71
CA VAL C 505 -23.66 -8.43 55.39
C VAL C 505 -23.82 -8.30 53.88
N GLU C 506 -25.04 -8.53 53.39
CA GLU C 506 -25.33 -8.50 51.96
C GLU C 506 -26.41 -7.49 51.56
N PHE C 507 -27.39 -7.24 52.41
CA PHE C 507 -28.47 -6.30 52.13
C PHE C 507 -28.87 -5.57 53.41
N VAL C 508 -29.41 -4.37 53.24
CA VAL C 508 -30.04 -3.65 54.33
C VAL C 508 -31.36 -3.05 53.82
N GLU C 509 -32.32 -2.90 54.74
CA GLU C 509 -33.57 -2.23 54.40
C GLU C 509 -34.12 -1.54 55.65
N TYR C 510 -34.88 -0.44 55.43
CA TYR C 510 -35.79 0.05 56.46
C TYR C 510 -37.13 -0.68 56.38
N PRO C 511 -37.84 -0.82 57.51
CA PRO C 511 -39.11 -1.56 57.48
C PRO C 511 -40.17 -0.83 56.68
N PRO C 512 -41.16 -1.58 56.16
CA PRO C 512 -42.14 -0.97 55.24
C PRO C 512 -42.90 0.21 55.82
N ASP C 513 -43.09 0.27 57.14
CA ASP C 513 -43.78 1.38 57.77
C ASP C 513 -42.84 2.49 58.23
N ARG C 514 -41.53 2.26 58.20
CA ARG C 514 -40.59 3.36 58.41
C ARG C 514 -40.40 4.16 57.12
N HIS C 515 -40.20 3.48 56.00
CA HIS C 515 -40.16 4.14 54.70
C HIS C 515 -40.72 3.19 53.65
N PRO C 516 -41.26 3.72 52.54
CA PRO C 516 -41.91 2.83 51.57
C PRO C 516 -40.96 1.87 50.91
N PHE C 517 -39.76 2.34 50.53
CA PHE C 517 -38.74 1.47 49.97
C PHE C 517 -37.40 2.19 50.08
N VAL C 518 -36.57 1.77 51.03
CA VAL C 518 -35.19 2.23 51.13
C VAL C 518 -34.32 1.01 51.35
N VAL C 519 -33.60 0.59 50.31
CA VAL C 519 -32.84 -0.64 50.31
C VAL C 519 -31.44 -0.33 49.84
N GLY C 520 -30.47 -1.11 50.32
CA GLY C 520 -29.14 -1.07 49.76
C GLY C 520 -28.60 -2.49 49.62
N THR C 521 -27.56 -2.61 48.81
CA THR C 521 -26.79 -3.84 48.73
C THR C 521 -25.33 -3.49 48.53
N GLN C 522 -24.47 -4.47 48.73
CA GLN C 522 -23.08 -4.35 48.32
C GLN C 522 -22.88 -4.80 46.87
N ALA C 523 -23.87 -5.50 46.31
CA ALA C 523 -23.76 -6.07 44.98
C ALA C 523 -23.77 -4.99 43.90
N HIS C 524 -23.49 -5.41 42.68
CA HIS C 524 -23.84 -4.65 41.49
C HIS C 524 -24.99 -5.34 40.76
N PRO C 525 -26.22 -5.19 41.23
CA PRO C 525 -27.35 -5.89 40.58
C PRO C 525 -27.60 -5.45 39.15
N GLU C 526 -27.11 -4.29 38.73
CA GLU C 526 -27.27 -3.86 37.35
C GLU C 526 -26.59 -4.77 36.35
N LEU C 527 -25.62 -5.57 36.77
CA LEU C 527 -24.94 -6.46 35.83
C LEU C 527 -25.77 -7.69 35.46
N LYS C 528 -26.77 -8.05 36.25
CA LYS C 528 -27.69 -9.13 35.87
C LYS C 528 -28.91 -8.63 35.11
N SER C 529 -28.91 -7.37 34.69
CA SER C 529 -29.99 -6.83 33.87
C SER C 529 -30.02 -7.47 32.47
N ARG C 530 -31.23 -7.80 32.01
CA ARG C 530 -31.51 -7.97 30.60
C ARG C 530 -32.90 -7.41 30.30
N PRO C 531 -33.09 -6.79 29.13
CA PRO C 531 -34.38 -6.15 28.86
C PRO C 531 -35.54 -7.11 28.80
N THR C 532 -35.30 -8.38 28.46
CA THR C 532 -36.34 -9.40 28.52
C THR C 532 -36.45 -10.03 29.89
N ARG C 533 -35.60 -9.65 30.84
CA ARG C 533 -35.51 -10.27 32.15
C ARG C 533 -34.94 -9.27 33.14
N PRO C 534 -35.70 -8.26 33.54
CA PRO C 534 -35.13 -7.18 34.36
C PRO C 534 -34.77 -7.69 35.74
N HIS C 535 -33.86 -6.97 36.38
CA HIS C 535 -33.43 -7.38 37.71
C HIS C 535 -34.55 -7.07 38.71
N PRO C 536 -34.84 -8.00 39.63
CA PRO C 536 -35.99 -7.80 40.52
C PRO C 536 -35.96 -6.51 41.34
N LEU C 537 -34.80 -6.13 41.86
CA LEU C 537 -34.74 -4.94 42.69
C LEU C 537 -35.05 -3.68 41.91
N PHE C 538 -34.56 -3.55 40.67
CA PHE C 538 -34.91 -2.35 39.90
C PHE C 538 -36.37 -2.31 39.51
N VAL C 539 -37.01 -3.47 39.34
CA VAL C 539 -38.46 -3.52 39.14
C VAL C 539 -39.19 -3.03 40.39
N ALA C 540 -38.79 -3.54 41.56
CA ALA C 540 -39.44 -3.10 42.79
C ALA C 540 -39.21 -1.62 43.06
N PHE C 541 -37.98 -1.14 42.83
CA PHE C 541 -37.68 0.27 43.02
C PHE C 541 -38.49 1.16 42.10
N VAL C 542 -38.63 0.78 40.83
CA VAL C 542 -39.52 1.56 39.95
C VAL C 542 -40.98 1.43 40.35
N GLY C 543 -41.40 0.28 40.85
CA GLY C 543 -42.74 0.18 41.43
C GLY C 543 -42.98 1.14 42.57
N ALA C 544 -42.01 1.27 43.47
CA ALA C 544 -42.11 2.25 44.55
C ALA C 544 -42.06 3.68 44.04
N ALA C 545 -41.26 3.97 43.02
CA ALA C 545 -41.21 5.32 42.48
C ALA C 545 -42.50 5.69 41.76
N ILE C 546 -43.12 4.74 41.06
CA ILE C 546 -44.43 4.95 40.47
C ILE C 546 -45.50 5.13 41.55
N ASP C 547 -45.45 4.34 42.61
CA ASP C 547 -46.41 4.54 43.70
C ASP C 547 -46.24 5.90 44.38
N TYR C 548 -45.00 6.37 44.52
CA TYR C 548 -44.79 7.75 44.99
C TYR C 548 -45.37 8.77 44.03
N LYS C 549 -45.18 8.58 42.73
CA LYS C 549 -45.79 9.50 41.76
C LYS C 549 -47.31 9.50 41.87
N ALA C 550 -47.91 8.31 42.01
CA ALA C 550 -49.36 8.19 42.14
C ALA C 550 -49.87 8.82 43.43
N GLY C 551 -49.12 8.71 44.51
CA GLY C 551 -49.58 9.28 45.77
C GLY C 551 -49.40 10.77 45.84
N GLU C 552 -48.30 11.29 45.31
CA GLU C 552 -47.99 12.70 45.47
C GLU C 552 -49.01 13.55 44.72
N PRO D 5 13.60 41.99 -9.65
CA PRO D 5 13.96 40.89 -10.53
C PRO D 5 13.19 39.61 -10.24
N GLN D 6 13.00 38.77 -11.26
CA GLN D 6 12.15 37.60 -11.15
C GLN D 6 13.02 36.34 -11.05
N THR D 7 12.73 35.53 -10.04
CA THR D 7 13.34 34.20 -9.92
C THR D 7 12.61 33.23 -10.85
N ALA D 8 12.89 31.94 -10.68
CA ALA D 8 12.23 30.91 -11.46
C ALA D 8 10.74 30.89 -11.14
N THR D 9 9.94 30.49 -12.12
CA THR D 9 8.51 30.36 -11.92
C THR D 9 8.21 29.17 -11.01
N LYS D 10 7.63 29.46 -9.85
CA LYS D 10 7.28 28.44 -8.89
C LYS D 10 6.08 27.64 -9.38
N HIS D 11 5.97 26.40 -8.92
CA HIS D 11 4.82 25.57 -9.20
C HIS D 11 4.11 25.21 -7.90
N LEU D 12 2.79 25.14 -7.92
CA LEU D 12 2.00 24.93 -6.70
C LEU D 12 0.87 23.93 -6.99
N PHE D 13 1.18 22.65 -6.94
CA PHE D 13 0.17 21.64 -7.23
C PHE D 13 -0.88 21.59 -6.14
N VAL D 14 -2.07 21.13 -6.51
CA VAL D 14 -3.18 20.93 -5.57
C VAL D 14 -3.83 19.60 -5.91
N SER D 15 -4.00 18.72 -4.92
CA SER D 15 -4.59 17.41 -5.16
C SER D 15 -5.59 17.10 -4.06
N GLY D 16 -6.64 16.38 -4.43
CA GLY D 16 -7.72 16.04 -3.51
C GLY D 16 -7.61 14.62 -3.01
N GLY D 17 -7.95 14.43 -1.73
CA GLY D 17 -8.03 13.13 -1.13
C GLY D 17 -9.38 12.87 -0.48
N VAL D 18 -9.60 11.61 -0.14
CA VAL D 18 -10.83 11.14 0.49
C VAL D 18 -12.03 11.18 -0.44
N ALA D 19 -12.32 12.34 -1.03
CA ALA D 19 -13.52 12.45 -1.84
C ALA D 19 -13.36 13.57 -2.86
N SER D 20 -14.12 13.45 -3.95
CA SER D 20 -14.44 14.58 -4.81
C SER D 20 -15.65 15.34 -4.29
N SER D 21 -15.88 16.50 -4.89
CA SER D 21 -16.87 17.49 -4.43
C SER D 21 -16.44 18.17 -3.13
N LEU D 22 -15.15 18.46 -3.01
CA LEU D 22 -14.62 19.16 -1.85
C LEU D 22 -14.21 20.60 -2.12
N GLY D 23 -14.24 21.06 -3.37
CA GLY D 23 -13.93 22.44 -3.65
C GLY D 23 -12.47 22.73 -3.88
N LYS D 24 -11.72 21.81 -4.48
CA LYS D 24 -10.38 22.12 -4.93
C LYS D 24 -10.36 23.32 -5.86
N GLY D 25 -11.31 23.39 -6.79
CA GLY D 25 -11.38 24.48 -7.72
C GLY D 25 -11.52 25.86 -7.11
N LEU D 26 -12.56 26.07 -6.30
CA LEU D 26 -12.74 27.35 -5.65
C LEU D 26 -11.65 27.66 -4.62
N THR D 27 -11.13 26.65 -3.93
CA THR D 27 -10.02 26.87 -3.01
C THR D 27 -8.78 27.37 -3.75
N ALA D 28 -8.39 26.66 -4.80
CA ALA D 28 -7.24 27.08 -5.60
C ALA D 28 -7.48 28.44 -6.25
N SER D 29 -8.71 28.70 -6.69
CA SER D 29 -9.06 30.01 -7.20
C SER D 29 -8.88 31.10 -6.15
N SER D 30 -9.32 30.84 -4.92
CA SER D 30 -9.19 31.83 -3.86
C SER D 30 -7.73 32.06 -3.49
N LEU D 31 -6.92 31.01 -3.49
CA LEU D 31 -5.49 31.17 -3.31
C LEU D 31 -4.86 32.02 -4.42
N GLY D 32 -5.27 31.78 -5.66
CA GLY D 32 -4.86 32.64 -6.75
C GLY D 32 -5.30 34.08 -6.58
N GLN D 33 -6.52 34.28 -6.08
CA GLN D 33 -7.00 35.62 -5.78
C GLN D 33 -6.12 36.31 -4.75
N LEU D 34 -5.78 35.62 -3.66
CA LEU D 34 -4.96 36.26 -2.64
C LEU D 34 -3.56 36.59 -3.14
N LEU D 35 -2.93 35.64 -3.85
CA LEU D 35 -1.62 35.92 -4.42
C LEU D 35 -1.69 37.06 -5.45
N THR D 36 -2.77 37.13 -6.22
CA THR D 36 -2.94 38.27 -7.11
C THR D 36 -3.02 39.57 -6.33
N ALA D 37 -3.79 39.57 -5.24
CA ALA D 37 -3.92 40.79 -4.46
C ALA D 37 -2.60 41.24 -3.88
N ARG D 38 -1.70 40.30 -3.57
CA ARG D 38 -0.36 40.73 -3.18
C ARG D 38 0.39 41.39 -4.32
N GLY D 39 -0.02 41.14 -5.57
CA GLY D 39 0.64 41.68 -6.74
C GLY D 39 1.48 40.71 -7.53
N LEU D 40 1.46 39.43 -7.19
CA LEU D 40 2.15 38.43 -8.00
C LEU D 40 1.36 38.16 -9.27
N HIS D 41 2.06 37.91 -10.36
CA HIS D 41 1.40 37.49 -11.60
C HIS D 41 1.16 35.99 -11.52
N VAL D 42 0.04 35.62 -10.96
CA VAL D 42 -0.38 34.21 -10.92
C VAL D 42 -1.00 33.80 -12.25
N THR D 43 -0.83 32.54 -12.60
CA THR D 43 -1.62 31.89 -13.63
C THR D 43 -1.96 30.49 -13.17
N MET D 44 -2.88 29.84 -13.89
CA MET D 44 -3.52 28.63 -13.38
C MET D 44 -3.68 27.62 -14.49
N GLN D 45 -3.89 26.38 -14.09
CA GLN D 45 -4.02 25.26 -15.01
C GLN D 45 -4.84 24.16 -14.36
N LYS D 46 -5.66 23.48 -15.15
CA LYS D 46 -6.40 22.31 -14.73
C LYS D 46 -5.93 21.09 -15.52
N LEU D 47 -5.74 19.97 -14.83
CA LEU D 47 -5.36 18.72 -15.47
C LEU D 47 -6.52 17.74 -15.34
N ASP D 48 -7.45 17.77 -16.29
CA ASP D 48 -8.60 16.90 -16.21
C ASP D 48 -8.18 15.46 -16.44
N PRO D 49 -8.81 14.51 -15.79
CA PRO D 49 -8.44 13.11 -15.99
C PRO D 49 -9.14 12.41 -17.15
N TYR D 50 -10.29 12.91 -17.59
CA TYR D 50 -11.07 12.20 -18.59
C TYR D 50 -10.43 12.29 -19.98
N LEU D 51 -10.76 11.31 -20.81
CA LEU D 51 -10.16 11.13 -22.13
C LEU D 51 -10.85 11.89 -23.25
N ASN D 52 -11.90 12.65 -23.00
CA ASN D 52 -12.42 13.54 -24.03
C ASN D 52 -11.34 14.51 -24.47
N VAL D 53 -11.09 14.57 -25.78
CA VAL D 53 -10.03 15.44 -26.29
C VAL D 53 -10.40 16.90 -26.10
N ASP D 54 -11.66 17.24 -26.35
CA ASP D 54 -12.22 18.53 -25.99
C ASP D 54 -13.67 18.31 -25.59
N PRO D 55 -14.25 19.23 -24.81
CA PRO D 55 -15.56 18.96 -24.23
C PRO D 55 -16.72 19.21 -25.18
N GLY D 56 -16.46 19.62 -26.43
CA GLY D 56 -17.54 19.90 -27.35
C GLY D 56 -18.41 18.72 -27.66
N THR D 57 -17.98 17.50 -27.31
CA THR D 57 -18.81 16.32 -27.40
C THR D 57 -19.69 16.12 -26.19
N MET D 58 -19.34 16.73 -25.06
CA MET D 58 -19.98 16.39 -23.80
C MET D 58 -21.36 17.01 -23.72
N ASN D 59 -22.29 16.29 -23.07
CA ASN D 59 -23.63 16.79 -22.86
C ASN D 59 -23.65 17.81 -21.73
N PRO D 60 -23.85 19.09 -22.02
CA PRO D 60 -23.73 20.09 -20.96
C PRO D 60 -24.81 19.99 -19.89
N PHE D 61 -25.95 19.42 -20.22
CA PHE D 61 -27.03 19.24 -19.24
C PHE D 61 -26.69 18.22 -18.18
N GLN D 62 -25.53 17.58 -18.26
CA GLN D 62 -25.03 16.71 -17.21
C GLN D 62 -23.66 17.08 -16.69
N HIS D 63 -22.89 17.89 -17.43
CA HIS D 63 -21.50 18.18 -17.09
C HIS D 63 -21.20 19.68 -17.15
N GLY D 64 -22.23 20.51 -17.26
CA GLY D 64 -22.07 21.95 -17.31
C GLY D 64 -21.55 22.49 -18.63
N GLU D 65 -21.50 23.82 -18.67
CA GLU D 65 -21.19 24.55 -19.88
C GLU D 65 -19.79 24.23 -20.40
N VAL D 66 -19.55 24.65 -21.63
CA VAL D 66 -18.23 24.61 -22.26
C VAL D 66 -17.71 26.03 -22.33
N PHE D 67 -16.56 26.27 -21.71
CA PHE D 67 -15.94 27.58 -21.73
C PHE D 67 -15.15 27.74 -23.02
N VAL D 68 -14.95 28.99 -23.44
CA VAL D 68 -14.22 29.27 -24.67
C VAL D 68 -13.21 30.38 -24.42
N THR D 69 -11.95 30.10 -24.70
CA THR D 69 -10.85 31.03 -24.49
C THR D 69 -10.81 32.08 -25.60
N GLU D 70 -9.91 33.05 -25.43
CA GLU D 70 -9.65 34.02 -26.49
C GLU D 70 -9.26 33.34 -27.79
N ASP D 71 -8.35 32.37 -27.74
CA ASP D 71 -7.94 31.66 -28.95
C ASP D 71 -8.90 30.55 -29.34
N GLY D 72 -10.12 30.55 -28.81
CA GLY D 72 -11.14 29.67 -29.33
C GLY D 72 -10.95 28.22 -28.95
N ALA D 73 -10.20 27.96 -27.89
CA ALA D 73 -10.05 26.60 -27.36
C ALA D 73 -11.21 26.28 -26.42
N GLU D 74 -11.91 25.19 -26.70
CA GLU D 74 -12.93 24.69 -25.79
C GLU D 74 -12.27 24.04 -24.58
N THR D 75 -12.75 24.39 -23.39
CA THR D 75 -12.17 23.89 -22.15
C THR D 75 -13.28 23.58 -21.14
N ASP D 76 -12.91 22.82 -20.12
CA ASP D 76 -13.79 22.58 -18.99
C ASP D 76 -14.24 23.88 -18.34
N LEU D 77 -15.50 23.87 -17.86
CA LEU D 77 -16.09 25.03 -17.21
C LEU D 77 -15.29 25.47 -15.98
N ASP D 78 -14.54 24.55 -15.38
CA ASP D 78 -13.67 24.91 -14.27
C ASP D 78 -12.73 26.06 -14.59
N VAL D 79 -12.37 26.23 -15.87
CA VAL D 79 -11.49 27.33 -16.23
C VAL D 79 -12.17 28.67 -15.97
N GLY D 80 -13.49 28.70 -16.02
CA GLY D 80 -14.21 29.93 -15.76
C GLY D 80 -13.97 30.50 -14.38
N HIS D 81 -13.96 29.64 -13.35
CA HIS D 81 -13.69 30.14 -12.02
C HIS D 81 -12.30 30.75 -11.90
N TYR D 82 -11.31 30.16 -12.56
CA TYR D 82 -9.97 30.73 -12.53
C TYR D 82 -9.92 32.08 -13.22
N GLU D 83 -10.57 32.20 -14.38
CA GLU D 83 -10.65 33.48 -15.06
C GLU D 83 -11.33 34.53 -14.19
N ARG D 84 -12.47 34.18 -13.61
CA ARG D 84 -13.23 35.14 -12.82
C ARG D 84 -12.48 35.59 -11.58
N PHE D 85 -11.85 34.66 -10.86
CA PHE D 85 -11.15 35.06 -9.65
C PHE D 85 -9.83 35.77 -9.94
N LEU D 86 -9.14 35.45 -11.03
CA LEU D 86 -7.94 36.19 -11.37
C LEU D 86 -8.25 37.53 -12.03
N ASP D 87 -9.34 37.60 -12.79
CA ASP D 87 -9.51 38.60 -13.84
C ASP D 87 -8.29 38.65 -14.76
N ARG D 88 -8.04 37.52 -15.41
CA ARG D 88 -6.98 37.40 -16.40
C ARG D 88 -7.46 36.42 -17.46
N ASN D 89 -7.11 36.68 -18.71
CA ASN D 89 -7.41 35.71 -19.76
C ASN D 89 -6.40 34.57 -19.72
N LEU D 90 -6.88 33.36 -19.95
CA LEU D 90 -6.04 32.18 -19.91
C LEU D 90 -5.96 31.53 -21.29
N PRO D 91 -4.80 30.99 -21.67
CA PRO D 91 -4.72 30.27 -22.95
C PRO D 91 -5.47 28.95 -22.92
N GLY D 92 -5.71 28.41 -24.12
CA GLY D 92 -6.25 27.07 -24.24
C GLY D 92 -5.37 26.00 -23.63
N SER D 93 -4.09 26.30 -23.39
CA SER D 93 -3.19 25.40 -22.67
C SER D 93 -3.59 25.20 -21.21
N ALA D 94 -4.46 26.05 -20.68
CA ALA D 94 -4.88 25.96 -19.29
C ALA D 94 -5.67 24.71 -18.96
N ASN D 95 -5.99 23.86 -19.93
CA ASN D 95 -6.75 22.64 -19.64
C ASN D 95 -6.14 21.46 -20.39
N VAL D 96 -5.26 20.73 -19.71
CA VAL D 96 -4.76 19.46 -20.20
C VAL D 96 -5.75 18.37 -19.85
N THR D 97 -5.81 17.32 -20.67
CA THR D 97 -6.55 16.12 -20.34
C THR D 97 -5.72 14.91 -20.73
N THR D 98 -6.05 13.77 -20.13
CA THR D 98 -5.46 12.51 -20.53
C THR D 98 -5.67 12.21 -22.00
N GLY D 99 -6.81 12.61 -22.56
CA GLY D 99 -7.06 12.39 -23.97
C GLY D 99 -6.07 13.12 -24.88
N GLN D 100 -5.70 14.35 -24.52
CA GLN D 100 -4.72 15.08 -25.32
C GLN D 100 -3.34 14.45 -25.23
N VAL D 101 -2.98 13.92 -24.07
CA VAL D 101 -1.68 13.29 -23.92
C VAL D 101 -1.62 11.99 -24.68
N TYR D 102 -2.57 11.09 -24.43
CA TYR D 102 -2.50 9.79 -25.09
C TYR D 102 -2.66 9.91 -26.61
N SER D 103 -3.55 10.79 -27.10
CA SER D 103 -3.66 10.95 -28.54
C SER D 103 -2.47 11.67 -29.16
N THR D 104 -1.79 12.52 -28.40
CA THR D 104 -0.56 13.11 -28.91
C THR D 104 0.53 12.08 -29.05
N VAL D 105 0.74 11.27 -28.01
CA VAL D 105 1.84 10.31 -28.05
C VAL D 105 1.56 9.22 -29.07
N ILE D 106 0.32 8.76 -29.19
CA ILE D 106 0.03 7.79 -30.24
C ILE D 106 0.15 8.40 -31.63
N ALA D 107 -0.17 9.68 -31.81
CA ALA D 107 0.05 10.29 -33.10
C ALA D 107 1.53 10.37 -33.45
N LYS D 108 2.37 10.83 -32.52
CA LYS D 108 3.81 10.83 -32.78
C LYS D 108 4.36 9.42 -32.99
N GLU D 109 3.76 8.41 -32.38
CA GLU D 109 4.15 7.03 -32.65
C GLU D 109 3.86 6.63 -34.09
N ARG D 110 2.61 6.82 -34.54
CA ARG D 110 2.27 6.44 -35.91
C ARG D 110 3.07 7.23 -36.94
N ARG D 111 3.34 8.50 -36.67
CA ARG D 111 4.20 9.26 -37.57
C ARG D 111 5.67 8.87 -37.45
N GLY D 112 6.02 7.97 -36.53
CA GLY D 112 7.37 7.45 -36.47
C GLY D 112 8.42 8.38 -35.93
N GLU D 113 8.05 9.35 -35.11
CA GLU D 113 8.97 10.36 -34.63
C GLU D 113 9.74 9.92 -33.40
N TYR D 114 9.48 8.72 -32.87
CA TYR D 114 10.26 8.14 -31.80
C TYR D 114 11.34 7.18 -32.31
N LEU D 115 11.65 7.22 -33.60
CA LEU D 115 12.74 6.43 -34.17
C LEU D 115 12.58 4.94 -33.93
N GLY D 116 11.35 4.45 -33.79
CA GLY D 116 11.11 3.04 -33.56
C GLY D 116 11.35 2.56 -32.14
N ASP D 117 11.61 3.46 -31.20
CA ASP D 117 11.65 3.08 -29.80
C ASP D 117 10.28 2.58 -29.34
N THR D 118 10.30 1.70 -28.35
CA THR D 118 9.07 1.26 -27.73
C THR D 118 8.46 2.38 -26.90
N VAL D 119 7.19 2.68 -27.15
CA VAL D 119 6.49 3.74 -26.44
C VAL D 119 5.96 3.20 -25.13
N GLN D 120 6.76 3.31 -24.08
CA GLN D 120 6.31 3.00 -22.74
C GLN D 120 5.41 4.11 -22.22
N VAL D 121 4.77 3.88 -21.08
CA VAL D 121 4.11 4.98 -20.39
C VAL D 121 5.14 5.90 -19.76
N ILE D 122 6.10 5.32 -19.03
CA ILE D 122 7.25 6.06 -18.51
C ILE D 122 8.45 5.74 -19.40
N PRO D 123 9.24 6.74 -19.81
CA PRO D 123 9.13 8.18 -19.56
C PRO D 123 8.32 8.98 -20.57
N HIS D 124 7.94 8.40 -21.71
CA HIS D 124 7.42 9.19 -22.82
C HIS D 124 6.16 9.99 -22.46
N ILE D 125 5.16 9.34 -21.88
CA ILE D 125 3.95 10.05 -21.47
C ILE D 125 4.24 11.07 -20.39
N THR D 126 5.00 10.70 -19.37
CA THR D 126 5.15 11.61 -18.26
C THR D 126 6.09 12.77 -18.58
N ASP D 127 6.99 12.59 -19.54
CA ASP D 127 7.72 13.72 -20.10
C ASP D 127 6.81 14.64 -20.91
N GLU D 128 5.87 14.08 -21.67
CA GLU D 128 4.95 14.94 -22.39
C GLU D 128 4.09 15.77 -21.43
N ILE D 129 3.55 15.13 -20.40
CA ILE D 129 2.82 15.88 -19.36
C ILE D 129 3.70 16.94 -18.71
N LYS D 130 4.92 16.57 -18.33
CA LYS D 130 5.83 17.56 -17.75
C LYS D 130 6.06 18.74 -18.69
N ARG D 131 6.15 18.47 -19.99
CA ARG D 131 6.30 19.55 -20.98
C ARG D 131 5.06 20.43 -21.04
N ARG D 132 3.88 19.82 -21.07
CA ARG D 132 2.64 20.59 -21.04
C ARG D 132 2.52 21.44 -19.79
N ILE D 133 3.07 20.97 -18.67
CA ILE D 133 3.10 21.77 -17.45
C ILE D 133 4.10 22.92 -17.56
N LEU D 134 5.36 22.60 -17.84
CA LEU D 134 6.41 23.61 -17.88
C LEU D 134 6.20 24.66 -18.96
N ALA D 135 5.39 24.36 -19.98
CA ALA D 135 5.03 25.39 -20.95
C ALA D 135 4.40 26.62 -20.32
N MET D 136 3.72 26.48 -19.19
CA MET D 136 3.09 27.64 -18.55
C MET D 136 4.11 28.65 -18.04
N ALA D 137 5.36 28.24 -17.85
CA ALA D 137 6.41 29.16 -17.45
C ALA D 137 7.00 29.96 -18.61
N GLN D 138 6.59 29.68 -19.84
CA GLN D 138 7.11 30.43 -20.98
C GLN D 138 6.52 31.84 -21.02
N PRO D 139 7.31 32.82 -21.46
CA PRO D 139 6.81 34.21 -21.49
C PRO D 139 5.59 34.34 -22.39
N ASP D 140 4.71 35.25 -22.01
CA ASP D 140 3.48 35.51 -22.74
C ASP D 140 3.76 36.34 -23.99
N ALA D 141 2.68 36.73 -24.68
CA ALA D 141 2.80 37.55 -25.88
C ALA D 141 3.38 38.92 -25.61
N ASP D 142 3.40 39.36 -24.35
CA ASP D 142 4.11 40.57 -23.97
C ASP D 142 5.51 40.29 -23.46
N GLY D 143 5.89 39.02 -23.33
CA GLY D 143 7.20 38.65 -22.83
C GLY D 143 7.31 38.61 -21.33
N ASN D 144 6.19 38.63 -20.61
CA ASN D 144 6.21 38.52 -19.16
C ASN D 144 6.06 37.07 -18.76
N ARG D 145 6.76 36.69 -17.69
CA ARG D 145 6.73 35.32 -17.22
C ARG D 145 6.01 35.25 -15.89
N PRO D 146 5.04 34.36 -15.72
CA PRO D 146 4.32 34.31 -14.44
C PRO D 146 5.23 33.92 -13.27
N ASP D 147 4.89 34.41 -12.08
CA ASP D 147 5.61 34.03 -10.87
C ASP D 147 5.18 32.66 -10.35
N VAL D 148 3.91 32.32 -10.43
CA VAL D 148 3.41 31.10 -9.82
C VAL D 148 2.44 30.45 -10.79
N VAL D 149 2.56 29.13 -10.95
CA VAL D 149 1.60 28.33 -11.69
C VAL D 149 0.90 27.38 -10.72
N ILE D 150 -0.40 27.51 -10.59
CA ILE D 150 -1.19 26.66 -9.71
C ILE D 150 -1.87 25.60 -10.58
N THR D 151 -1.71 24.34 -10.22
CA THR D 151 -2.04 23.23 -11.11
C THR D 151 -2.92 22.23 -10.36
N GLU D 152 -4.22 22.30 -10.58
CA GLU D 152 -5.16 21.42 -9.91
C GLU D 152 -5.13 20.04 -10.57
N ILE D 153 -4.59 19.05 -9.86
CA ILE D 153 -4.58 17.69 -10.37
C ILE D 153 -5.96 17.08 -10.19
N GLY D 154 -6.55 16.61 -11.28
CA GLY D 154 -7.87 16.04 -11.23
C GLY D 154 -7.90 14.65 -10.67
N GLY D 155 -9.13 14.17 -10.44
CA GLY D 155 -9.38 12.92 -9.74
C GLY D 155 -9.02 12.96 -8.26
N THR D 156 -8.85 11.75 -7.71
CA THR D 156 -8.45 11.57 -6.32
C THR D 156 -7.15 10.78 -6.25
N VAL D 157 -6.34 11.10 -5.25
CA VAL D 157 -5.10 10.35 -5.04
C VAL D 157 -5.43 8.90 -4.76
N GLY D 158 -4.80 7.99 -5.51
CA GLY D 158 -5.11 6.58 -5.48
C GLY D 158 -6.05 6.10 -6.56
N ASP D 159 -6.63 7.00 -7.34
CA ASP D 159 -7.33 6.59 -8.55
C ASP D 159 -6.34 6.13 -9.61
N ILE D 160 -6.65 5.00 -10.25
CA ILE D 160 -5.93 4.63 -11.47
C ILE D 160 -6.10 5.72 -12.51
N GLU D 161 -7.21 6.44 -12.44
CA GLU D 161 -7.49 7.59 -13.27
C GLU D 161 -6.44 8.70 -13.20
N SER D 162 -5.65 8.78 -12.14
CA SER D 162 -4.74 9.90 -12.06
CA SER D 162 -4.71 9.85 -11.76
C SER D 162 -3.27 9.52 -11.97
N GLN D 163 -2.90 8.25 -11.87
CA GLN D 163 -1.51 7.89 -11.57
C GLN D 163 -0.49 8.54 -12.47
N PRO D 164 -0.66 8.59 -13.79
CA PRO D 164 0.35 9.26 -14.63
C PRO D 164 0.56 10.74 -14.33
N PHE D 165 -0.49 11.48 -13.97
CA PHE D 165 -0.28 12.88 -13.59
C PHE D 165 0.51 13.00 -12.30
N LEU D 166 0.29 12.12 -11.35
CA LEU D 166 1.02 12.19 -10.09
C LEU D 166 2.47 11.74 -10.25
N GLU D 167 2.74 10.79 -11.14
CA GLU D 167 4.12 10.48 -11.50
C GLU D 167 4.80 11.65 -12.20
N ALA D 168 4.07 12.37 -13.05
CA ALA D 168 4.62 13.58 -13.66
C ALA D 168 4.91 14.66 -12.62
N ALA D 169 4.00 14.85 -11.67
CA ALA D 169 4.23 15.80 -10.59
C ALA D 169 5.46 15.42 -9.77
N ARG D 170 5.62 14.14 -9.45
CA ARG D 170 6.83 13.67 -8.79
C ARG D 170 8.09 14.01 -9.58
N GLN D 171 8.09 13.73 -10.89
CA GLN D 171 9.26 14.08 -11.70
C GLN D 171 9.54 15.59 -11.69
N VAL D 172 8.51 16.41 -11.80
CA VAL D 172 8.72 17.86 -11.74
C VAL D 172 9.33 18.26 -10.40
N ARG D 173 8.85 17.66 -9.32
CA ARG D 173 9.40 17.91 -8.00
C ARG D 173 10.85 17.49 -7.88
N HIS D 174 11.24 16.46 -8.63
CA HIS D 174 12.64 16.08 -8.69
C HIS D 174 13.49 17.10 -9.45
N TYR D 175 13.03 17.50 -10.63
CA TYR D 175 13.87 18.35 -11.48
C TYR D 175 13.96 19.80 -10.99
N LEU D 176 12.88 20.35 -10.44
CA LEU D 176 12.93 21.72 -9.94
C LEU D 176 13.43 21.83 -8.51
N GLY D 177 13.18 20.84 -7.67
CA GLY D 177 13.60 20.88 -6.28
C GLY D 177 12.67 21.64 -5.36
N ARG D 178 12.66 21.23 -4.10
CA ARG D 178 11.67 21.67 -3.11
C ARG D 178 11.74 23.16 -2.80
N GLU D 179 12.77 23.88 -3.22
CA GLU D 179 12.74 25.33 -3.11
C GLU D 179 11.67 25.95 -3.99
N ASP D 180 11.27 25.26 -5.06
CA ASP D 180 10.47 25.84 -6.13
C ASP D 180 9.18 25.10 -6.40
N VAL D 181 8.91 23.99 -5.71
CA VAL D 181 7.65 23.28 -5.85
C VAL D 181 7.02 23.12 -4.48
N PHE D 182 5.72 23.38 -4.40
CA PHE D 182 4.94 23.28 -3.18
C PHE D 182 3.73 22.40 -3.50
N PHE D 183 3.31 21.58 -2.55
CA PHE D 183 2.04 20.87 -2.65
C PHE D 183 1.07 21.31 -1.58
N LEU D 184 -0.06 21.88 -1.99
CA LEU D 184 -1.23 21.91 -1.15
C LEU D 184 -1.86 20.52 -1.12
N HIS D 185 -2.74 20.29 -0.14
CA HIS D 185 -3.57 19.09 -0.19
C HIS D 185 -4.93 19.38 0.43
N VAL D 186 -5.99 18.80 -0.13
CA VAL D 186 -7.36 19.02 0.31
C VAL D 186 -7.97 17.69 0.75
N SER D 187 -8.52 17.66 1.96
CA SER D 187 -9.02 16.39 2.50
C SER D 187 -10.23 16.64 3.39
N LEU D 188 -11.11 15.64 3.43
CA LEU D 188 -12.38 15.73 4.15
C LEU D 188 -12.18 15.41 5.63
N VAL D 189 -12.93 16.11 6.48
CA VAL D 189 -13.00 15.80 7.91
C VAL D 189 -14.45 15.53 8.30
N PRO D 190 -14.92 14.28 8.26
CA PRO D 190 -16.34 14.03 8.51
C PRO D 190 -16.73 14.29 9.95
N TYR D 191 -17.96 14.75 10.12
CA TYR D 191 -18.61 14.82 11.42
C TYR D 191 -19.51 13.60 11.59
N LEU D 192 -19.41 12.93 12.74
CA LEU D 192 -20.24 11.78 13.05
C LEU D 192 -21.31 12.17 14.05
N ALA D 193 -22.58 11.92 13.71
CA ALA D 193 -23.69 12.45 14.49
C ALA D 193 -23.94 11.72 15.81
N PRO D 194 -23.81 10.40 15.86
CA PRO D 194 -24.04 9.72 17.15
C PRO D 194 -23.05 10.08 18.24
N SER D 195 -21.78 10.27 17.89
CA SER D 195 -20.75 10.63 18.86
C SER D 195 -20.48 12.11 18.95
N GLY D 196 -20.78 12.88 17.92
CA GLY D 196 -20.61 14.31 17.97
C GLY D 196 -19.16 14.78 18.01
N GLU D 197 -18.32 14.26 17.14
CA GLU D 197 -16.90 14.59 17.14
C GLU D 197 -16.38 14.53 15.71
N LEU D 198 -15.35 15.32 15.43
CA LEU D 198 -14.65 15.26 14.16
C LEU D 198 -13.62 14.13 14.18
N LYS D 199 -13.51 13.41 13.08
CA LYS D 199 -12.57 12.29 12.96
C LYS D 199 -11.49 12.62 11.93
N THR D 200 -10.24 12.57 12.35
CA THR D 200 -9.08 12.81 11.49
C THR D 200 -8.58 11.58 10.74
N LYS D 201 -9.04 10.38 11.11
CA LYS D 201 -8.46 9.17 10.54
C LYS D 201 -8.52 9.10 9.02
N PRO D 202 -9.60 9.50 8.35
CA PRO D 202 -9.56 9.54 6.89
C PRO D 202 -8.50 10.45 6.31
N THR D 203 -8.18 11.56 6.97
CA THR D 203 -7.09 12.41 6.48
C THR D 203 -5.73 11.76 6.66
N GLN D 204 -5.52 11.03 7.75
CA GLN D 204 -4.27 10.28 7.91
C GLN D 204 -4.12 9.23 6.82
N HIS D 205 -5.17 8.42 6.59
CA HIS D 205 -5.11 7.45 5.50
C HIS D 205 -4.94 8.10 4.13
N SER D 206 -5.47 9.30 3.93
CA SER D 206 -5.20 10.02 2.69
C SER D 206 -3.74 10.40 2.54
N VAL D 207 -3.18 11.09 3.53
CA VAL D 207 -1.78 11.51 3.40
C VAL D 207 -0.85 10.32 3.32
N ALA D 208 -1.21 9.18 3.94
CA ALA D 208 -0.46 7.95 3.73
C ALA D 208 -0.52 7.47 2.28
N ALA D 209 -1.70 7.48 1.68
CA ALA D 209 -1.80 7.09 0.28
C ALA D 209 -1.01 8.03 -0.62
N LEU D 210 -1.09 9.33 -0.36
CA LEU D 210 -0.30 10.29 -1.13
C LEU D 210 1.20 10.05 -0.99
N ARG D 211 1.68 9.82 0.23
CA ARG D 211 3.11 9.53 0.39
C ARG D 211 3.53 8.24 -0.29
N SER D 212 2.62 7.26 -0.37
CA SER D 212 2.99 6.00 -1.01
C SER D 212 3.43 6.17 -2.46
N ILE D 213 3.09 7.26 -3.11
CA ILE D 213 3.55 7.54 -4.48
C ILE D 213 4.63 8.61 -4.51
N GLY D 214 5.20 8.97 -3.37
CA GLY D 214 6.39 9.80 -3.36
C GLY D 214 6.18 11.29 -3.39
N ILE D 215 4.97 11.78 -3.09
CA ILE D 215 4.70 13.21 -2.96
C ILE D 215 4.58 13.53 -1.48
N THR D 216 5.22 14.62 -1.05
CA THR D 216 5.12 15.06 0.34
C THR D 216 4.27 16.31 0.44
N PRO D 217 3.11 16.27 1.10
CA PRO D 217 2.30 17.48 1.21
C PRO D 217 2.89 18.47 2.20
N ASP D 218 2.98 19.73 1.79
CA ASP D 218 3.49 20.80 2.63
C ASP D 218 2.43 21.48 3.48
N ALA D 219 1.16 21.43 3.08
CA ALA D 219 0.09 21.93 3.92
C ALA D 219 -1.18 21.15 3.64
N LEU D 220 -2.03 21.06 4.66
CA LEU D 220 -3.35 20.45 4.55
C LEU D 220 -4.43 21.52 4.63
N ILE D 221 -5.38 21.48 3.69
CA ILE D 221 -6.64 22.18 3.83
C ILE D 221 -7.69 21.17 4.24
N LEU D 222 -8.29 21.38 5.41
CA LEU D 222 -9.27 20.48 5.99
C LEU D 222 -10.68 21.00 5.72
N ARG D 223 -11.49 20.20 5.03
CA ARG D 223 -12.83 20.61 4.62
C ARG D 223 -13.86 20.04 5.58
N CYS D 224 -14.58 20.92 6.26
CA CYS D 224 -15.37 20.55 7.42
C CYS D 224 -16.57 21.48 7.51
N ASP D 225 -17.61 21.03 8.19
CA ASP D 225 -18.79 21.86 8.40
C ASP D 225 -18.67 22.77 9.62
N ARG D 226 -17.58 22.68 10.38
CA ARG D 226 -17.38 23.55 11.53
C ARG D 226 -15.88 23.73 11.73
N ASP D 227 -15.52 24.80 12.45
CA ASP D 227 -14.11 25.10 12.64
C ASP D 227 -13.41 23.93 13.33
N VAL D 228 -12.32 23.48 12.75
CA VAL D 228 -11.58 22.34 13.31
C VAL D 228 -10.98 22.75 14.65
N PRO D 229 -11.21 21.99 15.73
CA PRO D 229 -10.57 22.32 17.01
C PRO D 229 -9.05 22.28 16.89
N GLU D 230 -8.39 23.16 17.62
CA GLU D 230 -6.93 23.14 17.69
C GLU D 230 -6.41 21.80 18.17
N ALA D 231 -7.17 21.11 19.03
CA ALA D 231 -6.81 19.78 19.51
C ALA D 231 -6.78 18.71 18.42
N LEU D 232 -7.48 18.91 17.31
CA LEU D 232 -7.31 18.01 16.17
C LEU D 232 -6.27 18.48 15.19
N LYS D 233 -6.09 19.79 15.04
CA LYS D 233 -5.02 20.29 14.19
C LYS D 233 -3.67 19.82 14.69
N ASN D 234 -3.44 19.84 16.01
CA ASN D 234 -2.19 19.33 16.55
C ASN D 234 -2.01 17.83 16.30
N LYS D 235 -3.08 17.05 16.42
CA LYS D 235 -2.96 15.62 16.13
C LYS D 235 -2.66 15.37 14.66
N ILE D 236 -3.24 16.16 13.77
CA ILE D 236 -2.94 16.00 12.35
C ILE D 236 -1.50 16.38 12.07
N ALA D 237 -1.02 17.48 12.63
CA ALA D 237 0.38 17.83 12.46
C ALA D 237 1.31 16.75 12.99
N LEU D 238 0.94 16.07 14.07
CA LEU D 238 1.71 14.93 14.56
C LEU D 238 1.72 13.76 13.59
N MET D 239 0.54 13.32 13.15
CA MET D 239 0.41 12.08 12.38
C MET D 239 0.65 12.24 10.88
N CYS D 240 0.69 13.46 10.37
CA CYS D 240 0.96 13.73 8.97
C CYS D 240 2.33 14.36 8.72
N ASP D 241 3.03 14.77 9.77
CA ASP D 241 4.29 15.49 9.63
C ASP D 241 4.14 16.72 8.76
N VAL D 242 3.03 17.42 8.96
CA VAL D 242 2.75 18.68 8.29
C VAL D 242 3.04 19.78 9.31
N ASP D 243 3.81 20.78 8.90
CA ASP D 243 4.15 21.84 9.84
C ASP D 243 2.88 22.51 10.33
N ILE D 244 2.78 22.72 11.65
CA ILE D 244 1.52 23.07 12.27
C ILE D 244 1.02 24.44 11.88
N ASP D 245 1.86 25.28 11.29
CA ASP D 245 1.37 26.44 10.57
C ASP D 245 0.44 26.03 9.44
N GLY D 246 0.71 24.88 8.82
CA GLY D 246 0.06 24.48 7.59
C GLY D 246 -1.08 23.48 7.69
N VAL D 247 -1.70 23.36 8.85
CA VAL D 247 -2.99 22.68 8.96
C VAL D 247 -4.05 23.76 9.10
N ILE D 248 -4.90 23.87 8.08
CA ILE D 248 -5.77 25.03 7.91
C ILE D 248 -7.23 24.58 8.00
N SER D 249 -7.97 25.21 8.91
CA SER D 249 -9.41 25.05 8.96
C SER D 249 -10.06 25.80 7.80
N THR D 250 -11.03 25.14 7.15
CA THR D 250 -11.83 25.78 6.11
C THR D 250 -13.27 25.31 6.22
N PRO D 251 -14.11 26.03 6.95
CA PRO D 251 -15.53 25.66 7.01
C PRO D 251 -16.18 25.81 5.64
N ASP D 252 -17.38 25.24 5.51
CA ASP D 252 -18.23 25.57 4.38
C ASP D 252 -18.64 27.03 4.47
N ALA D 253 -18.17 27.84 3.52
CA ALA D 253 -18.43 29.27 3.55
C ALA D 253 -19.88 29.57 3.16
N PRO D 254 -20.35 30.78 3.46
CA PRO D 254 -21.73 31.13 3.07
C PRO D 254 -21.90 31.19 1.57
N SER D 255 -20.90 31.69 0.86
CA SER D 255 -20.94 31.79 -0.60
C SER D 255 -19.51 31.75 -1.10
N ILE D 256 -19.38 31.44 -2.39
CA ILE D 256 -18.07 31.27 -3.00
C ILE D 256 -17.20 32.51 -2.89
N TYR D 257 -17.81 33.69 -2.87
CA TYR D 257 -17.01 34.91 -2.81
CA TYR D 257 -17.15 34.98 -2.73
C TYR D 257 -16.46 35.18 -1.39
N ASP D 258 -16.96 34.49 -0.37
CA ASP D 258 -16.42 34.63 0.97
C ASP D 258 -15.15 33.81 1.21
N ILE D 259 -14.84 32.83 0.35
CA ILE D 259 -13.72 31.93 0.61
C ILE D 259 -12.37 32.64 0.71
N PRO D 260 -12.08 33.70 -0.05
CA PRO D 260 -10.82 34.42 0.20
C PRO D 260 -10.67 34.93 1.62
N LYS D 261 -11.76 35.38 2.23
CA LYS D 261 -11.68 35.76 3.65
C LYS D 261 -11.38 34.56 4.52
N VAL D 262 -11.99 33.42 4.25
CA VAL D 262 -11.71 32.23 5.05
C VAL D 262 -10.22 31.90 4.99
N LEU D 263 -9.67 31.80 3.78
CA LEU D 263 -8.25 31.46 3.65
C LEU D 263 -7.35 32.51 4.27
N HIS D 264 -7.72 33.78 4.20
CA HIS D 264 -6.87 34.80 4.82
C HIS D 264 -6.98 34.83 6.33
N ARG D 265 -8.14 34.52 6.88
CA ARG D 265 -8.30 34.50 8.34
C ARG D 265 -7.53 33.37 8.99
N GLU D 266 -7.36 32.23 8.31
CA GLU D 266 -6.41 31.23 8.75
C GLU D 266 -4.98 31.50 8.30
N GLU D 267 -4.73 32.57 7.56
CA GLU D 267 -3.37 32.96 7.15
C GLU D 267 -2.64 31.86 6.38
N LEU D 268 -3.36 31.17 5.49
CA LEU D 268 -2.71 30.23 4.57
C LEU D 268 -1.70 30.95 3.68
N ASP D 269 -2.11 32.05 3.07
CA ASP D 269 -1.30 32.65 2.01
C ASP D 269 0.02 33.18 2.54
N ALA D 270 0.06 33.66 3.78
CA ALA D 270 1.34 34.10 4.34
C ALA D 270 2.31 32.95 4.45
N PHE D 271 1.80 31.76 4.81
CA PHE D 271 2.66 30.58 4.87
C PHE D 271 3.12 30.15 3.49
N VAL D 272 2.23 30.20 2.49
CA VAL D 272 2.64 29.90 1.12
C VAL D 272 3.75 30.84 0.65
N VAL D 273 3.55 32.14 0.82
CA VAL D 273 4.56 33.11 0.41
C VAL D 273 5.88 32.90 1.16
N ARG D 274 5.82 32.60 2.45
CA ARG D 274 7.03 32.33 3.21
C ARG D 274 7.72 31.04 2.76
N ARG D 275 6.95 30.01 2.43
CA ARG D 275 7.51 28.71 2.04
C ARG D 275 8.12 28.74 0.64
N LEU D 276 7.48 29.42 -0.30
CA LEU D 276 8.04 29.54 -1.65
C LEU D 276 9.05 30.68 -1.78
N ASN D 277 9.19 31.52 -0.76
CA ASN D 277 10.09 32.66 -0.78
C ASN D 277 9.80 33.61 -1.95
N LEU D 278 8.51 33.80 -2.24
CA LEU D 278 8.10 34.80 -3.20
C LEU D 278 8.32 36.21 -2.65
N PRO D 279 8.34 37.22 -3.51
CA PRO D 279 8.51 38.60 -3.02
C PRO D 279 7.35 39.05 -2.16
N PHE D 280 7.59 39.13 -0.85
CA PHE D 280 6.53 39.38 0.12
C PHE D 280 6.06 40.83 0.06
N ARG D 281 4.74 41.02 -0.06
CA ARG D 281 4.13 42.34 -0.01
C ARG D 281 2.72 42.23 0.57
N ASP D 282 2.25 43.32 1.16
CA ASP D 282 0.99 43.31 1.89
C ASP D 282 -0.22 43.09 0.99
N VAL D 283 -1.19 42.33 1.52
CA VAL D 283 -2.50 42.19 0.87
C VAL D 283 -3.25 43.51 0.94
N ASP D 284 -3.84 43.92 -0.18
CA ASP D 284 -4.80 45.02 -0.21
C ASP D 284 -6.19 44.49 -0.53
N TRP D 285 -7.12 44.63 0.43
CA TRP D 285 -8.50 44.21 0.27
C TRP D 285 -9.39 45.22 -0.45
N THR D 286 -8.87 46.40 -0.77
CA THR D 286 -9.74 47.48 -1.22
C THR D 286 -10.59 47.09 -2.44
N GLU D 287 -10.06 46.21 -3.28
CA GLU D 287 -10.79 45.73 -4.44
C GLU D 287 -11.91 44.75 -4.10
N TRP D 288 -11.85 44.09 -2.94
CA TRP D 288 -12.77 43.01 -2.62
C TRP D 288 -13.70 43.27 -1.45
N ASP D 289 -13.34 44.18 -0.53
CA ASP D 289 -14.28 44.60 0.49
C ASP D 289 -15.56 45.20 -0.12
N ASP D 290 -15.42 45.98 -1.19
CA ASP D 290 -16.61 46.55 -1.82
C ASP D 290 -17.47 45.49 -2.48
N LEU D 291 -16.86 44.45 -3.03
CA LEU D 291 -17.63 43.31 -3.50
C LEU D 291 -18.40 42.66 -2.37
N LEU D 292 -17.73 42.40 -1.25
CA LEU D 292 -18.40 41.72 -0.15
C LEU D 292 -19.53 42.58 0.46
N ARG D 293 -19.35 43.90 0.49
CA ARG D 293 -20.47 44.78 0.84
C ARG D 293 -21.64 44.59 -0.12
N ARG D 294 -21.40 44.74 -1.42
CA ARG D 294 -22.49 44.59 -2.38
C ARG D 294 -23.16 43.22 -2.27
N VAL D 295 -22.37 42.18 -2.04
CA VAL D 295 -22.91 40.82 -1.92
C VAL D 295 -23.79 40.69 -0.68
N HIS D 296 -23.41 41.33 0.43
CA HIS D 296 -24.12 41.10 1.68
C HIS D 296 -25.18 42.15 2.00
N GLU D 297 -25.19 43.30 1.35
CA GLU D 297 -26.10 44.39 1.68
C GLU D 297 -26.91 44.79 0.45
N PRO D 298 -27.81 43.93 -0.01
CA PRO D 298 -28.65 44.28 -1.16
C PRO D 298 -29.72 45.30 -0.77
N HIS D 299 -29.84 46.36 -1.55
CA HIS D 299 -30.92 47.31 -1.33
C HIS D 299 -32.28 46.79 -1.77
N GLU D 300 -32.33 45.91 -2.76
CA GLU D 300 -33.60 45.44 -3.28
C GLU D 300 -33.41 44.12 -4.00
N THR D 301 -34.50 43.37 -4.12
CA THR D 301 -34.50 42.12 -4.86
C THR D 301 -35.24 42.30 -6.18
N VAL D 302 -34.64 41.81 -7.26
CA VAL D 302 -35.23 41.90 -8.59
C VAL D 302 -35.15 40.52 -9.23
N ARG D 303 -36.24 40.07 -9.82
CA ARG D 303 -36.32 38.72 -10.35
C ARG D 303 -36.17 38.71 -11.87
N ILE D 304 -35.28 37.85 -12.36
CA ILE D 304 -35.08 37.62 -13.79
C ILE D 304 -35.45 36.18 -14.06
N ALA D 305 -36.33 35.97 -15.02
CA ALA D 305 -36.55 34.62 -15.55
C ALA D 305 -35.46 34.27 -16.56
N LEU D 306 -34.96 33.05 -16.46
CA LEU D 306 -34.01 32.49 -17.41
C LEU D 306 -34.65 31.30 -18.08
N VAL D 307 -34.83 31.38 -19.40
CA VAL D 307 -35.66 30.42 -20.11
C VAL D 307 -34.80 29.27 -20.63
N GLY D 308 -34.36 28.41 -19.72
CA GLY D 308 -33.53 27.29 -20.10
C GLY D 308 -34.30 26.16 -20.76
N LYS D 309 -33.59 25.38 -21.58
CA LYS D 309 -34.20 24.22 -22.23
C LYS D 309 -34.48 23.12 -21.23
N TYR D 310 -33.47 22.75 -20.43
CA TYR D 310 -33.66 21.80 -19.35
C TYR D 310 -32.94 22.35 -18.12
N VAL D 311 -33.60 22.29 -16.97
CA VAL D 311 -33.24 23.14 -15.84
C VAL D 311 -33.10 22.35 -14.55
N GLU D 312 -33.18 21.02 -14.61
CA GLU D 312 -32.99 20.23 -13.40
C GLU D 312 -31.55 20.24 -12.94
N LEU D 313 -30.60 20.42 -13.85
CA LEU D 313 -29.22 20.75 -13.48
C LEU D 313 -28.94 22.19 -13.88
N SER D 314 -28.77 23.05 -12.88
CA SER D 314 -28.47 24.46 -13.11
C SER D 314 -27.03 24.71 -13.53
N ASP D 315 -26.12 23.76 -13.29
CA ASP D 315 -24.73 23.92 -13.66
C ASP D 315 -24.54 24.10 -15.16
N ALA D 316 -25.49 23.64 -15.98
CA ALA D 316 -25.45 23.91 -17.40
C ALA D 316 -25.47 25.40 -17.76
N TYR D 317 -25.82 26.28 -16.82
CA TYR D 317 -25.90 27.71 -17.09
C TYR D 317 -24.99 28.54 -16.20
N LEU D 318 -24.03 27.88 -15.54
CA LEU D 318 -23.25 28.50 -14.47
C LEU D 318 -22.79 29.91 -14.81
N SER D 319 -22.09 30.07 -15.94
CA SER D 319 -21.52 31.39 -16.21
C SER D 319 -22.59 32.40 -16.59
N VAL D 320 -23.71 31.97 -17.12
CA VAL D 320 -24.82 32.89 -17.37
C VAL D 320 -25.36 33.42 -16.06
N ALA D 321 -25.69 32.53 -15.15
CA ALA D 321 -26.18 32.92 -13.83
C ALA D 321 -25.19 33.80 -13.08
N GLU D 322 -23.91 33.46 -13.12
CA GLU D 322 -22.90 34.29 -12.48
C GLU D 322 -22.75 35.65 -13.15
N ALA D 323 -22.91 35.74 -14.47
CA ALA D 323 -22.86 37.04 -15.12
C ALA D 323 -24.07 37.89 -14.75
N LEU D 324 -25.24 37.29 -14.68
CA LEU D 324 -26.42 38.01 -14.18
C LEU D 324 -26.16 38.57 -12.79
N ARG D 325 -25.73 37.72 -11.86
CA ARG D 325 -25.53 38.18 -10.50
C ARG D 325 -24.42 39.23 -10.40
N ALA D 326 -23.35 39.09 -11.19
CA ALA D 326 -22.36 40.16 -11.27
C ALA D 326 -22.95 41.46 -11.78
N GLY D 327 -23.93 41.39 -12.70
CA GLY D 327 -24.63 42.60 -13.08
C GLY D 327 -25.45 43.17 -11.94
N GLY D 328 -26.16 42.30 -11.22
CA GLY D 328 -26.92 42.72 -10.05
C GLY D 328 -26.07 43.48 -9.05
N PHE D 329 -24.89 42.94 -8.75
CA PHE D 329 -24.01 43.60 -7.79
C PHE D 329 -23.65 45.01 -8.23
N LYS D 330 -23.68 45.30 -9.53
CA LYS D 330 -23.38 46.66 -9.96
C LYS D 330 -24.44 47.65 -9.53
N HIS D 331 -25.70 47.22 -9.44
CA HIS D 331 -26.79 48.07 -8.95
C HIS D 331 -27.15 47.79 -7.50
N ARG D 332 -26.30 47.06 -6.77
CA ARG D 332 -26.59 46.68 -5.40
C ARG D 332 -27.89 45.91 -5.26
N ALA D 333 -28.30 45.20 -6.30
CA ALA D 333 -29.56 44.47 -6.30
C ALA D 333 -29.27 42.99 -6.17
N LYS D 334 -30.02 42.31 -5.31
CA LYS D 334 -30.01 40.85 -5.28
C LYS D 334 -30.81 40.34 -6.47
N VAL D 335 -30.12 39.94 -7.53
CA VAL D 335 -30.76 39.24 -8.63
C VAL D 335 -31.13 37.83 -8.17
N GLU D 336 -32.40 37.50 -8.22
CA GLU D 336 -32.87 36.14 -7.97
C GLU D 336 -33.41 35.57 -9.26
N ILE D 337 -33.05 34.34 -9.57
CA ILE D 337 -33.31 33.75 -10.88
C ILE D 337 -34.50 32.81 -10.76
N CYS D 338 -35.55 33.10 -11.53
CA CYS D 338 -36.68 32.18 -11.71
C CYS D 338 -36.33 31.23 -12.84
N TRP D 339 -36.00 29.99 -12.49
CA TRP D 339 -35.62 28.99 -13.49
C TRP D 339 -36.86 28.50 -14.21
N VAL D 340 -37.05 28.98 -15.44
CA VAL D 340 -38.23 28.70 -16.25
C VAL D 340 -37.86 27.73 -17.35
N ALA D 341 -38.57 26.62 -17.44
CA ALA D 341 -38.30 25.58 -18.42
C ALA D 341 -39.00 25.90 -19.73
N SER D 342 -38.21 26.02 -20.80
CA SER D 342 -38.72 26.58 -22.06
C SER D 342 -39.91 25.80 -22.59
N ASP D 343 -39.95 24.48 -22.36
CA ASP D 343 -41.00 23.67 -22.94
C ASP D 343 -42.36 23.92 -22.30
N GLY D 344 -42.39 24.62 -21.17
CA GLY D 344 -43.63 25.14 -20.62
C GLY D 344 -44.12 26.41 -21.28
N CYS D 345 -43.31 27.03 -22.14
CA CYS D 345 -43.59 28.36 -22.65
C CYS D 345 -43.92 28.36 -24.14
N GLU D 346 -44.11 27.19 -24.74
CA GLU D 346 -44.42 27.11 -26.17
C GLU D 346 -45.84 27.55 -26.48
N THR D 347 -46.75 27.54 -25.50
CA THR D 347 -48.08 28.10 -25.66
C THR D 347 -48.20 29.41 -24.89
N THR D 348 -48.91 30.37 -25.48
CA THR D 348 -49.01 31.70 -24.89
C THR D 348 -49.72 31.66 -23.53
N SER D 349 -50.63 30.71 -23.33
CA SER D 349 -51.23 30.57 -22.00
C SER D 349 -50.22 30.04 -20.99
N GLY D 350 -49.42 29.06 -21.39
CA GLY D 350 -48.35 28.60 -20.52
C GLY D 350 -47.26 29.65 -20.34
N ALA D 351 -46.94 30.37 -21.40
CA ALA D 351 -46.00 31.48 -21.29
C ALA D 351 -46.49 32.52 -20.27
N ALA D 352 -47.75 32.92 -20.38
CA ALA D 352 -48.30 33.87 -19.42
C ALA D 352 -48.27 33.31 -18.00
N ALA D 353 -48.63 32.04 -17.83
CA ALA D 353 -48.61 31.42 -16.51
C ALA D 353 -47.21 31.37 -15.91
N ALA D 354 -46.18 31.17 -16.73
CA ALA D 354 -44.82 31.12 -16.21
C ALA D 354 -44.20 32.50 -16.00
N LEU D 355 -44.23 33.35 -17.00
CA LEU D 355 -43.34 34.52 -17.06
C LEU D 355 -43.92 35.77 -16.42
N GLY D 356 -45.21 35.81 -16.11
CA GLY D 356 -45.84 37.04 -15.67
C GLY D 356 -45.34 37.57 -14.33
N ASP D 357 -44.62 36.76 -13.55
CA ASP D 357 -44.25 37.10 -12.19
C ASP D 357 -42.93 37.86 -12.06
N VAL D 358 -42.21 38.09 -13.15
CA VAL D 358 -40.81 38.50 -13.09
C VAL D 358 -40.66 39.89 -13.68
N HIS D 359 -39.46 40.46 -13.53
CA HIS D 359 -39.15 41.79 -14.03
C HIS D 359 -38.22 41.75 -15.24
N GLY D 360 -37.87 40.58 -15.73
CA GLY D 360 -37.10 40.48 -16.96
C GLY D 360 -36.94 39.02 -17.33
N VAL D 361 -36.66 38.80 -18.61
CA VAL D 361 -36.48 37.46 -19.13
C VAL D 361 -35.22 37.41 -19.97
N LEU D 362 -34.45 36.34 -19.81
CA LEU D 362 -33.18 36.18 -20.49
CA LEU D 362 -33.13 36.17 -20.42
C LEU D 362 -33.18 34.91 -21.29
N ILE D 363 -32.68 35.00 -22.52
CA ILE D 363 -32.66 33.83 -23.39
C ILE D 363 -31.24 33.30 -23.52
N PRO D 364 -30.85 32.27 -22.77
CA PRO D 364 -29.48 31.79 -22.83
C PRO D 364 -29.23 31.00 -24.11
N GLY D 365 -27.95 30.72 -24.36
CA GLY D 365 -27.56 29.92 -25.49
C GLY D 365 -28.03 28.49 -25.35
N GLY D 366 -27.76 27.71 -26.39
CA GLY D 366 -28.23 26.34 -26.45
C GLY D 366 -27.63 25.60 -27.62
N PHE D 367 -26.33 25.72 -27.79
CA PHE D 367 -25.65 24.99 -28.85
C PHE D 367 -25.90 23.49 -28.73
N GLY D 368 -26.38 22.88 -29.81
CA GLY D 368 -26.60 21.45 -29.85
C GLY D 368 -27.96 20.98 -29.35
N ILE D 369 -28.79 21.86 -28.81
CA ILE D 369 -30.15 21.46 -28.45
C ILE D 369 -31.00 21.34 -29.71
N ARG D 370 -32.14 20.67 -29.56
CA ARG D 370 -33.16 20.59 -30.60
C ARG D 370 -34.47 21.18 -30.12
N GLY D 371 -35.19 21.82 -31.04
CA GLY D 371 -36.51 22.37 -30.76
C GLY D 371 -36.51 23.61 -29.90
N ILE D 372 -36.76 24.76 -30.54
CA ILE D 372 -36.60 26.07 -29.92
C ILE D 372 -37.90 26.85 -29.86
N GLU D 373 -39.01 26.30 -30.36
CA GLU D 373 -40.23 27.08 -30.49
C GLU D 373 -40.74 27.59 -29.15
N GLY D 374 -40.40 26.90 -28.05
CA GLY D 374 -40.71 27.45 -26.75
C GLY D 374 -40.07 28.80 -26.50
N LYS D 375 -38.80 28.95 -26.89
CA LYS D 375 -38.14 30.23 -26.70
C LYS D 375 -38.74 31.32 -27.56
N ILE D 376 -39.12 30.99 -28.80
CA ILE D 376 -39.76 31.98 -29.66
C ILE D 376 -41.10 32.43 -29.06
N GLY D 377 -41.91 31.47 -28.59
CA GLY D 377 -43.14 31.83 -27.92
C GLY D 377 -42.92 32.71 -26.70
N ALA D 378 -41.94 32.36 -25.88
CA ALA D 378 -41.60 33.18 -24.72
C ALA D 378 -41.19 34.59 -25.11
N ILE D 379 -40.44 34.74 -26.20
CA ILE D 379 -40.05 36.08 -26.63
C ILE D 379 -41.25 36.86 -27.16
N ALA D 380 -42.11 36.23 -27.96
CA ALA D 380 -43.31 36.89 -28.46
C ALA D 380 -44.20 37.37 -27.32
N TYR D 381 -44.37 36.53 -26.29
CA TYR D 381 -45.05 36.97 -25.08
C TYR D 381 -44.32 38.15 -24.44
N ALA D 382 -43.02 38.04 -24.22
CA ALA D 382 -42.32 39.08 -23.49
C ALA D 382 -42.41 40.41 -24.22
N ARG D 383 -42.34 40.40 -25.55
CA ARG D 383 -42.57 41.60 -26.34
C ARG D 383 -43.96 42.17 -26.13
N ALA D 384 -45.00 41.33 -26.22
CA ALA D 384 -46.35 41.86 -26.02
C ALA D 384 -46.54 42.39 -24.60
N ARG D 385 -45.98 41.71 -23.61
CA ARG D 385 -46.08 42.11 -22.22
C ARG D 385 -45.14 43.24 -21.85
N GLY D 386 -44.12 43.51 -22.67
CA GLY D 386 -43.19 44.58 -22.40
C GLY D 386 -42.04 44.20 -21.49
N LEU D 387 -41.81 42.92 -21.25
CA LEU D 387 -40.71 42.47 -20.40
C LEU D 387 -39.37 42.68 -21.10
N PRO D 388 -38.37 43.24 -20.42
CA PRO D 388 -37.04 43.32 -21.04
C PRO D 388 -36.49 41.94 -21.39
N VAL D 389 -35.81 41.88 -22.53
CA VAL D 389 -35.27 40.62 -23.05
C VAL D 389 -33.82 40.84 -23.43
N LEU D 390 -32.99 39.85 -23.15
CA LEU D 390 -31.66 39.71 -23.73
C LEU D 390 -31.50 38.30 -24.28
N GLY D 391 -31.02 38.20 -25.52
CA GLY D 391 -30.75 36.92 -26.13
C GLY D 391 -29.28 36.65 -26.39
N LEU D 392 -28.75 35.57 -25.83
CA LEU D 392 -27.29 35.40 -25.79
C LEU D 392 -26.74 34.97 -27.15
N CYS D 393 -27.05 33.76 -27.59
CA CYS D 393 -26.62 33.31 -28.91
C CYS D 393 -27.78 32.75 -29.72
N LEU D 394 -28.21 31.53 -29.37
CA LEU D 394 -29.50 31.05 -29.84
C LEU D 394 -30.63 32.00 -29.47
N GLY D 395 -30.44 32.78 -28.42
CA GLY D 395 -31.38 33.84 -28.10
C GLY D 395 -31.59 34.83 -29.24
N LEU D 396 -30.51 35.30 -29.84
CA LEU D 396 -30.66 36.18 -31.00
C LEU D 396 -31.36 35.49 -32.16
N GLN D 397 -31.10 34.19 -32.37
CA GLN D 397 -31.77 33.50 -33.46
C GLN D 397 -33.25 33.30 -33.22
N CYS D 398 -33.65 33.10 -31.97
CA CYS D 398 -35.08 33.09 -31.63
C CYS D 398 -35.71 34.47 -31.73
N ILE D 399 -35.00 35.51 -31.30
CA ILE D 399 -35.52 36.86 -31.47
C ILE D 399 -35.72 37.18 -32.95
N VAL D 400 -34.75 36.84 -33.79
CA VAL D 400 -34.87 37.14 -35.21
C VAL D 400 -35.99 36.34 -35.86
N ILE D 401 -36.14 35.07 -35.51
CA ILE D 401 -37.28 34.31 -36.02
C ILE D 401 -38.59 34.91 -35.57
N GLU D 402 -38.68 35.33 -34.31
CA GLU D 402 -39.89 35.98 -33.83
C GLU D 402 -40.18 37.27 -34.60
N ALA D 403 -39.17 38.10 -34.80
CA ALA D 403 -39.34 39.33 -35.55
C ALA D 403 -39.84 39.06 -36.96
N ALA D 404 -39.21 38.12 -37.67
CA ALA D 404 -39.65 37.78 -39.02
C ALA D 404 -41.08 37.25 -39.04
N ARG D 405 -41.43 36.39 -38.11
CA ARG D 405 -42.81 35.90 -38.05
C ARG D 405 -43.81 37.00 -37.69
N SER D 406 -43.39 37.99 -36.92
CA SER D 406 -44.27 39.12 -36.64
C SER D 406 -44.57 39.96 -37.89
N VAL D 407 -43.67 39.98 -38.86
CA VAL D 407 -43.94 40.62 -40.14
C VAL D 407 -44.45 39.63 -41.19
N GLY D 408 -45.00 38.50 -40.75
CA GLY D 408 -45.75 37.61 -41.62
C GLY D 408 -44.95 36.54 -42.32
N LEU D 409 -43.62 36.51 -42.13
CA LEU D 409 -42.79 35.45 -42.69
C LEU D 409 -43.01 34.18 -41.85
N THR D 410 -44.22 33.64 -41.99
CA THR D 410 -44.77 32.71 -40.99
C THR D 410 -43.96 31.43 -40.89
N ASN D 411 -43.50 30.89 -42.02
CA ASN D 411 -42.69 29.68 -42.03
C ASN D 411 -41.21 29.96 -41.88
N ALA D 412 -40.81 31.17 -41.50
CA ALA D 412 -39.41 31.46 -41.29
C ALA D 412 -38.84 30.58 -40.20
N ASN D 413 -37.58 30.20 -40.34
CA ASN D 413 -36.91 29.34 -39.38
C ASN D 413 -35.41 29.55 -39.50
N SER D 414 -34.68 28.91 -38.58
CA SER D 414 -33.27 28.62 -38.80
C SER D 414 -33.07 27.33 -39.59
N ALA D 415 -32.14 27.37 -40.56
CA ALA D 415 -31.73 26.18 -41.30
C ALA D 415 -31.20 25.08 -40.39
N GLU D 416 -30.78 25.41 -39.17
CA GLU D 416 -30.39 24.38 -38.21
C GLU D 416 -31.57 23.50 -37.83
N PHE D 417 -32.75 24.09 -37.63
CA PHE D 417 -33.90 23.39 -37.09
C PHE D 417 -34.91 23.00 -38.13
N ASP D 418 -34.95 23.68 -39.28
CA ASP D 418 -35.67 23.20 -40.46
C ASP D 418 -34.81 23.41 -41.69
N PRO D 419 -34.00 22.43 -42.05
CA PRO D 419 -33.21 22.54 -43.30
C PRO D 419 -34.07 22.72 -44.53
N ASP D 420 -35.37 22.45 -44.46
CA ASP D 420 -36.27 22.55 -45.60
C ASP D 420 -37.14 23.80 -45.54
N THR D 421 -36.88 24.70 -44.61
CA THR D 421 -37.66 25.92 -44.51
C THR D 421 -37.61 26.70 -45.81
N PRO D 422 -38.72 27.25 -46.29
CA PRO D 422 -38.68 28.16 -47.44
C PRO D 422 -38.12 29.53 -47.12
N ASP D 423 -37.95 29.88 -45.84
CA ASP D 423 -37.44 31.19 -45.43
C ASP D 423 -36.36 30.98 -44.36
N PRO D 424 -35.18 30.55 -44.78
CA PRO D 424 -34.05 30.46 -43.84
C PRO D 424 -33.48 31.82 -43.50
N VAL D 425 -34.13 32.52 -42.56
CA VAL D 425 -33.55 33.78 -42.06
C VAL D 425 -32.25 33.52 -41.31
N ILE D 426 -32.09 32.36 -40.69
CA ILE D 426 -30.81 31.90 -40.17
C ILE D 426 -30.38 30.67 -40.95
N ALA D 427 -29.19 30.74 -41.55
CA ALA D 427 -28.74 29.75 -42.50
C ALA D 427 -27.23 29.55 -42.35
N THR D 428 -26.75 28.41 -42.80
CA THR D 428 -25.31 28.17 -42.81
C THR D 428 -24.63 29.11 -43.79
N MET D 429 -23.51 29.68 -43.37
CA MET D 429 -22.76 30.57 -44.25
C MET D 429 -21.99 29.75 -45.27
N GLY D 443 -21.40 22.43 -43.70
CA GLY D 443 -21.77 23.05 -42.45
C GLY D 443 -21.30 24.49 -42.32
N GLY D 444 -20.61 24.97 -43.35
CA GLY D 444 -20.09 26.32 -43.34
C GLY D 444 -19.03 26.53 -42.27
N THR D 445 -18.51 27.74 -42.23
CA THR D 445 -17.42 28.07 -41.31
C THR D 445 -17.95 28.09 -39.89
N MET D 446 -17.49 27.15 -39.07
CA MET D 446 -17.75 27.20 -37.63
C MET D 446 -16.85 28.26 -37.02
N ARG D 447 -17.44 29.40 -36.65
CA ARG D 447 -16.70 30.46 -35.98
C ARG D 447 -16.46 30.11 -34.52
N LEU D 448 -15.21 30.23 -34.09
CA LEU D 448 -14.83 30.02 -32.70
C LEU D 448 -13.89 31.13 -32.25
N GLY D 449 -14.08 31.58 -31.02
CA GLY D 449 -13.16 32.51 -30.39
C GLY D 449 -13.44 33.97 -30.68
N SER D 450 -12.40 34.76 -30.43
CA SER D 450 -12.50 36.23 -30.38
C SER D 450 -12.50 36.84 -31.77
N TYR D 451 -13.52 37.63 -32.07
CA TYR D 451 -13.60 38.35 -33.33
C TYR D 451 -14.02 39.79 -33.07
N PRO D 452 -13.46 40.75 -33.81
CA PRO D 452 -13.88 42.14 -33.67
C PRO D 452 -15.27 42.37 -34.23
N ALA D 453 -15.92 43.42 -33.71
CA ALA D 453 -17.20 43.86 -34.21
C ALA D 453 -17.30 45.38 -34.07
N VAL D 454 -18.18 45.98 -34.86
CA VAL D 454 -18.39 47.42 -34.87
C VAL D 454 -19.85 47.72 -34.56
N LEU D 455 -20.07 48.79 -33.81
CA LEU D 455 -21.39 49.20 -33.35
C LEU D 455 -21.86 50.42 -34.11
N GLU D 456 -23.14 50.45 -34.42
CA GLU D 456 -23.78 51.67 -34.90
C GLU D 456 -23.53 52.80 -33.89
N PRO D 457 -22.93 53.91 -34.30
CA PRO D 457 -22.68 55.00 -33.36
C PRO D 457 -23.97 55.54 -32.76
N ASP D 458 -23.94 55.78 -31.44
CA ASP D 458 -25.09 56.23 -30.67
C ASP D 458 -26.28 55.26 -30.75
N SER D 459 -26.06 54.01 -31.14
CA SER D 459 -27.03 52.97 -30.86
C SER D 459 -27.15 52.75 -29.36
N VAL D 460 -28.23 52.05 -28.97
CA VAL D 460 -28.45 51.71 -27.56
C VAL D 460 -27.29 50.88 -27.03
N VAL D 461 -26.81 49.93 -27.83
CA VAL D 461 -25.62 49.17 -27.44
C VAL D 461 -24.39 50.08 -27.40
N ALA D 462 -24.30 51.03 -28.32
CA ALA D 462 -23.19 51.98 -28.25
C ALA D 462 -23.29 52.86 -27.02
N GLN D 463 -24.51 53.23 -26.63
CA GLN D 463 -24.70 53.95 -25.38
C GLN D 463 -24.30 53.11 -24.17
N ALA D 464 -24.51 51.80 -24.23
CA ALA D 464 -24.09 50.93 -23.13
C ALA D 464 -22.57 50.78 -23.07
N TYR D 465 -21.96 50.33 -24.16
CA TYR D 465 -20.51 50.11 -24.19
C TYR D 465 -19.72 51.40 -24.13
N GLN D 466 -20.33 52.53 -24.44
CA GLN D 466 -19.64 53.81 -24.49
C GLN D 466 -18.49 53.79 -25.48
N THR D 467 -18.55 52.92 -26.48
CA THR D 467 -17.53 52.92 -27.54
C THR D 467 -18.11 52.27 -28.79
N THR D 468 -17.48 52.54 -29.92
CA THR D 468 -17.82 51.90 -31.18
C THR D 468 -17.13 50.57 -31.40
N GLN D 469 -16.02 50.30 -30.71
CA GLN D 469 -15.23 49.09 -30.94
C GLN D 469 -15.32 48.14 -29.76
N VAL D 470 -15.66 46.89 -30.05
CA VAL D 470 -15.86 45.85 -29.04
C VAL D 470 -15.24 44.57 -29.58
N SER D 471 -15.09 43.58 -28.71
CA SER D 471 -14.79 42.23 -29.13
C SER D 471 -15.52 41.23 -28.25
N GLU D 472 -15.81 40.06 -28.84
CA GLU D 472 -16.64 39.08 -28.16
C GLU D 472 -16.19 37.69 -28.56
N ARG D 473 -16.56 36.71 -27.73
CA ARG D 473 -16.20 35.31 -27.94
C ARG D 473 -17.40 34.57 -28.52
N HIS D 474 -17.15 33.76 -29.55
CA HIS D 474 -18.22 33.20 -30.36
C HIS D 474 -18.11 31.68 -30.40
N ARG D 475 -19.26 31.05 -30.65
CA ARG D 475 -19.32 29.61 -30.85
C ARG D 475 -20.57 29.24 -31.63
N HIS D 476 -20.63 29.63 -32.90
CA HIS D 476 -21.79 29.38 -33.73
C HIS D 476 -21.36 29.27 -35.19
N ARG D 477 -22.15 28.52 -35.96
CA ARG D 477 -21.92 28.35 -37.39
C ARG D 477 -23.01 28.92 -38.28
N TYR D 478 -24.16 29.30 -37.73
CA TYR D 478 -25.26 29.90 -38.47
C TYR D 478 -25.29 31.41 -38.26
N GLU D 479 -25.75 32.12 -39.29
CA GLU D 479 -25.70 33.58 -39.32
C GLU D 479 -26.99 34.12 -39.90
N VAL D 480 -27.26 35.39 -39.58
CA VAL D 480 -28.37 36.09 -40.21
C VAL D 480 -28.15 36.16 -41.71
N ASN D 481 -29.18 35.79 -42.47
CA ASN D 481 -29.09 35.78 -43.93
C ASN D 481 -28.96 37.21 -44.43
N ASN D 482 -27.82 37.53 -45.03
CA ASN D 482 -27.53 38.90 -45.43
C ASN D 482 -28.51 39.42 -46.47
N ALA D 483 -29.18 38.53 -47.20
CA ALA D 483 -30.23 38.94 -48.13
C ALA D 483 -31.51 39.43 -47.44
N TYR D 484 -31.72 39.07 -46.18
CA TYR D 484 -32.95 39.41 -45.47
C TYR D 484 -32.84 40.65 -44.61
N ARG D 485 -31.64 41.22 -44.43
CA ARG D 485 -31.48 42.33 -43.51
C ARG D 485 -32.50 43.45 -43.79
N ASP D 486 -32.58 43.89 -45.04
CA ASP D 486 -33.51 44.95 -45.39
C ASP D 486 -34.96 44.54 -45.16
N LYS D 487 -35.29 43.27 -45.39
CA LYS D 487 -36.63 42.78 -45.11
C LYS D 487 -36.92 42.73 -43.61
N ILE D 488 -36.01 42.16 -42.84
CA ILE D 488 -36.20 42.09 -41.39
C ILE D 488 -36.30 43.48 -40.77
N ALA D 489 -35.50 44.42 -41.27
CA ALA D 489 -35.56 45.80 -40.78
C ALA D 489 -36.92 46.43 -40.97
N GLU D 490 -37.80 45.85 -41.78
CA GLU D 490 -39.18 46.31 -41.84
C GLU D 490 -39.90 46.15 -40.51
N SER D 491 -39.40 45.29 -39.62
CA SER D 491 -39.92 45.18 -38.26
C SER D 491 -39.53 46.37 -37.38
N GLY D 492 -38.57 47.19 -37.81
CA GLY D 492 -37.96 48.17 -36.94
C GLY D 492 -36.71 47.67 -36.25
N LEU D 493 -36.48 46.36 -36.26
CA LEU D 493 -35.28 45.75 -35.71
C LEU D 493 -34.03 46.31 -36.40
N ARG D 494 -33.25 47.12 -35.70
CA ARG D 494 -31.99 47.58 -36.27
C ARG D 494 -30.92 46.51 -36.12
N PHE D 495 -30.15 46.30 -37.18
CA PHE D 495 -28.93 45.51 -37.13
C PHE D 495 -27.77 46.38 -36.68
N SER D 496 -27.80 46.72 -35.40
CA SER D 496 -26.97 47.77 -34.82
C SER D 496 -25.51 47.38 -34.65
N GLY D 497 -25.08 46.19 -35.07
CA GLY D 497 -23.67 45.91 -35.15
C GLY D 497 -23.37 44.79 -36.11
N THR D 498 -22.17 44.84 -36.70
CA THR D 498 -21.78 43.93 -37.76
C THR D 498 -20.29 43.63 -37.63
N SER D 499 -19.81 42.70 -38.45
CA SER D 499 -18.39 42.60 -38.73
C SER D 499 -17.88 43.91 -39.32
N PRO D 500 -16.58 44.18 -39.20
CA PRO D 500 -16.06 45.47 -39.67
C PRO D 500 -16.26 45.68 -41.15
N ASP D 501 -16.31 44.62 -41.94
CA ASP D 501 -16.65 44.69 -43.35
C ASP D 501 -18.15 44.77 -43.59
N GLY D 502 -18.96 44.69 -42.54
CA GLY D 502 -20.40 44.69 -42.69
C GLY D 502 -20.97 43.36 -43.15
N HIS D 503 -20.12 42.36 -43.39
CA HIS D 503 -20.58 41.12 -43.98
C HIS D 503 -21.44 40.29 -43.02
N LEU D 504 -21.15 40.35 -41.71
CA LEU D 504 -21.82 39.50 -40.73
C LEU D 504 -22.55 40.32 -39.69
N VAL D 505 -23.70 39.81 -39.26
CA VAL D 505 -24.52 40.41 -38.22
C VAL D 505 -23.99 40.05 -36.85
N GLU D 506 -23.90 41.05 -35.95
CA GLU D 506 -23.35 40.85 -34.62
C GLU D 506 -24.31 41.21 -33.49
N PHE D 507 -25.19 42.19 -33.70
CA PHE D 507 -26.15 42.61 -32.68
C PHE D 507 -27.46 42.99 -33.34
N VAL D 508 -28.54 42.88 -32.59
CA VAL D 508 -29.83 43.43 -33.00
C VAL D 508 -30.46 44.14 -31.81
N GLU D 509 -31.28 45.15 -32.09
CA GLU D 509 -32.04 45.83 -31.05
C GLU D 509 -33.34 46.36 -31.64
N TYR D 510 -34.39 46.46 -30.78
CA TYR D 510 -35.52 47.32 -31.09
C TYR D 510 -35.25 48.75 -30.64
N PRO D 511 -35.83 49.74 -31.31
CA PRO D 511 -35.56 51.13 -30.96
C PRO D 511 -36.10 51.49 -29.58
N PRO D 512 -35.53 52.49 -28.93
CA PRO D 512 -35.89 52.80 -27.54
C PRO D 512 -37.37 53.09 -27.32
N ASP D 513 -38.07 53.60 -28.34
CA ASP D 513 -39.49 53.87 -28.22
C ASP D 513 -40.38 52.72 -28.70
N ARG D 514 -39.80 51.70 -29.32
CA ARG D 514 -40.56 50.48 -29.58
C ARG D 514 -40.59 49.60 -28.34
N HIS D 515 -39.45 49.41 -27.69
CA HIS D 515 -39.40 48.70 -26.42
C HIS D 515 -38.29 49.28 -25.58
N PRO D 516 -38.38 49.18 -24.24
CA PRO D 516 -37.38 49.84 -23.40
C PRO D 516 -35.99 49.26 -23.56
N PHE D 517 -35.87 47.94 -23.63
CA PHE D 517 -34.59 47.29 -23.88
C PHE D 517 -34.88 45.88 -24.35
N VAL D 518 -34.71 45.64 -25.66
CA VAL D 518 -34.75 44.30 -26.22
C VAL D 518 -33.59 44.15 -27.18
N VAL D 519 -32.56 43.42 -26.75
CA VAL D 519 -31.30 43.32 -27.46
C VAL D 519 -30.95 41.85 -27.60
N GLY D 520 -30.25 41.52 -28.68
CA GLY D 520 -29.65 40.21 -28.82
C GLY D 520 -28.26 40.32 -29.36
N THR D 521 -27.50 39.25 -29.20
CA THR D 521 -26.20 39.11 -29.84
C THR D 521 -26.01 37.65 -30.24
N GLN D 522 -25.04 37.41 -31.09
CA GLN D 522 -24.56 36.06 -31.34
C GLN D 522 -23.47 35.65 -30.35
N ALA D 523 -22.90 36.62 -29.64
CA ALA D 523 -21.78 36.37 -28.75
C ALA D 523 -22.22 35.59 -27.51
N HIS D 524 -21.22 35.16 -26.74
CA HIS D 524 -21.43 34.77 -25.35
C HIS D 524 -20.83 35.82 -24.43
N PRO D 525 -21.50 36.95 -24.21
CA PRO D 525 -20.93 38.01 -23.38
C PRO D 525 -20.71 37.60 -21.93
N GLU D 526 -21.37 36.55 -21.45
CA GLU D 526 -21.16 36.08 -20.09
C GLU D 526 -19.74 35.61 -19.83
N LEU D 527 -18.99 35.26 -20.87
CA LEU D 527 -17.62 34.79 -20.66
C LEU D 527 -16.64 35.91 -20.34
N LYS D 528 -16.95 37.16 -20.66
CA LYS D 528 -16.13 38.29 -20.26
C LYS D 528 -16.54 38.88 -18.92
N SER D 529 -17.42 38.21 -18.18
CA SER D 529 -17.80 38.64 -16.84
C SER D 529 -16.63 38.52 -15.85
N ARG D 530 -16.48 39.56 -15.02
CA ARG D 530 -15.76 39.44 -13.75
C ARG D 530 -16.49 40.28 -12.70
N PRO D 531 -16.52 39.83 -11.45
CA PRO D 531 -17.31 40.56 -10.44
C PRO D 531 -16.77 41.94 -10.15
N THR D 532 -15.49 42.18 -10.35
CA THR D 532 -14.93 43.53 -10.25
C THR D 532 -15.06 44.32 -11.55
N ARG D 533 -15.58 43.71 -12.61
CA ARG D 533 -15.63 44.30 -13.93
C ARG D 533 -16.77 43.68 -14.72
N PRO D 534 -18.02 44.01 -14.40
CA PRO D 534 -19.14 43.31 -15.02
C PRO D 534 -19.25 43.63 -16.50
N HIS D 535 -19.89 42.73 -17.24
CA HIS D 535 -20.04 42.95 -18.66
C HIS D 535 -21.05 44.06 -18.90
N PRO D 536 -20.77 44.99 -19.82
CA PRO D 536 -21.67 46.15 -19.97
C PRO D 536 -23.12 45.81 -20.29
N LEU D 537 -23.35 44.81 -21.14
CA LEU D 537 -24.72 44.48 -21.51
C LEU D 537 -25.52 43.97 -20.33
N PHE D 538 -24.94 43.13 -19.48
CA PHE D 538 -25.69 42.66 -18.31
C PHE D 538 -25.96 43.78 -17.31
N VAL D 539 -25.07 44.77 -17.23
CA VAL D 539 -25.34 45.94 -16.41
C VAL D 539 -26.52 46.73 -16.98
N ALA D 540 -26.52 46.97 -18.29
CA ALA D 540 -27.62 47.70 -18.90
C ALA D 540 -28.94 46.93 -18.79
N PHE D 541 -28.90 45.62 -19.01
CA PHE D 541 -30.09 44.80 -18.88
C PHE D 541 -30.66 44.82 -17.47
N VAL D 542 -29.80 44.73 -16.45
CA VAL D 542 -30.31 44.88 -15.09
C VAL D 542 -30.78 46.30 -14.80
N GLY D 543 -30.16 47.32 -15.39
CA GLY D 543 -30.71 48.66 -15.30
C GLY D 543 -32.11 48.78 -15.86
N ALA D 544 -32.36 48.16 -17.02
CA ALA D 544 -33.71 48.13 -17.58
C ALA D 544 -34.68 47.32 -16.74
N ALA D 545 -34.22 46.21 -16.16
CA ALA D 545 -35.11 45.41 -15.30
C ALA D 545 -35.46 46.13 -14.00
N ILE D 546 -34.50 46.87 -13.44
CA ILE D 546 -34.79 47.72 -12.29
C ILE D 546 -35.73 48.85 -12.66
N ASP D 547 -35.54 49.48 -13.82
CA ASP D 547 -36.47 50.52 -14.25
C ASP D 547 -37.88 49.98 -14.48
N TYR D 548 -38.00 48.76 -15.00
CA TYR D 548 -39.31 48.13 -15.07
C TYR D 548 -39.90 47.87 -13.69
N LYS D 549 -39.09 47.42 -12.74
CA LYS D 549 -39.60 47.24 -11.38
C LYS D 549 -40.08 48.56 -10.79
N ALA D 550 -39.31 49.63 -10.99
CA ALA D 550 -39.68 50.96 -10.50
C ALA D 550 -40.94 51.48 -11.15
N GLY D 551 -41.14 51.20 -12.44
CA GLY D 551 -42.32 51.71 -13.12
C GLY D 551 -43.56 50.91 -12.80
N GLU D 552 -43.44 49.60 -12.69
CA GLU D 552 -44.62 48.76 -12.54
C GLU D 552 -45.28 49.03 -11.19
N1 CTP E . 14.04 -19.34 -18.85
C2 CTP E . 14.30 -20.72 -18.78
N3 CTP E . 13.40 -21.59 -18.09
C4 CTP E . 12.30 -21.07 -17.49
C5 CTP E . 12.02 -19.67 -17.55
C6 CTP E . 12.90 -18.82 -18.24
O2 CTP E . 15.44 -21.23 -19.40
N4 CTP E . 11.38 -21.95 -16.77
C1' CTP E . 14.94 -18.49 -19.55
C2' CTP E . 14.90 -18.79 -21.01
O2' CTP E . 16.07 -19.51 -21.38
C3' CTP E . 14.86 -17.50 -21.72
C4' CTP E . 14.81 -16.42 -20.66
O4' CTP E . 14.54 -17.10 -19.41
O3' CTP E . 16.05 -17.33 -22.49
C5' CTP E . 13.75 -15.40 -20.94
O5' CTP E . 13.07 -15.65 -22.13
PA CTP E . 11.54 -15.08 -22.26
O1A CTP E . 10.55 -16.10 -21.90
O2A CTP E . 11.15 -14.83 -23.65
O3A CTP E . 11.39 -13.73 -21.35
PB CTP E . 12.07 -12.28 -21.72
O1B CTP E . 11.97 -12.01 -23.16
O2B CTP E . 13.51 -12.27 -21.53
O3B CTP E . 11.31 -11.11 -20.87
PG CTP E . 9.73 -11.30 -20.44
O1G CTP E . 8.96 -10.07 -20.50
O2G CTP E . 9.01 -12.25 -21.27
O3G CTP E . 9.53 -11.80 -19.08
H5 CTP E . 11.14 -19.26 -17.07
H6 CTP E . 12.69 -17.76 -18.28
HN41 CTP E . 10.40 -21.73 -16.73
HN42 CTP E . 11.73 -22.77 -16.33
H1' CTP E . 15.95 -18.62 -19.18
H2' CTP E . 14.00 -19.37 -21.23
HO2' CTP E . 16.40 -19.99 -20.63
H3' CTP E . 13.98 -17.46 -22.35
H4' CTP E . 15.78 -15.95 -20.60
HO3' CTP E . 16.58 -18.11 -22.42
H5'1 CTP E . 13.05 -15.40 -20.12
H5'2 CTP E . 14.23 -14.43 -20.99
MG MG F . 13.40 -14.81 6.58
N1 CTP G . 7.67 -11.08 9.77
C2 CTP G . 6.58 -10.28 10.09
N3 CTP G . 5.44 -10.21 9.22
C4 CTP G . 5.43 -10.93 8.08
C5 CTP G . 6.56 -11.75 7.73
C6 CTP G . 7.66 -11.82 8.58
O2 CTP G . 6.59 -9.55 11.28
N4 CTP G . 4.28 -10.86 7.19
C1' CTP G . 8.78 -11.14 10.65
C2' CTP G . 8.83 -12.46 11.35
O2' CTP G . 7.96 -12.46 12.47
C3' CTP G . 10.23 -12.53 11.78
C4' CTP G . 11.00 -11.82 10.72
O4' CTP G . 10.03 -11.08 9.92
O3' CTP G . 10.41 -11.82 13.01
C5' CTP G . 11.73 -12.81 9.88
O5' CTP G . 12.65 -12.14 9.09
PA CTP G . 13.07 -12.81 7.65
O1A CTP G . 13.87 -11.87 6.87
O2A CTP G . 14.02 -13.89 7.85
O3A CTP G . 11.74 -13.31 6.84
PB CTP G . 11.35 -14.89 6.71
O1B CTP G . 9.96 -15.15 7.07
O2B CTP G . 12.07 -15.66 7.72
O3B CTP G . 11.70 -15.45 5.20
PG CTP G . 13.19 -15.30 4.54
O1G CTP G . 13.91 -14.12 4.98
O2G CTP G . 14.10 -16.40 4.86
O3G CTP G . 13.20 -15.23 3.07
H5 CTP G . 6.55 -12.32 6.81
H6 CTP G . 8.51 -12.44 8.32
HN41 CTP G . 3.38 -10.67 7.57
HN42 CTP G . 4.40 -11.00 6.20
H1' CTP G . 8.73 -10.34 11.36
H2' CTP G . 8.60 -13.26 10.67
HO2' CTP G . 8.24 -11.82 13.10
H3' CTP G . 10.55 -13.56 11.87
H4' CTP G . 11.70 -11.13 11.17
HO3' CTP G . 11.32 -11.58 13.10
H5'1 CTP G . 12.26 -13.49 10.54
H5'2 CTP G . 11.04 -13.37 9.26
MG MG H . 13.25 -2.91 -16.07
N1 CTP I . 7.07 1.29 -15.01
C2 CTP I . 5.95 1.97 -14.55
N3 CTP I . 5.97 2.63 -13.29
C4 CTP I . 7.09 2.60 -12.53
C5 CTP I . 8.26 1.89 -13.00
C6 CTP I . 8.23 1.26 -14.24
O2 CTP I . 4.79 2.00 -15.34
N4 CTP I . 7.12 3.28 -11.25
C1' CTP I . 7.03 0.63 -16.27
C2' CTP I . 7.83 1.38 -17.27
O2' CTP I . 7.08 2.46 -17.83
C3' CTP I . 8.10 0.35 -18.30
C4' CTP I . 8.18 -0.93 -17.54
O4' CTP I . 7.65 -0.67 -16.21
O3' CTP I . 7.00 0.27 -19.20
C5' CTP I . 9.61 -1.37 -17.48
O5' CTP I . 9.65 -2.69 -17.03
PA CTP I . 10.97 -3.19 -16.21
O1A CTP I . 10.76 -4.51 -15.63
O2A CTP I . 12.06 -3.44 -17.13
O3A CTP I . 11.41 -2.09 -15.07
PB CTP I . 12.69 -1.10 -15.26
O1B CTP I . 12.36 0.29 -15.02
O2B CTP I . 13.08 -1.07 -16.67
O3B CTP I . 13.95 -1.61 -14.33
PG CTP I . 14.54 -3.14 -14.41
O1G CTP I . 13.53 -4.13 -14.74
O2G CTP I . 15.57 -3.33 -15.43
O3G CTP I . 15.14 -3.61 -13.17
H5 CTP I . 9.15 1.88 -12.40
H6 CTP I . 9.11 0.73 -14.59
HN41 CTP I . 6.54 4.08 -11.09
HN42 CTP I . 7.72 2.94 -10.51
H1' CTP I . 6.01 0.54 -16.62
H2' CTP I . 8.76 1.72 -16.84
HO2' CTP I . 6.40 2.12 -18.38
H3' CTP I . 9.02 0.55 -18.82
H4' CTP I . 7.59 -1.69 -18.04
HO3' CTP I . 7.06 -0.53 -19.70
H5'1 CTP I . 10.03 -1.32 -18.47
H5'2 CTP I . 10.17 -0.73 -16.80
N1 CTP J . 28.81 -9.14 3.57
C2 CTP J . 30.01 -8.75 2.97
N3 CTP J . 30.19 -7.39 2.54
C4 CTP J . 29.18 -6.49 2.70
C5 CTP J . 27.94 -6.88 3.30
C6 CTP J . 27.77 -8.20 3.73
O2 CTP J . 31.04 -9.67 2.82
N4 CTP J . 29.36 -5.12 2.25
C1' CTP J . 28.64 -10.48 3.99
C2' CTP J . 29.56 -10.76 5.14
O2' CTP J . 30.65 -11.57 4.70
C3' CTP J . 28.77 -11.49 6.16
C4' CTP J . 27.38 -11.61 5.63
O4' CTP J . 27.29 -10.70 4.49
O3' CTP J . 29.31 -12.79 6.36
C5' CTP J . 26.33 -11.25 6.65
O5' CTP J . 26.91 -10.93 7.89
PA CTP J . 26.07 -9.92 8.88
O1A CTP J . 26.50 -8.54 8.72
O2A CTP J . 26.37 -10.14 10.28
O3A CTP J . 24.45 -10.10 8.59
PB CTP J . 23.60 -11.43 9.03
O1B CTP J . 24.00 -11.90 10.35
O2B CTP J . 23.90 -12.60 8.21
O3B CTP J . 22.01 -11.04 9.00
PG CTP J . 21.53 -9.50 9.31
O1G CTP J . 20.31 -9.41 10.09
O2G CTP J . 22.51 -8.72 10.05
O3G CTP J . 21.28 -8.69 8.12
H5 CTP J . 27.15 -6.16 3.43
H6 CTP J . 26.84 -8.49 4.19
HN41 CTP J . 28.88 -4.38 2.73
HN42 CTP J . 29.96 -4.91 1.48
H1' CTP J . 28.85 -11.17 3.19
H2' CTP J . 29.93 -9.83 5.56
HO2' CTP J . 30.87 -11.33 3.81
H3' CTP J . 28.79 -10.93 7.09
H4' CTP J . 27.21 -12.62 5.28
HO3' CTP J . 30.08 -12.89 5.80
H5'1 CTP J . 25.77 -10.39 6.29
H5'2 CTP J . 25.67 -12.09 6.77
N1 CTP K . -25.23 3.72 16.62
C2 CTP K . -26.58 3.55 16.34
N3 CTP K . -27.00 2.57 15.38
C4 CTP K . -26.08 1.81 14.74
C5 CTP K . -24.69 1.98 15.02
C6 CTP K . -24.28 2.93 15.95
O2 CTP K . -27.53 4.33 17.00
N4 CTP K . -26.50 0.82 13.77
C1' CTP K . -24.82 4.70 17.56
C2' CTP K . -25.28 4.29 18.92
O2' CTP K . -26.43 5.06 19.29
C3' CTP K . -24.17 4.58 19.85
C4' CTP K . -23.01 5.03 19.02
O4' CTP K . -23.38 4.78 17.63
O3' CTP K . -24.53 5.63 20.75
C5' CTP K . -21.74 4.30 19.36
O5' CTP K . -21.91 3.37 20.39
PA CTP K . -20.89 2.09 20.43
O1A CTP K . -20.72 1.57 21.79
O2A CTP K . -21.47 0.93 19.77
O3A CTP K . -19.46 2.52 19.77
PB CTP K . -18.38 3.53 20.51
O1B CTP K . -18.83 4.91 20.51
O2B CTP K . -18.28 3.25 21.93
O3B CTP K . -16.92 3.35 19.77
PG CTP K . -16.48 1.90 19.13
O1G CTP K . -17.22 0.77 19.68
O2G CTP K . -16.70 1.79 17.69
O3G CTP K . -15.08 1.58 19.34
H5 CTP K . -23.95 1.37 14.51
H6 CTP K . -23.23 3.06 16.17
HN41 CTP K . -25.96 -0.02 13.64
HN42 CTP K . -27.33 0.96 13.23
H1' CTP K . -25.24 5.66 17.31
H2' CTP K . -25.52 3.23 18.95
HO2' CTP K . -26.96 5.20 18.52
H3' CTP K . -23.93 3.68 20.41
H4' CTP K . -22.87 6.09 19.17
HO3' CTP K . -25.45 5.85 20.61
H5'1 CTP K . -21.39 3.77 18.47
H5'2 CTP K . -21.00 5.03 19.65
MG MG L . -17.43 9.19 -7.36
N1 CTP M . -11.63 5.57 -10.53
C2 CTP M . -10.48 4.85 -10.85
N3 CTP M . -10.15 3.65 -10.14
C4 CTP M . -10.96 3.22 -9.14
C5 CTP M . -12.15 3.96 -8.81
C6 CTP M . -12.48 5.12 -9.50
O2 CTP M . -9.66 5.31 -11.88
N4 CTP M . -10.63 2.01 -8.42
C1' CTP M . -11.95 6.75 -11.25
C2' CTP M . -13.10 6.52 -12.17
O2' CTP M . -12.67 5.90 -13.36
C3' CTP M . -13.57 7.89 -12.42
C4' CTP M . -13.30 8.63 -11.16
O4' CTP M . -12.39 7.81 -10.37
O3' CTP M . -12.80 8.49 -13.46
C5' CTP M . -14.59 8.85 -10.43
O5' CTP M . -14.36 9.78 -9.41
PA CTP M . -15.31 9.70 -8.08
O1A CTP M . -16.62 10.28 -8.35
O2A CTP M . -14.82 10.59 -7.03
O3A CTP M . -15.45 8.15 -7.55
PB CTP M . -16.81 7.26 -7.77
O1B CTP M . -17.64 7.89 -8.80
O2B CTP M . -16.55 5.96 -8.35
O3B CTP M . -17.63 7.16 -6.35
PG CTP M . -18.10 8.48 -5.49
O1G CTP M . -19.39 9.03 -5.90
O2G CTP M . -18.24 8.26 -4.05
O3G CTP M . -17.18 9.60 -5.61
H5 CTP M . -12.79 3.61 -8.01
H6 CTP M . -13.37 5.68 -9.25
HN41 CTP M . -10.10 1.29 -8.87
HN42 CTP M . -10.94 1.89 -7.47
H1' CTP M . -11.09 7.08 -11.82
H2' CTP M . -13.87 5.94 -11.67
HO2' CTP M . -12.05 6.46 -13.81
H3' CTP M . -14.63 7.89 -12.65
H4' CTP M . -12.84 9.58 -11.37
HO3' CTP M . -12.71 9.41 -13.29
H5'1 CTP M . -15.31 9.26 -11.13
H5'2 CTP M . -14.95 7.91 -10.00
MG MG N . -9.23 8.55 16.88
N1 CTP O . -3.12 4.26 15.80
C2 CTP O . -2.06 3.50 15.33
N3 CTP O . -1.27 3.96 14.22
C4 CTP O . -1.57 5.14 13.62
C5 CTP O . -2.67 5.92 14.10
C6 CTP O . -3.44 5.49 15.18
O2 CTP O . -1.75 2.29 15.95
N4 CTP O . -0.78 5.61 12.50
C1' CTP O . -3.88 3.79 16.90
C2' CTP O . -3.60 4.58 18.12
O2' CTP O . -2.40 4.12 18.75
C3' CTP O . -4.77 4.31 18.96
C4' CTP O . -5.90 4.15 17.99
O4' CTP O . -5.31 3.99 16.69
O3' CTP O . -4.60 3.09 19.67
C5' CTP O . -6.77 5.36 18.04
O5' CTP O . -7.96 5.08 17.37
PA CTP O . -8.75 6.32 16.66
O1A CTP O . -9.47 7.09 17.65
O2A CTP O . -9.85 5.83 15.83
O3A CTP O . -7.71 7.27 15.81
PB CTP O . -7.25 8.74 16.34
O1B CTP O . -7.54 8.87 17.76
O2B CTP O . -5.81 8.91 16.32
O3B CTP O . -8.01 9.92 15.49
PG CTP O . -9.65 9.99 15.38
O1G CTP O . -10.29 10.72 16.46
O2G CTP O . -10.15 10.63 14.16
O3G CTP O . -10.30 8.68 15.41
H5 CTP O . -2.92 6.87 13.63
H6 CTP O . -4.27 6.08 15.54
HN41 CTP O . 0.18 5.35 12.44
HN42 CTP O . -1.19 6.20 11.80
H1' CTP O . -3.68 2.75 17.08
H2' CTP O . -3.53 5.64 17.89
HO2' CTP O . -2.48 3.20 18.92
H3' CTP O . -4.95 5.14 19.64
H4' CTP O . -6.48 3.27 18.26
HO3' CTP O . -5.44 2.69 19.80
H5'1 CTP O . -6.99 5.59 19.08
H5'2 CTP O . -6.26 6.21 17.57
N1 CTP P . -17.66 24.78 -1.40
C2 CTP P . -17.76 25.91 -0.59
N3 CTP P . -16.61 26.41 0.10
C4 CTP P . -15.42 25.77 -0.02
C5 CTP P . -15.31 24.60 -0.83
C6 CTP P . -16.43 24.12 -1.52
O2 CTP P . -18.99 26.56 -0.47
N4 CTP P . -14.25 26.26 0.68
C1' CTP P . -18.81 24.29 -2.08
C2' CTP P . -19.23 25.27 -3.13
O2' CTP P . -20.43 25.92 -2.72
C3' CTP P . -19.47 24.50 -4.36
C4' CTP P . -19.22 23.07 -4.05
O4' CTP P . -18.50 23.05 -2.78
O3' CTP P . -20.82 24.66 -4.77
C5' CTP P . -18.39 22.39 -5.10
O5' CTP P . -18.12 23.24 -6.18
PA CTP P . -16.76 22.94 -7.06
O1A CTP P . -16.88 23.41 -8.44
O2A CTP P . -15.64 23.75 -6.59
O3A CTP P . -16.43 21.33 -7.00
PB CTP P . -17.31 20.20 -7.79
O1B CTP P . -18.61 19.97 -7.18
O2B CTP P . -17.71 20.65 -9.12
O3B CTP P . -16.42 18.82 -7.89
PG CTP P . -14.79 18.91 -7.96
O1G CTP P . -14.28 20.21 -8.41
O2G CTP P . -14.10 18.70 -6.68
O3G CTP P . -14.19 17.94 -8.88
H5 CTP P . -14.36 24.09 -0.94
H6 CTP P . -16.34 23.24 -2.14
HN41 CTP P . -13.34 26.13 0.29
HN42 CTP P . -14.36 26.74 1.56
H1' CTP P . -19.62 24.13 -1.38
H2' CTP P . -18.44 26.00 -3.29
HO2' CTP P . -20.40 26.06 -1.77
H3' CTP P . -18.80 24.86 -5.14
H4' CTP P . -20.16 22.55 -3.93
HO3' CTP P . -21.27 25.22 -4.15
H5'1 CTP P . -17.45 22.06 -4.67
H5'2 CTP P . -18.93 21.52 -5.46
#